data_2K1Z
#
_entry.id   2K1Z
#
_entity_poly.entity_id   1
_entity_poly.type   'polypeptide(L)'
_entity_poly.pdbx_seq_one_letter_code
;GTREFLTFEVPLNDSGSAGLGVSVKGNRSKENHADLGIFVKSIINGGAASKDGRLRVNDQLIAVNGESLLGKANQEAMET
LRRSMSTEGNKRGMIQLIVARRIS
;
_entity_poly.pdbx_strand_id   A
#
# COMPACT_ATOMS: atom_id res chain seq x y z
N GLY A 1 14.24 -10.82 -12.51
CA GLY A 1 13.04 -10.80 -13.32
C GLY A 1 11.95 -11.66 -12.73
N THR A 2 11.98 -11.80 -11.41
CA THR A 2 11.00 -12.61 -10.70
C THR A 2 10.27 -11.79 -9.64
N ARG A 3 8.97 -12.02 -9.52
CA ARG A 3 8.15 -11.29 -8.56
C ARG A 3 7.31 -12.26 -7.73
N GLU A 4 6.82 -11.78 -6.59
CA GLU A 4 6.00 -12.60 -5.70
C GLU A 4 4.94 -11.75 -5.00
N PHE A 5 3.70 -12.21 -5.06
CA PHE A 5 2.59 -11.50 -4.42
C PHE A 5 2.61 -11.70 -2.91
N LEU A 6 2.23 -10.67 -2.17
CA LEU A 6 2.21 -10.74 -0.71
C LEU A 6 0.99 -10.04 -0.14
N THR A 7 0.40 -10.65 0.89
CA THR A 7 -0.77 -10.08 1.55
C THR A 7 -0.42 -9.62 2.96
N PHE A 8 -0.85 -8.42 3.31
CA PHE A 8 -0.55 -7.88 4.63
C PHE A 8 -1.79 -7.28 5.29
N GLU A 9 -2.07 -7.74 6.51
CA GLU A 9 -3.21 -7.25 7.28
C GLU A 9 -2.73 -6.17 8.26
N VAL A 10 -3.02 -4.91 7.93
CA VAL A 10 -2.60 -3.80 8.78
C VAL A 10 -3.73 -3.30 9.67
N PRO A 11 -3.62 -3.51 11.00
CA PRO A 11 -4.65 -3.07 11.95
C PRO A 11 -4.50 -1.62 12.36
N LEU A 12 -5.29 -0.74 11.75
CA LEU A 12 -5.24 0.69 12.06
C LEU A 12 -6.23 1.03 13.17
N ASN A 13 -6.57 0.03 13.97
CA ASN A 13 -7.49 0.18 15.08
C ASN A 13 -7.30 1.52 15.81
N ASP A 14 -6.07 2.01 15.80
CA ASP A 14 -5.76 3.27 16.48
C ASP A 14 -4.65 4.04 15.76
N SER A 15 -4.48 3.76 14.47
CA SER A 15 -3.46 4.44 13.69
C SER A 15 -4.08 5.34 12.62
N GLY A 16 -5.39 5.18 12.40
CA GLY A 16 -6.08 6.00 11.42
C GLY A 16 -5.82 7.49 11.59
N SER A 17 -5.50 7.89 12.82
CA SER A 17 -5.22 9.29 13.12
C SER A 17 -4.12 9.83 12.20
N ALA A 18 -3.22 8.96 11.79
CA ALA A 18 -2.11 9.33 10.91
C ALA A 18 -2.35 8.81 9.50
N GLY A 19 -3.08 7.70 9.39
CA GLY A 19 -3.36 7.12 8.10
C GLY A 19 -2.72 5.75 7.93
N LEU A 20 -2.83 4.94 8.97
CA LEU A 20 -2.28 3.57 8.98
C LEU A 20 -0.82 3.55 9.44
N GLY A 21 -0.12 4.67 9.29
CA GLY A 21 1.26 4.72 9.70
C GLY A 21 2.20 4.33 8.57
N VAL A 22 1.99 4.92 7.39
CA VAL A 22 2.83 4.63 6.23
C VAL A 22 2.59 5.64 5.12
N SER A 23 3.60 5.80 4.26
CA SER A 23 3.52 6.72 3.14
C SER A 23 3.92 6.01 1.85
N VAL A 24 3.12 6.19 0.80
CA VAL A 24 3.39 5.56 -0.49
C VAL A 24 3.69 6.57 -1.58
N LYS A 25 4.43 6.13 -2.58
CA LYS A 25 4.80 6.99 -3.70
C LYS A 25 4.63 6.26 -5.03
N GLY A 26 4.02 6.93 -6.00
CA GLY A 26 3.80 6.32 -7.30
C GLY A 26 4.70 6.91 -8.37
N ASN A 27 5.08 6.08 -9.34
CA ASN A 27 5.93 6.52 -10.43
C ASN A 27 5.45 5.97 -11.76
N ARG A 28 6.22 6.23 -12.82
CA ARG A 28 5.86 5.76 -14.16
C ARG A 28 7.12 5.32 -14.92
N SER A 29 6.91 4.62 -16.03
CA SER A 29 8.01 4.13 -16.85
C SER A 29 9.05 5.24 -17.10
N LYS A 30 10.32 4.86 -17.08
CA LYS A 30 11.39 5.81 -17.32
C LYS A 30 11.56 6.12 -18.81
N GLU A 31 10.83 5.40 -19.65
CA GLU A 31 10.90 5.61 -21.09
C GLU A 31 9.69 6.39 -21.59
N ASN A 32 8.56 6.23 -20.90
CA ASN A 32 7.33 6.91 -21.28
C ASN A 32 6.53 7.31 -20.04
N HIS A 33 5.29 7.74 -20.26
CA HIS A 33 4.42 8.15 -19.16
C HIS A 33 3.51 7.00 -18.74
N ALA A 34 4.08 5.79 -18.67
CA ALA A 34 3.33 4.62 -18.28
C ALA A 34 3.44 4.37 -16.78
N ASP A 35 2.39 4.74 -16.04
CA ASP A 35 2.38 4.55 -14.60
C ASP A 35 2.61 3.09 -14.23
N LEU A 36 3.61 2.85 -13.38
CA LEU A 36 3.95 1.49 -12.96
C LEU A 36 3.16 1.10 -11.72
N GLY A 37 2.90 2.07 -10.85
CA GLY A 37 2.16 1.81 -9.63
C GLY A 37 2.68 2.58 -8.44
N ILE A 38 2.40 2.09 -7.24
CA ILE A 38 2.84 2.74 -6.01
C ILE A 38 3.71 1.81 -5.18
N PHE A 39 4.70 2.38 -4.51
CA PHE A 39 5.61 1.60 -3.66
C PHE A 39 5.76 2.26 -2.29
N VAL A 40 5.85 1.44 -1.25
CA VAL A 40 5.99 1.95 0.10
C VAL A 40 7.14 2.95 0.19
N LYS A 41 6.80 4.22 0.41
CA LYS A 41 7.80 5.27 0.51
C LYS A 41 8.40 5.34 1.91
N SER A 42 7.55 5.22 2.92
CA SER A 42 8.01 5.27 4.31
C SER A 42 7.00 4.63 5.24
N ILE A 43 7.39 4.45 6.50
CA ILE A 43 6.52 3.85 7.50
C ILE A 43 6.59 4.61 8.82
N ILE A 44 5.49 4.57 9.56
CA ILE A 44 5.41 5.25 10.85
C ILE A 44 5.44 4.23 11.99
N ASN A 45 6.60 4.12 12.64
CA ASN A 45 6.75 3.17 13.74
C ASN A 45 5.89 3.58 14.93
N GLY A 46 4.59 3.39 14.79
CA GLY A 46 3.67 3.75 15.86
C GLY A 46 2.27 3.19 15.65
N GLY A 47 1.91 2.96 14.39
CA GLY A 47 0.59 2.44 14.09
C GLY A 47 0.64 1.07 13.42
N ALA A 48 -0.50 0.66 12.87
CA ALA A 48 -0.63 -0.63 12.20
C ALA A 48 0.58 -0.97 11.33
N ALA A 49 0.96 -0.08 10.44
CA ALA A 49 2.09 -0.32 9.56
C ALA A 49 3.33 -0.74 10.33
N SER A 50 3.47 -0.22 11.54
CA SER A 50 4.61 -0.55 12.40
C SER A 50 4.43 -1.92 13.02
N LYS A 51 3.34 -2.08 13.76
CA LYS A 51 3.03 -3.34 14.42
C LYS A 51 2.92 -4.48 13.41
N ASP A 52 2.59 -4.13 12.16
CA ASP A 52 2.45 -5.12 11.11
C ASP A 52 3.73 -5.95 10.97
N GLY A 53 4.87 -5.27 10.97
CA GLY A 53 6.14 -5.94 10.85
C GLY A 53 6.25 -6.79 9.58
N ARG A 54 5.41 -6.49 8.60
CA ARG A 54 5.43 -7.23 7.34
C ARG A 54 5.51 -6.29 6.14
N LEU A 55 5.64 -4.99 6.40
CA LEU A 55 5.73 -4.00 5.34
C LEU A 55 7.18 -3.77 4.93
N ARG A 56 7.37 -3.32 3.70
CA ARG A 56 8.71 -3.06 3.18
C ARG A 56 8.73 -1.76 2.39
N VAL A 57 9.63 -0.85 2.77
CA VAL A 57 9.75 0.44 2.09
C VAL A 57 10.28 0.27 0.67
N ASN A 58 9.46 -0.31 -0.21
CA ASN A 58 9.85 -0.53 -1.59
C ASN A 58 8.87 -1.45 -2.32
N ASP A 59 8.12 -2.24 -1.55
CA ASP A 59 7.16 -3.17 -2.11
C ASP A 59 6.15 -2.46 -3.02
N GLN A 60 5.76 -3.13 -4.10
CA GLN A 60 4.81 -2.58 -5.04
C GLN A 60 3.38 -2.93 -4.63
N LEU A 61 2.52 -1.92 -4.60
CA LEU A 61 1.12 -2.11 -4.23
C LEU A 61 0.31 -2.57 -5.44
N ILE A 62 -0.48 -3.64 -5.25
CA ILE A 62 -1.29 -4.17 -6.34
C ILE A 62 -2.77 -4.26 -5.95
N ALA A 63 -3.06 -4.32 -4.65
CA ALA A 63 -4.43 -4.42 -4.18
C ALA A 63 -4.58 -3.94 -2.74
N VAL A 64 -5.79 -3.52 -2.38
CA VAL A 64 -6.08 -3.05 -1.03
C VAL A 64 -7.55 -3.26 -0.68
N ASN A 65 -7.80 -4.10 0.31
CA ASN A 65 -9.16 -4.40 0.75
C ASN A 65 -9.97 -5.02 -0.38
N GLY A 66 -9.31 -5.82 -1.20
CA GLY A 66 -9.99 -6.47 -2.31
C GLY A 66 -9.84 -5.70 -3.62
N GLU A 67 -9.61 -4.40 -3.51
CA GLU A 67 -9.45 -3.56 -4.68
C GLU A 67 -8.13 -3.86 -5.38
N SER A 68 -8.08 -3.57 -6.68
CA SER A 68 -6.87 -3.81 -7.47
C SER A 68 -6.23 -2.49 -7.91
N LEU A 69 -5.06 -2.21 -7.35
CA LEU A 69 -4.33 -0.99 -7.66
C LEU A 69 -3.64 -1.08 -9.02
N LEU A 70 -3.35 -2.31 -9.45
CA LEU A 70 -2.68 -2.54 -10.73
C LEU A 70 -3.29 -1.70 -11.85
N GLY A 71 -4.52 -2.04 -12.24
CA GLY A 71 -5.19 -1.29 -13.29
C GLY A 71 -5.20 0.21 -13.02
N LYS A 72 -5.12 0.57 -11.75
CA LYS A 72 -5.11 1.97 -11.36
C LYS A 72 -3.75 2.58 -11.51
N ALA A 73 -3.72 3.84 -11.92
CA ALA A 73 -2.47 4.55 -12.09
C ALA A 73 -1.93 4.96 -10.74
N ASN A 74 -0.90 5.80 -10.73
CA ASN A 74 -0.31 6.24 -9.48
C ASN A 74 -1.33 7.05 -8.68
N GLN A 75 -2.04 7.95 -9.34
CA GLN A 75 -3.04 8.80 -8.70
C GLN A 75 -4.28 8.03 -8.25
N GLU A 76 -4.74 7.09 -9.07
CA GLU A 76 -5.93 6.31 -8.73
C GLU A 76 -5.68 5.40 -7.55
N ALA A 77 -4.54 4.74 -7.55
CA ALA A 77 -4.18 3.84 -6.47
C ALA A 77 -3.91 4.64 -5.20
N MET A 78 -3.37 5.83 -5.38
CA MET A 78 -3.07 6.71 -4.25
C MET A 78 -4.36 7.20 -3.60
N GLU A 79 -5.40 7.33 -4.41
CA GLU A 79 -6.69 7.78 -3.91
C GLU A 79 -7.40 6.63 -3.23
N THR A 80 -7.29 5.44 -3.81
CA THR A 80 -7.90 4.26 -3.24
C THR A 80 -7.23 3.98 -1.90
N LEU A 81 -5.93 4.27 -1.82
CA LEU A 81 -5.17 4.09 -0.61
C LEU A 81 -5.64 5.11 0.41
N ARG A 82 -5.68 6.37 0.01
CA ARG A 82 -6.14 7.44 0.88
C ARG A 82 -7.60 7.19 1.25
N ARG A 83 -8.31 6.54 0.34
CA ARG A 83 -9.72 6.19 0.55
C ARG A 83 -9.82 5.06 1.57
N SER A 84 -8.91 4.10 1.47
CA SER A 84 -8.90 2.97 2.39
C SER A 84 -8.43 3.41 3.77
N MET A 85 -7.44 4.28 3.79
CA MET A 85 -6.90 4.80 5.04
C MET A 85 -7.81 5.88 5.61
N SER A 86 -8.72 6.38 4.78
CA SER A 86 -9.64 7.44 5.19
C SER A 86 -10.88 6.88 5.89
N THR A 87 -11.57 5.96 5.25
CA THR A 87 -12.80 5.40 5.83
C THR A 87 -13.35 4.24 5.00
N GLU A 88 -12.53 3.22 4.76
CA GLU A 88 -12.94 2.06 3.99
C GLU A 88 -12.07 0.88 4.36
N GLY A 89 -10.77 1.12 4.32
CA GLY A 89 -9.83 0.08 4.69
C GLY A 89 -9.98 -0.26 6.16
N ASN A 90 -10.44 0.71 6.93
CA ASN A 90 -10.67 0.53 8.35
C ASN A 90 -12.10 0.06 8.60
N LYS A 91 -12.92 0.90 9.22
CA LYS A 91 -14.32 0.55 9.50
C LYS A 91 -14.41 -0.78 10.27
N ARG A 92 -13.28 -1.28 10.76
CA ARG A 92 -13.26 -2.54 11.51
C ARG A 92 -12.09 -2.54 12.50
N GLY A 93 -10.94 -2.08 12.03
CA GLY A 93 -9.74 -2.04 12.87
C GLY A 93 -8.52 -2.57 12.13
N MET A 94 -8.62 -2.65 10.80
CA MET A 94 -7.52 -3.15 9.98
C MET A 94 -7.90 -3.10 8.50
N ILE A 95 -6.88 -3.13 7.64
CA ILE A 95 -7.11 -3.10 6.19
C ILE A 95 -6.16 -4.04 5.47
N GLN A 96 -6.66 -4.68 4.41
CA GLN A 96 -5.84 -5.60 3.63
C GLN A 96 -5.09 -4.86 2.54
N LEU A 97 -3.83 -5.26 2.31
CA LEU A 97 -3.01 -4.63 1.30
C LEU A 97 -2.11 -5.65 0.61
N ILE A 98 -2.36 -5.88 -0.67
CA ILE A 98 -1.56 -6.83 -1.44
C ILE A 98 -0.46 -6.10 -2.19
N VAL A 99 0.70 -6.73 -2.27
CA VAL A 99 1.84 -6.12 -2.94
C VAL A 99 2.64 -7.16 -3.73
N ALA A 100 3.69 -6.69 -4.38
CA ALA A 100 4.56 -7.57 -5.17
C ALA A 100 6.02 -7.32 -4.83
N ARG A 101 6.77 -8.40 -4.63
CA ARG A 101 8.18 -8.29 -4.30
C ARG A 101 9.04 -9.01 -5.34
N ARG A 102 10.14 -8.37 -5.74
CA ARG A 102 11.03 -8.95 -6.73
C ARG A 102 11.88 -10.07 -6.12
N ILE A 103 12.51 -10.86 -6.98
CA ILE A 103 13.35 -11.97 -6.54
C ILE A 103 14.68 -11.97 -7.28
N SER A 104 15.69 -12.58 -6.68
CA SER A 104 17.02 -12.65 -7.28
C SER A 104 17.92 -13.61 -6.51
N GLY A 1 10.63 -17.10 -9.43
CA GLY A 1 12.01 -16.72 -9.65
C GLY A 1 12.40 -15.46 -8.89
N THR A 2 11.77 -14.34 -9.26
CA THR A 2 12.05 -13.06 -8.60
C THR A 2 10.85 -12.13 -8.70
N ARG A 3 9.69 -12.60 -8.26
CA ARG A 3 8.47 -11.81 -8.29
C ARG A 3 7.31 -12.58 -7.66
N GLU A 4 6.90 -12.15 -6.48
CA GLU A 4 5.80 -12.80 -5.77
C GLU A 4 4.91 -11.78 -5.07
N PHE A 5 3.64 -12.11 -4.93
CA PHE A 5 2.68 -11.23 -4.28
C PHE A 5 2.71 -11.44 -2.76
N LEU A 6 2.49 -10.37 -2.01
CA LEU A 6 2.51 -10.44 -0.56
C LEU A 6 1.28 -9.78 0.04
N THR A 7 0.48 -10.57 0.77
CA THR A 7 -0.73 -10.06 1.41
C THR A 7 -0.47 -9.82 2.89
N PHE A 8 -0.83 -8.63 3.38
CA PHE A 8 -0.62 -8.30 4.78
C PHE A 8 -1.84 -7.62 5.40
N GLU A 9 -2.08 -7.90 6.67
CA GLU A 9 -3.19 -7.32 7.40
C GLU A 9 -2.69 -6.20 8.31
N VAL A 10 -2.99 -4.96 7.95
CA VAL A 10 -2.54 -3.81 8.73
C VAL A 10 -3.65 -3.28 9.63
N PRO A 11 -3.50 -3.45 10.96
CA PRO A 11 -4.49 -2.99 11.93
C PRO A 11 -4.36 -1.51 12.28
N LEU A 12 -5.18 -0.67 11.65
CA LEU A 12 -5.16 0.76 11.92
C LEU A 12 -6.15 1.10 13.03
N ASN A 13 -6.44 0.11 13.86
CA ASN A 13 -7.35 0.26 14.98
C ASN A 13 -7.20 1.61 15.66
N ASP A 14 -6.00 2.17 15.63
CA ASP A 14 -5.74 3.46 16.25
C ASP A 14 -4.68 4.24 15.47
N SER A 15 -4.49 3.86 14.20
CA SER A 15 -3.51 4.53 13.36
C SER A 15 -4.19 5.39 12.30
N GLY A 16 -5.49 5.16 12.09
CA GLY A 16 -6.23 5.91 11.12
C GLY A 16 -6.11 7.41 11.32
N SER A 17 -5.93 7.83 12.57
CA SER A 17 -5.79 9.24 12.90
C SER A 17 -4.71 9.89 12.04
N ALA A 18 -3.69 9.11 11.72
CA ALA A 18 -2.59 9.58 10.90
C ALA A 18 -2.67 8.98 9.49
N GLY A 19 -3.27 7.81 9.40
CA GLY A 19 -3.41 7.14 8.12
C GLY A 19 -2.68 5.81 8.08
N LEU A 20 -2.97 4.95 9.05
CA LEU A 20 -2.35 3.63 9.14
C LEU A 20 -0.93 3.71 9.69
N GLY A 21 -0.07 4.46 9.00
CA GLY A 21 1.31 4.58 9.42
C GLY A 21 2.27 4.20 8.32
N VAL A 22 2.05 4.73 7.13
CA VAL A 22 2.91 4.45 5.99
C VAL A 22 2.60 5.39 4.81
N SER A 23 3.61 5.65 3.99
CA SER A 23 3.45 6.51 2.82
C SER A 23 3.95 5.81 1.57
N VAL A 24 3.31 6.10 0.44
CA VAL A 24 3.70 5.48 -0.83
C VAL A 24 3.69 6.47 -1.98
N LYS A 25 4.67 6.35 -2.87
CA LYS A 25 4.78 7.21 -4.03
C LYS A 25 4.57 6.40 -5.31
N GLY A 26 4.06 7.05 -6.35
CA GLY A 26 3.82 6.36 -7.60
C GLY A 26 4.75 6.79 -8.71
N ASN A 27 5.17 5.83 -9.54
CA ASN A 27 6.07 6.11 -10.65
C ASN A 27 5.47 5.62 -11.97
N ARG A 28 6.25 5.67 -13.03
CA ARG A 28 5.79 5.24 -14.35
C ARG A 28 6.88 4.45 -15.07
N SER A 29 6.48 3.77 -16.15
CA SER A 29 7.41 2.97 -16.94
C SER A 29 8.65 3.78 -17.32
N LYS A 30 9.82 3.16 -17.17
CA LYS A 30 11.08 3.82 -17.49
C LYS A 30 11.26 3.95 -19.00
N GLU A 31 10.38 3.30 -19.77
CA GLU A 31 10.45 3.36 -21.22
C GLU A 31 9.48 4.39 -21.78
N ASN A 32 8.40 4.63 -21.04
CA ASN A 32 7.38 5.59 -21.47
C ASN A 32 6.60 6.12 -20.27
N HIS A 33 5.93 7.25 -20.46
CA HIS A 33 5.14 7.85 -19.39
C HIS A 33 3.92 6.99 -19.07
N ALA A 34 4.16 5.85 -18.43
CA ALA A 34 3.08 4.94 -18.07
C ALA A 34 3.13 4.59 -16.59
N ASP A 35 2.32 5.26 -15.78
CA ASP A 35 2.28 5.01 -14.35
C ASP A 35 2.13 3.52 -14.05
N LEU A 36 3.08 2.98 -13.30
CA LEU A 36 3.06 1.57 -12.94
C LEU A 36 2.24 1.33 -11.68
N GLY A 37 2.75 1.85 -10.57
CA GLY A 37 2.06 1.70 -9.30
C GLY A 37 2.72 2.49 -8.18
N ILE A 38 2.37 2.17 -6.95
CA ILE A 38 2.93 2.86 -5.79
C ILE A 38 3.87 1.94 -5.02
N PHE A 39 4.82 2.55 -4.30
CA PHE A 39 5.79 1.80 -3.51
C PHE A 39 5.97 2.45 -2.14
N VAL A 40 6.06 1.62 -1.11
CA VAL A 40 6.23 2.13 0.25
C VAL A 40 7.40 3.10 0.33
N LYS A 41 7.08 4.39 0.41
CA LYS A 41 8.10 5.44 0.50
C LYS A 41 8.64 5.55 1.91
N SER A 42 7.76 5.41 2.89
CA SER A 42 8.16 5.50 4.29
C SER A 42 7.14 4.84 5.21
N ILE A 43 7.54 4.61 6.45
CA ILE A 43 6.66 3.98 7.42
C ILE A 43 6.63 4.77 8.72
N ILE A 44 5.51 4.69 9.43
CA ILE A 44 5.34 5.40 10.69
C ILE A 44 5.41 4.41 11.85
N ASN A 45 6.58 4.34 12.48
CA ASN A 45 6.77 3.43 13.62
C ASN A 45 5.90 3.84 14.79
N GLY A 46 4.61 3.53 14.70
CA GLY A 46 3.69 3.86 15.76
C GLY A 46 2.29 3.34 15.48
N GLY A 47 1.96 3.18 14.20
CA GLY A 47 0.64 2.68 13.84
C GLY A 47 0.69 1.28 13.25
N ALA A 48 -0.41 0.86 12.67
CA ALA A 48 -0.54 -0.48 12.08
C ALA A 48 0.68 -0.89 11.27
N ALA A 49 1.10 -0.06 10.32
CA ALA A 49 2.24 -0.38 9.47
C ALA A 49 3.46 -0.77 10.31
N SER A 50 3.64 -0.10 11.44
CA SER A 50 4.76 -0.38 12.33
C SER A 50 4.58 -1.74 12.99
N LYS A 51 3.45 -1.90 13.67
CA LYS A 51 3.14 -3.15 14.36
C LYS A 51 2.99 -4.30 13.37
N ASP A 52 2.67 -3.97 12.14
CA ASP A 52 2.49 -4.99 11.09
C ASP A 52 3.76 -5.82 10.92
N GLY A 53 4.90 -5.14 10.80
CA GLY A 53 6.16 -5.83 10.63
C GLY A 53 6.18 -6.67 9.37
N ARG A 54 5.35 -6.30 8.39
CA ARG A 54 5.28 -7.03 7.14
C ARG A 54 5.63 -6.12 5.96
N LEU A 55 5.08 -4.91 5.98
CA LEU A 55 5.34 -3.94 4.90
C LEU A 55 6.83 -3.64 4.80
N ARG A 56 7.28 -3.26 3.61
CA ARG A 56 8.68 -2.93 3.38
C ARG A 56 8.80 -1.67 2.52
N VAL A 57 9.73 -0.80 2.88
CA VAL A 57 9.95 0.43 2.16
C VAL A 57 10.49 0.16 0.76
N ASN A 58 9.64 -0.38 -0.12
CA ASN A 58 10.03 -0.69 -1.49
C ASN A 58 8.97 -1.54 -2.19
N ASP A 59 8.15 -2.24 -1.42
CA ASP A 59 7.10 -3.08 -1.98
C ASP A 59 6.15 -2.27 -2.85
N GLN A 60 5.77 -2.84 -3.98
CA GLN A 60 4.86 -2.18 -4.91
C GLN A 60 3.42 -2.58 -4.63
N LEU A 61 2.62 -1.62 -4.16
CA LEU A 61 1.21 -1.88 -3.87
C LEU A 61 0.47 -2.33 -5.12
N ILE A 62 -0.29 -3.41 -4.98
CA ILE A 62 -1.05 -3.95 -6.10
C ILE A 62 -2.55 -3.94 -5.83
N ALA A 63 -2.93 -4.21 -4.58
CA ALA A 63 -4.34 -4.24 -4.21
C ALA A 63 -4.54 -3.84 -2.75
N VAL A 64 -5.80 -3.62 -2.38
CA VAL A 64 -6.15 -3.24 -1.01
C VAL A 64 -7.60 -3.56 -0.72
N ASN A 65 -7.82 -4.63 0.06
CA ASN A 65 -9.17 -5.05 0.42
C ASN A 65 -9.99 -5.33 -0.83
N GLY A 66 -9.35 -5.88 -1.85
CA GLY A 66 -10.05 -6.19 -3.09
C GLY A 66 -9.85 -5.11 -4.13
N GLU A 67 -9.52 -3.91 -3.69
CA GLU A 67 -9.29 -2.79 -4.60
C GLU A 67 -8.02 -3.01 -5.41
N SER A 68 -8.19 -3.55 -6.62
CA SER A 68 -7.07 -3.82 -7.51
C SER A 68 -6.45 -2.53 -8.02
N LEU A 69 -5.38 -2.10 -7.38
CA LEU A 69 -4.69 -0.88 -7.77
C LEU A 69 -4.14 -0.99 -9.18
N LEU A 70 -4.04 -2.22 -9.69
CA LEU A 70 -3.53 -2.44 -11.05
C LEU A 70 -4.30 -1.61 -12.05
N GLY A 71 -3.70 -0.48 -12.44
CA GLY A 71 -4.34 0.41 -13.39
C GLY A 71 -4.36 1.84 -12.90
N LYS A 72 -4.67 2.01 -11.62
CA LYS A 72 -4.72 3.33 -11.01
C LYS A 72 -3.34 3.98 -11.04
N ALA A 73 -3.30 5.24 -11.43
CA ALA A 73 -2.06 5.98 -11.49
C ALA A 73 -1.55 6.26 -10.09
N ASN A 74 -0.53 7.10 -9.99
CA ASN A 74 0.04 7.45 -8.70
C ASN A 74 -1.00 8.11 -7.81
N GLN A 75 -1.72 9.09 -8.36
CA GLN A 75 -2.73 9.81 -7.62
C GLN A 75 -3.95 8.94 -7.32
N GLU A 76 -4.38 8.14 -8.30
CA GLU A 76 -5.53 7.26 -8.11
C GLU A 76 -5.29 6.24 -7.03
N ALA A 77 -4.16 5.55 -7.13
CA ALA A 77 -3.80 4.54 -6.15
C ALA A 77 -3.58 5.17 -4.79
N MET A 78 -3.06 6.40 -4.79
CA MET A 78 -2.83 7.11 -3.55
C MET A 78 -4.15 7.47 -2.89
N GLU A 79 -5.18 7.63 -3.72
CA GLU A 79 -6.51 7.97 -3.22
C GLU A 79 -7.22 6.70 -2.78
N THR A 80 -6.96 5.61 -3.48
CA THR A 80 -7.55 4.32 -3.14
C THR A 80 -7.07 3.90 -1.76
N LEU A 81 -5.79 4.17 -1.48
CA LEU A 81 -5.22 3.84 -0.19
C LEU A 81 -5.83 4.75 0.86
N ARG A 82 -5.80 6.05 0.57
CA ARG A 82 -6.39 7.03 1.46
C ARG A 82 -7.87 6.72 1.65
N ARG A 83 -8.46 6.12 0.61
CA ARG A 83 -9.86 5.73 0.65
C ARG A 83 -10.05 4.57 1.62
N SER A 84 -9.15 3.60 1.53
CA SER A 84 -9.19 2.44 2.39
C SER A 84 -8.98 2.86 3.84
N MET A 85 -7.93 3.65 4.05
CA MET A 85 -7.60 4.13 5.39
C MET A 85 -8.65 5.14 5.87
N SER A 86 -9.43 5.66 4.92
CA SER A 86 -10.46 6.64 5.23
C SER A 86 -11.71 6.00 5.80
N THR A 87 -12.28 5.05 5.07
CA THR A 87 -13.50 4.37 5.52
C THR A 87 -13.90 3.24 4.57
N GLU A 88 -13.01 2.28 4.37
CA GLU A 88 -13.30 1.15 3.50
C GLU A 88 -12.41 -0.01 3.88
N GLY A 89 -11.12 0.28 4.01
CA GLY A 89 -10.17 -0.73 4.40
C GLY A 89 -10.19 -0.93 5.90
N ASN A 90 -10.55 0.12 6.61
CA ASN A 90 -10.64 0.08 8.06
C ASN A 90 -12.03 -0.41 8.48
N LYS A 91 -12.92 0.52 8.84
CA LYS A 91 -14.28 0.18 9.27
C LYS A 91 -14.34 -1.02 10.22
N ARG A 92 -13.18 -1.41 10.77
CA ARG A 92 -13.11 -2.54 11.69
C ARG A 92 -11.92 -2.39 12.64
N GLY A 93 -10.79 -1.99 12.08
CA GLY A 93 -9.57 -1.81 12.85
C GLY A 93 -8.37 -2.41 12.15
N MET A 94 -8.48 -2.64 10.85
CA MET A 94 -7.41 -3.20 10.06
C MET A 94 -7.80 -3.27 8.58
N ILE A 95 -6.80 -3.38 7.71
CA ILE A 95 -7.05 -3.46 6.27
C ILE A 95 -6.03 -4.36 5.58
N GLN A 96 -6.46 -5.01 4.51
CA GLN A 96 -5.59 -5.91 3.75
C GLN A 96 -4.99 -5.18 2.56
N LEU A 97 -3.69 -5.38 2.35
CA LEU A 97 -3.00 -4.75 1.24
C LEU A 97 -2.07 -5.73 0.53
N ILE A 98 -2.18 -5.76 -0.80
CA ILE A 98 -1.34 -6.65 -1.60
C ILE A 98 -0.23 -5.86 -2.27
N VAL A 99 0.95 -6.49 -2.35
CA VAL A 99 2.10 -5.85 -2.97
C VAL A 99 2.92 -6.84 -3.79
N ALA A 100 3.81 -6.31 -4.62
CA ALA A 100 4.67 -7.14 -5.46
C ALA A 100 6.13 -6.91 -5.11
N ARG A 101 6.88 -8.00 -5.00
CA ARG A 101 8.30 -7.91 -4.66
C ARG A 101 9.10 -9.01 -5.34
N ARG A 102 10.32 -8.68 -5.75
CA ARG A 102 11.19 -9.64 -6.41
C ARG A 102 11.77 -10.63 -5.40
N ILE A 103 12.64 -11.51 -5.89
CA ILE A 103 13.26 -12.52 -5.03
C ILE A 103 14.74 -12.65 -5.32
N SER A 104 15.48 -13.20 -4.36
CA SER A 104 16.92 -13.39 -4.50
C SER A 104 17.34 -14.76 -3.99
N GLY A 1 10.78 -17.73 -9.47
CA GLY A 1 11.92 -17.26 -8.73
C GLY A 1 12.10 -15.75 -8.83
N THR A 2 11.00 -15.03 -9.03
CA THR A 2 11.02 -13.58 -9.14
C THR A 2 9.63 -12.99 -8.99
N ARG A 3 9.54 -11.89 -8.24
CA ARG A 3 8.27 -11.20 -7.98
C ARG A 3 7.19 -12.16 -7.50
N GLU A 4 6.65 -11.85 -6.32
CA GLU A 4 5.62 -12.68 -5.72
C GLU A 4 4.61 -11.82 -4.98
N PHE A 5 3.32 -12.18 -5.11
CA PHE A 5 2.25 -11.43 -4.45
C PHE A 5 2.16 -11.81 -2.97
N LEU A 6 1.92 -10.80 -2.13
CA LEU A 6 1.80 -11.04 -0.69
C LEU A 6 0.67 -10.24 -0.08
N THR A 7 -0.07 -10.87 0.82
CA THR A 7 -1.18 -10.21 1.49
C THR A 7 -0.76 -9.73 2.88
N PHE A 8 -1.23 -8.55 3.27
CA PHE A 8 -0.87 -8.00 4.58
C PHE A 8 -2.07 -7.34 5.27
N GLU A 9 -2.32 -7.75 6.51
CA GLU A 9 -3.41 -7.19 7.30
C GLU A 9 -2.86 -6.17 8.29
N VAL A 10 -3.09 -4.89 8.00
CA VAL A 10 -2.60 -3.82 8.85
C VAL A 10 -3.71 -3.26 9.74
N PRO A 11 -3.62 -3.48 11.06
CA PRO A 11 -4.62 -2.99 12.02
C PRO A 11 -4.42 -1.52 12.39
N LEU A 12 -5.15 -0.63 11.71
CA LEU A 12 -5.06 0.81 11.98
C LEU A 12 -6.03 1.23 13.07
N ASN A 13 -6.40 0.27 13.91
CA ASN A 13 -7.33 0.51 15.02
C ASN A 13 -7.06 1.85 15.70
N ASP A 14 -5.80 2.27 15.68
CA ASP A 14 -5.42 3.54 16.29
C ASP A 14 -4.39 4.27 15.44
N SER A 15 -4.40 3.99 14.13
CA SER A 15 -3.47 4.63 13.21
C SER A 15 -4.21 5.56 12.25
N GLY A 16 -5.52 5.38 12.13
CA GLY A 16 -6.31 6.21 11.23
C GLY A 16 -5.99 7.68 11.36
N SER A 17 -5.79 8.14 12.60
CA SER A 17 -5.47 9.54 12.84
C SER A 17 -4.21 9.94 12.07
N ALA A 18 -3.31 8.99 11.90
CA ALA A 18 -2.07 9.22 11.17
C ALA A 18 -2.19 8.77 9.72
N GLY A 19 -3.06 7.79 9.49
CA GLY A 19 -3.25 7.28 8.14
C GLY A 19 -2.62 5.92 7.95
N LEU A 20 -2.69 5.08 8.98
CA LEU A 20 -2.13 3.73 8.95
C LEU A 20 -0.64 3.72 9.29
N GLY A 21 0.02 4.86 9.20
CA GLY A 21 1.43 4.92 9.50
C GLY A 21 2.29 4.44 8.36
N VAL A 22 2.13 5.06 7.19
CA VAL A 22 2.90 4.70 6.00
C VAL A 22 2.65 5.68 4.86
N SER A 23 3.55 5.69 3.89
CA SER A 23 3.43 6.55 2.73
C SER A 23 3.88 5.82 1.47
N VAL A 24 3.29 6.17 0.33
CA VAL A 24 3.64 5.53 -0.93
C VAL A 24 3.76 6.55 -2.06
N LYS A 25 4.61 6.23 -3.03
CA LYS A 25 4.84 7.10 -4.16
C LYS A 25 4.71 6.34 -5.47
N GLY A 26 3.98 6.91 -6.43
CA GLY A 26 3.78 6.27 -7.71
C GLY A 26 4.80 6.72 -8.74
N ASN A 27 5.44 5.75 -9.40
CA ASN A 27 6.45 6.06 -10.41
C ASN A 27 5.97 5.62 -11.79
N ARG A 28 6.32 6.39 -12.81
CA ARG A 28 5.94 6.08 -14.18
C ARG A 28 7.09 5.41 -14.94
N SER A 29 6.77 4.83 -16.10
CA SER A 29 7.77 4.16 -16.92
C SER A 29 9.02 5.02 -17.10
N LYS A 30 10.14 4.37 -17.34
CA LYS A 30 11.41 5.07 -17.53
C LYS A 30 11.52 5.62 -18.95
N GLU A 31 10.76 5.04 -19.87
CA GLU A 31 10.78 5.47 -21.26
C GLU A 31 9.65 6.47 -21.55
N ASN A 32 8.56 6.33 -20.82
CA ASN A 32 7.41 7.22 -20.99
C ASN A 32 6.77 7.54 -19.65
N HIS A 33 5.57 8.14 -19.69
CA HIS A 33 4.85 8.50 -18.48
C HIS A 33 3.80 7.44 -18.15
N ALA A 34 4.13 6.18 -18.44
CA ALA A 34 3.22 5.07 -18.17
C ALA A 34 3.20 4.72 -16.69
N ASP A 35 2.03 4.82 -16.08
CA ASP A 35 1.89 4.50 -14.66
C ASP A 35 2.36 3.09 -14.36
N LEU A 36 3.18 2.95 -13.32
CA LEU A 36 3.71 1.65 -12.92
C LEU A 36 3.07 1.16 -11.63
N GLY A 37 2.84 2.09 -10.71
CA GLY A 37 2.24 1.73 -9.44
C GLY A 37 2.86 2.47 -8.27
N ILE A 38 2.34 2.23 -7.07
CA ILE A 38 2.84 2.88 -5.87
C ILE A 38 3.68 1.91 -5.03
N PHE A 39 4.71 2.43 -4.39
CA PHE A 39 5.59 1.62 -3.55
C PHE A 39 5.77 2.28 -2.18
N VAL A 40 5.85 1.47 -1.14
CA VAL A 40 6.02 1.98 0.22
C VAL A 40 7.20 2.94 0.28
N LYS A 41 6.89 4.23 0.36
CA LYS A 41 7.93 5.27 0.42
C LYS A 41 8.48 5.41 1.83
N SER A 42 7.60 5.31 2.82
CA SER A 42 8.02 5.44 4.21
C SER A 42 7.00 4.80 5.15
N ILE A 43 7.45 4.46 6.34
CA ILE A 43 6.59 3.85 7.34
C ILE A 43 6.69 4.59 8.67
N ILE A 44 5.60 4.54 9.44
CA ILE A 44 5.55 5.20 10.73
C ILE A 44 5.59 4.17 11.85
N ASN A 45 6.70 4.11 12.56
CA ASN A 45 6.87 3.17 13.66
C ASN A 45 5.99 3.56 14.85
N GLY A 46 4.68 3.50 14.66
CA GLY A 46 3.76 3.85 15.71
C GLY A 46 2.36 3.27 15.50
N GLY A 47 1.98 3.05 14.23
CA GLY A 47 0.67 2.51 13.94
C GLY A 47 0.74 1.13 13.33
N ALA A 48 -0.39 0.68 12.81
CA ALA A 48 -0.52 -0.64 12.19
C ALA A 48 0.70 -1.00 11.33
N ALA A 49 1.06 -0.12 10.42
CA ALA A 49 2.20 -0.36 9.52
C ALA A 49 3.45 -0.75 10.31
N SER A 50 3.56 -0.25 11.52
CA SER A 50 4.71 -0.56 12.37
C SER A 50 4.53 -1.92 13.03
N LYS A 51 3.44 -2.05 13.78
CA LYS A 51 3.15 -3.30 14.49
C LYS A 51 2.99 -4.46 13.51
N ASP A 52 2.63 -4.15 12.27
CA ASP A 52 2.44 -5.19 11.25
C ASP A 52 3.70 -6.02 11.08
N GLY A 53 4.84 -5.33 10.90
CA GLY A 53 6.10 -6.02 10.73
C GLY A 53 6.16 -6.84 9.46
N ARG A 54 5.31 -6.51 8.49
CA ARG A 54 5.28 -7.22 7.22
C ARG A 54 5.38 -6.28 6.03
N LEU A 55 5.55 -4.98 6.32
CA LEU A 55 5.67 -3.98 5.26
C LEU A 55 7.13 -3.64 5.02
N ARG A 56 7.45 -3.21 3.79
CA ARG A 56 8.81 -2.85 3.43
C ARG A 56 8.83 -1.63 2.52
N VAL A 57 9.72 -0.68 2.81
CA VAL A 57 9.84 0.53 2.02
C VAL A 57 10.35 0.23 0.61
N ASN A 58 9.47 -0.34 -0.21
CA ASN A 58 9.82 -0.68 -1.60
C ASN A 58 8.76 -1.59 -2.23
N ASP A 59 7.98 -2.26 -1.39
CA ASP A 59 6.93 -3.17 -1.87
C ASP A 59 5.99 -2.46 -2.82
N GLN A 60 5.62 -3.15 -3.91
CA GLN A 60 4.72 -2.60 -4.91
C GLN A 60 3.27 -2.90 -4.56
N LEU A 61 2.48 -1.85 -4.37
CA LEU A 61 1.06 -2.01 -4.05
C LEU A 61 0.30 -2.58 -5.23
N ILE A 62 -0.37 -3.71 -5.02
CA ILE A 62 -1.13 -4.35 -6.09
C ILE A 62 -2.63 -4.40 -5.78
N ALA A 63 -2.98 -4.39 -4.49
CA ALA A 63 -4.37 -4.44 -4.08
C ALA A 63 -4.54 -3.99 -2.64
N VAL A 64 -5.79 -3.68 -2.27
CA VAL A 64 -6.10 -3.25 -0.92
C VAL A 64 -7.58 -3.52 -0.60
N ASN A 65 -7.82 -4.55 0.21
CA ASN A 65 -9.18 -4.92 0.59
C ASN A 65 -10.00 -5.31 -0.64
N GLY A 66 -9.33 -5.90 -1.62
CA GLY A 66 -10.00 -6.31 -2.84
C GLY A 66 -9.87 -5.28 -3.95
N GLU A 67 -9.58 -4.04 -3.57
CA GLU A 67 -9.42 -2.96 -4.54
C GLU A 67 -8.06 -3.04 -5.22
N SER A 68 -8.03 -3.65 -6.40
CA SER A 68 -6.79 -3.80 -7.15
C SER A 68 -6.16 -2.44 -7.44
N LEU A 69 -4.83 -2.40 -7.41
CA LEU A 69 -4.10 -1.16 -7.66
C LEU A 69 -3.31 -1.23 -8.97
N LEU A 70 -3.05 -2.45 -9.44
CA LEU A 70 -2.31 -2.64 -10.68
C LEU A 70 -2.86 -1.76 -11.79
N GLY A 71 -4.18 -1.78 -11.95
CA GLY A 71 -4.82 -0.96 -12.97
C GLY A 71 -4.88 0.50 -12.57
N LYS A 72 -4.88 0.75 -11.26
CA LYS A 72 -4.93 2.10 -10.74
C LYS A 72 -3.64 2.85 -11.02
N ALA A 73 -3.78 4.07 -11.51
CA ALA A 73 -2.63 4.91 -11.80
C ALA A 73 -2.04 5.43 -10.51
N ASN A 74 -1.09 6.35 -10.62
CA ASN A 74 -0.47 6.93 -9.43
C ASN A 74 -1.51 7.62 -8.55
N GLN A 75 -2.32 8.48 -9.18
CA GLN A 75 -3.35 9.22 -8.47
C GLN A 75 -4.49 8.33 -7.98
N GLU A 76 -4.94 7.40 -8.83
CA GLU A 76 -6.04 6.52 -8.46
C GLU A 76 -5.66 5.59 -7.32
N ALA A 77 -4.45 5.04 -7.39
CA ALA A 77 -3.99 4.14 -6.34
C ALA A 77 -3.75 4.90 -5.06
N MET A 78 -3.31 6.15 -5.21
CA MET A 78 -3.06 7.00 -4.06
C MET A 78 -4.38 7.36 -3.37
N GLU A 79 -5.44 7.41 -4.16
CA GLU A 79 -6.76 7.73 -3.63
C GLU A 79 -7.41 6.49 -3.06
N THR A 80 -7.22 5.36 -3.74
CA THR A 80 -7.78 4.09 -3.27
C THR A 80 -7.17 3.77 -1.90
N LEU A 81 -5.90 4.09 -1.75
CA LEU A 81 -5.20 3.87 -0.48
C LEU A 81 -5.76 4.83 0.55
N ARG A 82 -5.72 6.12 0.23
CA ARG A 82 -6.25 7.14 1.11
C ARG A 82 -7.71 6.82 1.44
N ARG A 83 -8.37 6.17 0.48
CA ARG A 83 -9.76 5.77 0.64
C ARG A 83 -9.86 4.66 1.67
N SER A 84 -8.96 3.70 1.56
CA SER A 84 -8.94 2.58 2.49
C SER A 84 -8.60 3.06 3.89
N MET A 85 -7.54 3.86 3.99
CA MET A 85 -7.11 4.41 5.27
C MET A 85 -8.13 5.40 5.81
N SER A 86 -9.00 5.89 4.91
CA SER A 86 -10.02 6.86 5.29
C SER A 86 -11.30 6.20 5.78
N THR A 87 -11.85 5.31 4.96
CA THR A 87 -13.10 4.62 5.32
C THR A 87 -13.50 3.59 4.27
N GLU A 88 -12.68 2.55 4.13
CA GLU A 88 -12.96 1.48 3.16
C GLU A 88 -12.14 0.25 3.52
N GLY A 89 -10.92 0.49 4.01
CA GLY A 89 -10.05 -0.59 4.42
C GLY A 89 -10.13 -0.74 5.92
N ASN A 90 -10.25 0.40 6.60
CA ASN A 90 -10.38 0.42 8.04
C ASN A 90 -11.77 -0.08 8.42
N LYS A 91 -12.71 0.84 8.62
CA LYS A 91 -14.08 0.50 8.94
C LYS A 91 -14.19 -0.66 9.95
N ARG A 92 -13.14 -0.86 10.75
CA ARG A 92 -13.13 -1.94 11.72
C ARG A 92 -11.89 -1.87 12.63
N GLY A 93 -10.78 -1.41 12.06
CA GLY A 93 -9.55 -1.31 12.82
C GLY A 93 -8.40 -2.03 12.14
N MET A 94 -8.56 -2.32 10.86
CA MET A 94 -7.53 -3.01 10.10
C MET A 94 -7.90 -3.06 8.61
N ILE A 95 -6.88 -3.23 7.77
CA ILE A 95 -7.10 -3.29 6.32
C ILE A 95 -6.13 -4.25 5.65
N GLN A 96 -6.58 -4.89 4.58
CA GLN A 96 -5.75 -5.84 3.84
C GLN A 96 -5.08 -5.14 2.66
N LEU A 97 -3.83 -5.47 2.40
CA LEU A 97 -3.10 -4.86 1.30
C LEU A 97 -2.20 -5.88 0.59
N ILE A 98 -2.44 -6.04 -0.71
CA ILE A 98 -1.64 -6.96 -1.51
C ILE A 98 -0.47 -6.22 -2.14
N VAL A 99 0.68 -6.88 -2.18
CA VAL A 99 1.88 -6.26 -2.75
C VAL A 99 2.72 -7.25 -3.53
N ALA A 100 3.64 -6.71 -4.32
CA ALA A 100 4.54 -7.53 -5.12
C ALA A 100 5.98 -7.34 -4.65
N ARG A 101 6.75 -8.43 -4.64
CA ARG A 101 8.14 -8.36 -4.21
C ARG A 101 9.04 -9.21 -5.10
N ARG A 102 9.91 -8.56 -5.86
CA ARG A 102 10.81 -9.27 -6.74
C ARG A 102 11.75 -10.18 -5.96
N ILE A 103 12.33 -11.16 -6.64
CA ILE A 103 13.24 -12.12 -6.01
C ILE A 103 14.64 -12.00 -6.59
N SER A 104 15.62 -12.54 -5.89
CA SER A 104 17.01 -12.49 -6.34
C SER A 104 17.53 -11.05 -6.36
N GLY A 1 13.53 -11.55 -13.82
CA GLY A 1 12.38 -11.93 -14.62
C GLY A 1 11.38 -12.70 -13.79
N THR A 2 11.33 -12.39 -12.50
CA THR A 2 10.42 -13.05 -11.58
C THR A 2 9.74 -12.04 -10.67
N ARG A 3 8.45 -12.27 -10.39
CA ARG A 3 7.68 -11.39 -9.53
C ARG A 3 6.80 -12.20 -8.57
N GLU A 4 6.71 -11.73 -7.34
CA GLU A 4 5.90 -12.42 -6.32
C GLU A 4 4.88 -11.46 -5.69
N PHE A 5 3.78 -12.03 -5.20
CA PHE A 5 2.73 -11.24 -4.57
C PHE A 5 2.72 -11.48 -3.06
N LEU A 6 2.38 -10.45 -2.30
CA LEU A 6 2.34 -10.56 -0.84
C LEU A 6 1.12 -9.83 -0.27
N THR A 7 0.51 -10.43 0.75
CA THR A 7 -0.66 -9.84 1.39
C THR A 7 -0.30 -9.41 2.82
N PHE A 8 -0.83 -8.27 3.25
CA PHE A 8 -0.55 -7.77 4.59
C PHE A 8 -1.80 -7.25 5.29
N GLU A 9 -2.01 -7.72 6.51
CA GLU A 9 -3.15 -7.29 7.32
C GLU A 9 -2.70 -6.22 8.31
N VAL A 10 -3.05 -4.97 8.02
CA VAL A 10 -2.65 -3.85 8.88
C VAL A 10 -3.80 -3.35 9.76
N PRO A 11 -3.75 -3.67 11.07
CA PRO A 11 -4.78 -3.24 12.03
C PRO A 11 -4.64 -1.78 12.43
N LEU A 12 -5.41 -0.91 11.78
CA LEU A 12 -5.37 0.52 12.09
C LEU A 12 -6.37 0.87 13.19
N ASN A 13 -6.70 -0.14 13.98
CA ASN A 13 -7.64 0.00 15.10
C ASN A 13 -7.46 1.33 15.84
N ASP A 14 -6.23 1.85 15.84
CA ASP A 14 -5.94 3.11 16.51
C ASP A 14 -4.87 3.90 15.76
N SER A 15 -4.71 3.62 14.48
CA SER A 15 -3.73 4.32 13.67
C SER A 15 -4.40 5.16 12.58
N GLY A 16 -5.71 4.97 12.42
CA GLY A 16 -6.45 5.73 11.42
C GLY A 16 -6.28 7.23 11.59
N SER A 17 -6.02 7.67 12.82
CA SER A 17 -5.84 9.09 13.11
C SER A 17 -4.74 9.67 12.22
N ALA A 18 -3.64 8.93 12.08
CA ALA A 18 -2.53 9.36 11.26
C ALA A 18 -2.66 8.83 9.84
N GLY A 19 -3.37 7.72 9.69
CA GLY A 19 -3.57 7.12 8.38
C GLY A 19 -2.84 5.81 8.24
N LEU A 20 -3.05 4.91 9.20
CA LEU A 20 -2.43 3.59 9.19
C LEU A 20 -0.99 3.62 9.69
N GLY A 21 -0.18 4.51 9.12
CA GLY A 21 1.20 4.60 9.52
C GLY A 21 2.15 4.22 8.40
N VAL A 22 1.96 4.84 7.23
CA VAL A 22 2.80 4.58 6.07
C VAL A 22 2.61 5.63 4.99
N SER A 23 3.61 5.75 4.12
CA SER A 23 3.56 6.71 3.02
C SER A 23 4.12 6.08 1.75
N VAL A 24 3.41 6.24 0.64
CA VAL A 24 3.86 5.67 -0.63
C VAL A 24 3.85 6.71 -1.74
N LYS A 25 4.65 6.43 -2.77
CA LYS A 25 4.75 7.31 -3.93
C LYS A 25 4.61 6.48 -5.21
N GLY A 26 4.27 7.15 -6.32
CA GLY A 26 4.12 6.44 -7.57
C GLY A 26 5.12 6.87 -8.63
N ASN A 27 5.40 5.96 -9.56
CA ASN A 27 6.35 6.25 -10.63
C ASN A 27 5.81 5.75 -11.97
N ARG A 28 6.53 6.06 -13.04
CA ARG A 28 6.12 5.65 -14.38
C ARG A 28 7.10 4.62 -14.96
N SER A 29 6.68 3.97 -16.04
CA SER A 29 7.52 2.96 -16.70
C SER A 29 8.84 3.57 -17.16
N LYS A 30 8.88 4.89 -17.28
CA LYS A 30 10.09 5.60 -17.72
C LYS A 30 10.39 5.28 -19.19
N GLU A 31 9.41 4.70 -19.88
CA GLU A 31 9.57 4.36 -21.29
C GLU A 31 8.30 4.66 -22.07
N ASN A 32 7.16 4.29 -21.49
CA ASN A 32 5.87 4.53 -22.13
C ASN A 32 4.93 5.33 -21.22
N HIS A 33 5.50 6.00 -20.22
CA HIS A 33 4.71 6.80 -19.29
C HIS A 33 3.62 5.95 -18.63
N ALA A 34 3.95 4.70 -18.36
CA ALA A 34 2.99 3.79 -17.72
C ALA A 34 3.23 3.72 -16.22
N ASP A 35 2.29 4.27 -15.46
CA ASP A 35 2.39 4.28 -14.00
C ASP A 35 2.49 2.86 -13.46
N LEU A 36 3.71 2.41 -13.18
CA LEU A 36 3.94 1.06 -12.67
C LEU A 36 3.17 0.85 -11.37
N GLY A 37 2.95 1.93 -10.63
CA GLY A 37 2.23 1.83 -9.37
C GLY A 37 2.88 2.64 -8.27
N ILE A 38 2.53 2.32 -7.01
CA ILE A 38 3.09 3.01 -5.86
C ILE A 38 4.12 2.15 -5.15
N PHE A 39 4.95 2.78 -4.32
CA PHE A 39 5.98 2.08 -3.58
C PHE A 39 6.13 2.65 -2.18
N VAL A 40 6.21 1.77 -1.19
CA VAL A 40 6.35 2.20 0.20
C VAL A 40 7.51 3.18 0.36
N LYS A 41 7.17 4.45 0.53
CA LYS A 41 8.16 5.49 0.69
C LYS A 41 8.71 5.52 2.11
N SER A 42 7.83 5.34 3.08
CA SER A 42 8.22 5.34 4.48
C SER A 42 7.12 4.78 5.36
N ILE A 43 7.46 4.42 6.58
CA ILE A 43 6.49 3.87 7.52
C ILE A 43 6.52 4.60 8.84
N ILE A 44 5.39 4.58 9.54
CA ILE A 44 5.27 5.25 10.83
C ILE A 44 5.32 4.23 11.97
N ASN A 45 6.46 4.18 12.65
CA ASN A 45 6.64 3.25 13.77
C ASN A 45 5.75 3.63 14.95
N GLY A 46 4.45 3.41 14.80
CA GLY A 46 3.52 3.74 15.86
C GLY A 46 2.14 3.15 15.64
N GLY A 47 1.75 2.98 14.37
CA GLY A 47 0.44 2.43 14.07
C GLY A 47 0.52 1.06 13.43
N ALA A 48 -0.63 0.60 12.92
CA ALA A 48 -0.73 -0.70 12.28
C ALA A 48 0.46 -1.03 11.40
N ALA A 49 0.76 -0.16 10.45
CA ALA A 49 1.88 -0.38 9.53
C ALA A 49 3.16 -0.72 10.29
N SER A 50 3.29 -0.17 11.48
CA SER A 50 4.47 -0.42 12.30
C SER A 50 4.37 -1.78 12.98
N LYS A 51 3.31 -1.95 13.77
CA LYS A 51 3.09 -3.20 14.48
C LYS A 51 2.96 -4.37 13.50
N ASP A 52 2.56 -4.06 12.27
CA ASP A 52 2.41 -5.08 11.23
C ASP A 52 3.69 -5.87 11.04
N GLY A 53 4.80 -5.15 10.88
CA GLY A 53 6.08 -5.80 10.67
C GLY A 53 6.11 -6.66 9.43
N ARG A 54 5.40 -6.23 8.40
CA ARG A 54 5.35 -6.97 7.13
C ARG A 54 5.68 -6.04 5.97
N LEU A 55 5.17 -4.82 6.03
CA LEU A 55 5.40 -3.84 4.99
C LEU A 55 6.90 -3.59 4.78
N ARG A 56 7.28 -3.32 3.55
CA ARG A 56 8.67 -3.06 3.21
C ARG A 56 8.79 -1.74 2.46
N VAL A 57 9.73 -0.90 2.88
CA VAL A 57 9.95 0.39 2.25
C VAL A 57 10.50 0.24 0.84
N ASN A 58 9.69 -0.31 -0.06
CA ASN A 58 10.10 -0.51 -1.45
C ASN A 58 9.08 -1.35 -2.23
N ASP A 59 8.27 -2.13 -1.52
CA ASP A 59 7.26 -2.98 -2.15
C ASP A 59 6.30 -2.14 -2.99
N GLN A 60 5.75 -2.75 -4.04
CA GLN A 60 4.81 -2.07 -4.92
C GLN A 60 3.37 -2.48 -4.62
N LEU A 61 2.55 -1.51 -4.21
CA LEU A 61 1.16 -1.77 -3.90
C LEU A 61 0.42 -2.29 -5.13
N ILE A 62 -0.29 -3.41 -4.97
CA ILE A 62 -1.03 -4.00 -6.07
C ILE A 62 -2.53 -4.03 -5.80
N ALA A 63 -2.91 -4.08 -4.53
CA ALA A 63 -4.32 -4.12 -4.16
C ALA A 63 -4.53 -3.72 -2.71
N VAL A 64 -5.78 -3.41 -2.36
CA VAL A 64 -6.12 -3.02 -1.00
C VAL A 64 -7.60 -3.29 -0.71
N ASN A 65 -7.85 -4.30 0.14
CA ASN A 65 -9.21 -4.67 0.51
C ASN A 65 -10.00 -5.13 -0.70
N GLY A 66 -9.35 -5.88 -1.59
CA GLY A 66 -10.03 -6.38 -2.77
C GLY A 66 -9.85 -5.45 -3.96
N GLU A 67 -9.53 -4.19 -3.69
CA GLU A 67 -9.33 -3.21 -4.75
C GLU A 67 -7.97 -3.40 -5.41
N SER A 68 -7.92 -3.14 -6.72
CA SER A 68 -6.67 -3.30 -7.46
C SER A 68 -5.99 -1.95 -7.67
N LEU A 69 -4.67 -1.95 -7.54
CA LEU A 69 -3.89 -0.73 -7.70
C LEU A 69 -3.01 -0.79 -8.95
N LEU A 70 -2.64 -2.01 -9.35
CA LEU A 70 -1.80 -2.19 -10.53
C LEU A 70 -2.33 -1.39 -11.71
N GLY A 71 -3.64 -1.42 -11.91
CA GLY A 71 -4.24 -0.68 -13.01
C GLY A 71 -4.32 0.81 -12.72
N LYS A 72 -4.45 1.15 -11.44
CA LYS A 72 -4.54 2.54 -11.03
C LYS A 72 -3.18 3.22 -11.12
N ALA A 73 -3.20 4.47 -11.56
CA ALA A 73 -1.98 5.24 -11.69
C ALA A 73 -1.49 5.67 -10.33
N ASN A 74 -0.50 6.56 -10.31
CA ASN A 74 0.05 7.05 -9.05
C ASN A 74 -1.03 7.77 -8.24
N GLN A 75 -1.79 8.62 -8.93
CA GLN A 75 -2.85 9.39 -8.29
C GLN A 75 -4.04 8.52 -7.86
N GLU A 76 -4.49 7.62 -8.74
CA GLU A 76 -5.62 6.76 -8.43
C GLU A 76 -5.31 5.84 -7.27
N ALA A 77 -4.12 5.24 -7.28
CA ALA A 77 -3.74 4.33 -6.21
C ALA A 77 -3.54 5.11 -4.92
N MET A 78 -3.06 6.35 -5.05
CA MET A 78 -2.86 7.20 -3.90
C MET A 78 -4.19 7.59 -3.29
N GLU A 79 -5.21 7.66 -4.14
CA GLU A 79 -6.56 8.01 -3.70
C GLU A 79 -7.26 6.78 -3.13
N THR A 80 -7.02 5.64 -3.76
CA THR A 80 -7.60 4.38 -3.31
C THR A 80 -7.05 4.05 -1.93
N LEU A 81 -5.76 4.33 -1.75
CA LEU A 81 -5.11 4.08 -0.47
C LEU A 81 -5.68 5.05 0.54
N ARG A 82 -5.67 6.33 0.18
CA ARG A 82 -6.25 7.37 1.03
C ARG A 82 -7.70 7.03 1.31
N ARG A 83 -8.35 6.41 0.34
CA ARG A 83 -9.73 6.01 0.47
C ARG A 83 -9.88 4.91 1.50
N SER A 84 -8.95 3.97 1.48
CA SER A 84 -8.96 2.86 2.41
C SER A 84 -8.61 3.33 3.82
N MET A 85 -7.57 4.15 3.91
CA MET A 85 -7.12 4.68 5.20
C MET A 85 -8.07 5.76 5.71
N SER A 86 -8.96 6.23 4.84
CA SER A 86 -9.91 7.28 5.20
C SER A 86 -11.18 6.72 5.82
N THR A 87 -11.79 5.73 5.16
CA THR A 87 -13.03 5.14 5.65
C THR A 87 -13.49 3.98 4.78
N GLU A 88 -12.68 2.93 4.71
CA GLU A 88 -13.02 1.76 3.91
C GLU A 88 -12.11 0.62 4.31
N GLY A 89 -10.81 0.89 4.31
CA GLY A 89 -9.86 -0.11 4.70
C GLY A 89 -10.03 -0.48 6.16
N ASN A 90 -10.50 0.50 6.95
CA ASN A 90 -10.74 0.30 8.36
C ASN A 90 -12.16 -0.23 8.57
N LYS A 91 -13.05 0.61 9.12
CA LYS A 91 -14.43 0.21 9.35
C LYS A 91 -14.51 -1.12 10.11
N ARG A 92 -13.39 -1.57 10.67
CA ARG A 92 -13.34 -2.83 11.41
C ARG A 92 -12.21 -2.81 12.43
N GLY A 93 -11.06 -2.33 11.99
CA GLY A 93 -9.88 -2.25 12.84
C GLY A 93 -8.64 -2.77 12.14
N MET A 94 -8.70 -2.86 10.81
CA MET A 94 -7.59 -3.36 10.01
C MET A 94 -7.92 -3.32 8.53
N ILE A 95 -6.90 -3.36 7.69
CA ILE A 95 -7.09 -3.34 6.24
C ILE A 95 -6.03 -4.20 5.54
N GLN A 96 -6.44 -4.89 4.48
CA GLN A 96 -5.54 -5.75 3.74
C GLN A 96 -4.98 -5.03 2.52
N LEU A 97 -3.71 -5.29 2.22
CA LEU A 97 -3.05 -4.66 1.08
C LEU A 97 -2.10 -5.63 0.39
N ILE A 98 -2.26 -5.79 -0.92
CA ILE A 98 -1.41 -6.67 -1.69
C ILE A 98 -0.26 -5.89 -2.31
N VAL A 99 0.91 -6.53 -2.36
CA VAL A 99 2.09 -5.90 -2.93
C VAL A 99 2.86 -6.85 -3.83
N ALA A 100 3.61 -6.29 -4.77
CA ALA A 100 4.39 -7.08 -5.70
C ALA A 100 5.88 -6.76 -5.57
N ARG A 101 6.71 -7.78 -5.76
CA ARG A 101 8.15 -7.62 -5.66
C ARG A 101 8.87 -8.44 -6.73
N ARG A 102 9.94 -7.89 -7.28
CA ARG A 102 10.71 -8.58 -8.30
C ARG A 102 11.78 -9.47 -7.68
N ILE A 103 11.83 -10.71 -8.15
CA ILE A 103 12.80 -11.69 -7.65
C ILE A 103 14.07 -11.67 -8.50
N SER A 104 15.16 -12.14 -7.92
CA SER A 104 16.44 -12.19 -8.62
C SER A 104 17.35 -13.27 -8.03
N GLY A 1 8.94 -15.41 -11.96
CA GLY A 1 10.36 -15.20 -12.15
C GLY A 1 10.96 -14.28 -11.10
N THR A 2 10.45 -13.06 -11.02
CA THR A 2 10.94 -12.09 -10.04
C THR A 2 9.83 -11.11 -9.66
N ARG A 3 8.76 -11.63 -9.08
CA ARG A 3 7.63 -10.82 -8.66
C ARG A 3 6.55 -11.67 -8.01
N GLU A 4 6.49 -11.65 -6.68
CA GLU A 4 5.51 -12.43 -5.95
C GLU A 4 4.50 -11.52 -5.24
N PHE A 5 3.25 -11.97 -5.18
CA PHE A 5 2.19 -11.20 -4.53
C PHE A 5 2.14 -11.54 -3.04
N LEU A 6 2.05 -10.51 -2.20
CA LEU A 6 2.01 -10.70 -0.76
C LEU A 6 0.86 -9.92 -0.13
N THR A 7 0.14 -10.57 0.76
CA THR A 7 -0.98 -9.95 1.46
C THR A 7 -0.59 -9.55 2.86
N PHE A 8 -0.99 -8.35 3.28
CA PHE A 8 -0.66 -7.87 4.62
C PHE A 8 -1.85 -7.24 5.32
N GLU A 9 -2.10 -7.67 6.56
CA GLU A 9 -3.20 -7.15 7.36
C GLU A 9 -2.69 -6.07 8.30
N VAL A 10 -3.03 -4.82 8.00
CA VAL A 10 -2.58 -3.69 8.82
C VAL A 10 -3.69 -3.19 9.73
N PRO A 11 -3.60 -3.49 11.04
CA PRO A 11 -4.59 -3.07 12.03
C PRO A 11 -4.47 -1.59 12.39
N LEU A 12 -5.26 -0.74 11.74
CA LEU A 12 -5.23 0.69 12.01
C LEU A 12 -6.17 1.05 13.16
N ASN A 13 -6.43 0.08 14.01
CA ASN A 13 -7.31 0.25 15.16
C ASN A 13 -7.03 1.56 15.90
N ASP A 14 -5.80 2.05 15.79
CA ASP A 14 -5.41 3.29 16.46
C ASP A 14 -4.46 4.12 15.59
N SER A 15 -4.42 3.82 14.30
CA SER A 15 -3.56 4.55 13.38
C SER A 15 -4.37 5.34 12.36
N GLY A 16 -5.68 5.09 12.32
CA GLY A 16 -6.54 5.79 11.40
C GLY A 16 -6.44 7.30 11.53
N SER A 17 -6.17 7.77 12.74
CA SER A 17 -6.04 9.20 13.00
C SER A 17 -5.03 9.83 12.05
N ALA A 18 -3.97 9.08 11.76
CA ALA A 18 -2.92 9.55 10.87
C ALA A 18 -3.06 8.91 9.49
N GLY A 19 -3.75 7.78 9.44
CA GLY A 19 -3.95 7.08 8.18
C GLY A 19 -3.70 5.59 8.31
N LEU A 20 -2.49 5.23 8.72
CA LEU A 20 -2.13 3.83 8.90
C LEU A 20 -0.72 3.68 9.44
N GLY A 21 0.18 4.57 9.04
CA GLY A 21 1.55 4.49 9.49
C GLY A 21 2.53 4.26 8.36
N VAL A 22 2.33 4.97 7.25
CA VAL A 22 3.21 4.84 6.09
C VAL A 22 2.70 5.63 4.90
N SER A 23 3.62 5.97 4.01
CA SER A 23 3.30 6.71 2.80
C SER A 23 3.94 6.03 1.59
N VAL A 24 3.36 6.25 0.41
CA VAL A 24 3.87 5.64 -0.80
C VAL A 24 3.85 6.62 -1.98
N LYS A 25 4.80 6.46 -2.89
CA LYS A 25 4.88 7.31 -4.07
C LYS A 25 4.61 6.49 -5.33
N GLY A 26 4.33 7.17 -6.43
CA GLY A 26 4.05 6.46 -7.67
C GLY A 26 5.06 6.76 -8.75
N ASN A 27 5.32 5.77 -9.61
CA ASN A 27 6.28 5.93 -10.70
C ASN A 27 5.69 5.42 -12.01
N ARG A 28 6.39 5.70 -13.10
CA ARG A 28 5.94 5.26 -14.42
C ARG A 28 7.05 4.51 -15.15
N SER A 29 6.70 3.82 -16.23
CA SER A 29 7.65 3.06 -17.01
C SER A 29 8.89 3.90 -17.34
N LYS A 30 10.07 3.30 -17.16
CA LYS A 30 11.32 4.00 -17.45
C LYS A 30 11.51 4.22 -18.95
N GLU A 31 10.68 3.55 -19.76
CA GLU A 31 10.77 3.69 -21.20
C GLU A 31 9.73 4.67 -21.72
N ASN A 32 8.60 4.77 -21.02
CA ASN A 32 7.53 5.69 -21.42
C ASN A 32 6.76 6.16 -20.21
N HIS A 33 6.02 7.27 -20.37
CA HIS A 33 5.23 7.83 -19.29
C HIS A 33 4.04 6.92 -18.97
N ALA A 34 4.34 5.77 -18.38
CA ALA A 34 3.30 4.80 -18.02
C ALA A 34 3.33 4.49 -16.53
N ASP A 35 2.45 5.15 -15.78
CA ASP A 35 2.37 4.95 -14.34
C ASP A 35 2.21 3.47 -14.00
N LEU A 36 3.23 2.90 -13.36
CA LEU A 36 3.20 1.49 -12.98
C LEU A 36 2.37 1.28 -11.72
N GLY A 37 2.85 1.81 -10.61
CA GLY A 37 2.15 1.67 -9.35
C GLY A 37 2.77 2.49 -8.24
N ILE A 38 2.47 2.12 -6.99
CA ILE A 38 3.00 2.82 -5.84
C ILE A 38 4.01 1.95 -5.08
N PHE A 39 4.82 2.59 -4.25
CA PHE A 39 5.84 1.89 -3.47
C PHE A 39 6.01 2.54 -2.11
N VAL A 40 6.11 1.72 -1.07
CA VAL A 40 6.28 2.23 0.29
C VAL A 40 7.44 3.21 0.36
N LYS A 41 7.12 4.48 0.61
CA LYS A 41 8.12 5.54 0.67
C LYS A 41 8.64 5.73 2.09
N SER A 42 7.77 5.56 3.08
CA SER A 42 8.17 5.74 4.47
C SER A 42 7.10 5.23 5.42
N ILE A 43 7.53 4.51 6.45
CA ILE A 43 6.60 3.95 7.42
C ILE A 43 6.74 4.63 8.77
N ILE A 44 5.65 4.65 9.52
CA ILE A 44 5.61 5.28 10.84
C ILE A 44 5.67 4.21 11.93
N ASN A 45 6.84 4.04 12.54
CA ASN A 45 7.00 3.05 13.60
C ASN A 45 6.17 3.42 14.82
N GLY A 46 4.87 3.20 14.73
CA GLY A 46 3.98 3.51 15.84
C GLY A 46 2.58 3.00 15.62
N GLY A 47 2.17 2.87 14.36
CA GLY A 47 0.83 2.39 14.06
C GLY A 47 0.82 1.04 13.36
N ALA A 48 -0.35 0.65 12.86
CA ALA A 48 -0.51 -0.63 12.18
C ALA A 48 0.64 -0.97 11.25
N ALA A 49 0.94 -0.06 10.32
CA ALA A 49 2.02 -0.28 9.36
C ALA A 49 3.30 -0.68 10.06
N SER A 50 3.48 -0.19 11.28
CA SER A 50 4.67 -0.50 12.07
C SER A 50 4.55 -1.88 12.71
N LYS A 51 3.52 -2.04 13.52
CA LYS A 51 3.28 -3.32 14.19
C LYS A 51 3.13 -4.45 13.17
N ASP A 52 2.75 -4.09 11.95
CA ASP A 52 2.59 -5.07 10.88
C ASP A 52 3.85 -5.91 10.73
N GLY A 53 4.99 -5.23 10.61
CA GLY A 53 6.25 -5.93 10.46
C GLY A 53 6.39 -6.63 9.12
N ARG A 54 5.45 -6.37 8.22
CA ARG A 54 5.49 -6.98 6.90
C ARG A 54 5.68 -5.92 5.81
N LEU A 55 5.62 -4.65 6.20
CA LEU A 55 5.78 -3.54 5.27
C LEU A 55 7.24 -3.15 5.14
N ARG A 56 7.63 -2.73 3.93
CA ARG A 56 8.99 -2.30 3.66
C ARG A 56 8.98 -1.15 2.67
N VAL A 57 9.81 -0.13 2.93
CA VAL A 57 9.88 1.04 2.05
C VAL A 57 10.47 0.69 0.68
N ASN A 58 9.82 -0.24 -0.02
CA ASN A 58 10.28 -0.67 -1.35
C ASN A 58 9.23 -1.50 -2.08
N ASP A 59 8.38 -2.18 -1.33
CA ASP A 59 7.35 -3.03 -1.91
C ASP A 59 6.39 -2.23 -2.78
N GLN A 60 5.87 -2.86 -3.83
CA GLN A 60 4.94 -2.21 -4.74
C GLN A 60 3.51 -2.63 -4.44
N LEU A 61 2.63 -1.64 -4.30
CA LEU A 61 1.22 -1.91 -4.02
C LEU A 61 0.51 -2.45 -5.25
N ILE A 62 -0.41 -3.39 -5.05
CA ILE A 62 -1.16 -3.98 -6.14
C ILE A 62 -2.66 -3.95 -5.89
N ALA A 63 -3.06 -4.22 -4.65
CA ALA A 63 -4.48 -4.22 -4.30
C ALA A 63 -4.69 -3.89 -2.83
N VAL A 64 -5.94 -3.62 -2.46
CA VAL A 64 -6.28 -3.28 -1.08
C VAL A 64 -7.77 -3.54 -0.80
N ASN A 65 -8.05 -4.48 0.10
CA ASN A 65 -9.41 -4.82 0.47
C ASN A 65 -10.23 -5.21 -0.77
N GLY A 66 -9.60 -5.95 -1.67
CA GLY A 66 -10.28 -6.36 -2.89
C GLY A 66 -10.13 -5.36 -4.02
N GLU A 67 -9.69 -4.15 -3.68
CA GLU A 67 -9.50 -3.11 -4.68
C GLU A 67 -8.22 -3.36 -5.47
N SER A 68 -8.30 -3.18 -6.79
CA SER A 68 -7.14 -3.39 -7.64
C SER A 68 -6.44 -2.08 -7.98
N LEU A 69 -5.22 -1.94 -7.50
CA LEU A 69 -4.42 -0.73 -7.74
C LEU A 69 -3.73 -0.81 -9.10
N LEU A 70 -3.49 -2.03 -9.58
CA LEU A 70 -2.83 -2.24 -10.87
C LEU A 70 -3.41 -1.33 -11.95
N GLY A 71 -4.73 -1.20 -11.95
CA GLY A 71 -5.38 -0.35 -12.94
C GLY A 71 -5.58 1.06 -12.43
N LYS A 72 -4.53 1.62 -11.81
CA LYS A 72 -4.59 2.97 -11.28
C LYS A 72 -3.22 3.62 -11.29
N ALA A 73 -3.20 4.91 -11.61
CA ALA A 73 -1.97 5.66 -11.65
C ALA A 73 -1.54 6.01 -10.23
N ASN A 74 -0.55 6.87 -10.11
CA ASN A 74 -0.07 7.28 -8.80
C ASN A 74 -1.19 7.88 -7.97
N GLN A 75 -1.88 8.87 -8.54
CA GLN A 75 -2.97 9.55 -7.86
C GLN A 75 -4.18 8.64 -7.63
N GLU A 76 -4.52 7.80 -8.60
CA GLU A 76 -5.66 6.92 -8.48
C GLU A 76 -5.42 5.86 -7.40
N ALA A 77 -4.23 5.27 -7.42
CA ALA A 77 -3.88 4.26 -6.44
C ALA A 77 -3.71 4.90 -5.06
N MET A 78 -3.25 6.14 -5.07
CA MET A 78 -3.05 6.88 -3.82
C MET A 78 -4.40 7.19 -3.19
N GLU A 79 -5.42 7.33 -4.03
CA GLU A 79 -6.77 7.62 -3.57
C GLU A 79 -7.38 6.38 -2.97
N THR A 80 -7.13 5.24 -3.60
CA THR A 80 -7.65 3.97 -3.13
C THR A 80 -7.12 3.69 -1.73
N LEU A 81 -5.85 4.00 -1.52
CA LEU A 81 -5.22 3.80 -0.23
C LEU A 81 -5.83 4.80 0.75
N ARG A 82 -5.79 6.07 0.37
CA ARG A 82 -6.37 7.12 1.19
C ARG A 82 -7.86 6.83 1.42
N ARG A 83 -8.46 6.17 0.43
CA ARG A 83 -9.87 5.80 0.49
C ARG A 83 -10.07 4.68 1.48
N SER A 84 -9.13 3.73 1.49
CA SER A 84 -9.19 2.60 2.40
C SER A 84 -8.92 3.05 3.83
N MET A 85 -7.90 3.87 4.00
CA MET A 85 -7.54 4.41 5.30
C MET A 85 -8.57 5.45 5.75
N SER A 86 -9.34 5.96 4.80
CA SER A 86 -10.34 6.98 5.08
C SER A 86 -11.58 6.41 5.76
N THR A 87 -12.16 5.37 5.16
CA THR A 87 -13.38 4.78 5.72
C THR A 87 -13.83 3.56 4.92
N GLU A 88 -12.94 2.59 4.76
CA GLU A 88 -13.26 1.38 4.01
C GLU A 88 -12.32 0.27 4.45
N GLY A 89 -11.04 0.53 4.29
CA GLY A 89 -10.04 -0.44 4.71
C GLY A 89 -10.12 -0.69 6.19
N ASN A 90 -10.54 0.33 6.92
CA ASN A 90 -10.69 0.24 8.37
C ASN A 90 -12.06 -0.37 8.70
N LYS A 91 -13.00 0.46 9.13
CA LYS A 91 -14.36 0.00 9.46
C LYS A 91 -14.34 -1.32 10.24
N ARG A 92 -13.23 -1.61 10.92
CA ARG A 92 -13.13 -2.83 11.70
C ARG A 92 -11.91 -2.80 12.63
N GLY A 93 -10.85 -2.14 12.18
CA GLY A 93 -9.64 -2.04 12.98
C GLY A 93 -8.42 -2.59 12.24
N MET A 94 -8.55 -2.74 10.93
CA MET A 94 -7.47 -3.27 10.12
C MET A 94 -7.86 -3.30 8.64
N ILE A 95 -6.86 -3.34 7.76
CA ILE A 95 -7.11 -3.39 6.32
C ILE A 95 -6.08 -4.28 5.63
N GLN A 96 -6.48 -4.92 4.54
CA GLN A 96 -5.61 -5.81 3.79
C GLN A 96 -5.10 -5.13 2.53
N LEU A 97 -3.83 -5.38 2.19
CA LEU A 97 -3.23 -4.79 1.01
C LEU A 97 -2.27 -5.77 0.33
N ILE A 98 -2.41 -5.92 -0.98
CA ILE A 98 -1.55 -6.80 -1.74
C ILE A 98 -0.40 -6.02 -2.35
N VAL A 99 0.77 -6.64 -2.38
CA VAL A 99 1.96 -5.99 -2.93
C VAL A 99 2.81 -6.98 -3.72
N ALA A 100 3.72 -6.44 -4.54
CA ALA A 100 4.61 -7.26 -5.35
C ALA A 100 6.05 -7.07 -4.92
N ARG A 101 6.82 -8.16 -4.96
CA ARG A 101 8.22 -8.11 -4.57
C ARG A 101 9.07 -9.02 -5.46
N ARG A 102 10.24 -8.55 -5.85
CA ARG A 102 11.14 -9.32 -6.71
C ARG A 102 11.51 -10.65 -6.05
N ILE A 103 12.09 -11.54 -6.85
CA ILE A 103 12.50 -12.85 -6.37
C ILE A 103 14.00 -13.04 -6.51
N SER A 104 14.54 -14.03 -5.80
CA SER A 104 15.98 -14.32 -5.84
C SER A 104 16.77 -13.30 -5.04
N GLY A 1 11.49 -15.71 -12.57
CA GLY A 1 10.44 -14.74 -12.39
C GLY A 1 10.50 -14.07 -11.04
N THR A 2 11.31 -13.02 -10.93
CA THR A 2 11.47 -12.30 -9.68
C THR A 2 10.29 -11.38 -9.43
N ARG A 3 9.19 -11.95 -8.97
CA ARG A 3 7.98 -11.18 -8.68
C ARG A 3 6.96 -12.04 -7.94
N GLU A 4 6.88 -11.86 -6.63
CA GLU A 4 5.94 -12.62 -5.81
C GLU A 4 4.97 -11.68 -5.09
N PHE A 5 3.70 -12.09 -5.06
CA PHE A 5 2.67 -11.29 -4.40
C PHE A 5 2.58 -11.63 -2.92
N LEU A 6 2.22 -10.64 -2.11
CA LEU A 6 2.09 -10.84 -0.66
C LEU A 6 0.88 -10.11 -0.11
N THR A 7 0.20 -10.76 0.84
CA THR A 7 -0.98 -10.17 1.47
C THR A 7 -0.72 -9.87 2.94
N PHE A 8 -1.09 -8.68 3.38
CA PHE A 8 -0.87 -8.28 4.76
C PHE A 8 -2.09 -7.60 5.37
N GLU A 9 -2.26 -7.77 6.68
CA GLU A 9 -3.37 -7.17 7.41
C GLU A 9 -2.85 -6.11 8.37
N VAL A 10 -3.13 -4.84 8.06
CA VAL A 10 -2.67 -3.73 8.88
C VAL A 10 -3.78 -3.17 9.77
N PRO A 11 -3.75 -3.49 11.08
CA PRO A 11 -4.75 -3.01 12.03
C PRO A 11 -4.52 -1.56 12.43
N LEU A 12 -5.21 -0.64 11.75
CA LEU A 12 -5.08 0.79 12.04
C LEU A 12 -6.03 1.21 13.15
N ASN A 13 -6.40 0.26 13.98
CA ASN A 13 -7.30 0.50 15.10
C ASN A 13 -6.96 1.79 15.83
N ASP A 14 -5.67 2.16 15.81
CA ASP A 14 -5.21 3.37 16.46
C ASP A 14 -4.22 4.13 15.57
N SER A 15 -4.34 3.92 14.27
CA SER A 15 -3.45 4.58 13.31
C SER A 15 -4.24 5.50 12.37
N GLY A 16 -5.56 5.31 12.33
CA GLY A 16 -6.40 6.13 11.47
C GLY A 16 -6.10 7.61 11.60
N SER A 17 -5.92 8.08 12.83
CA SER A 17 -5.62 9.48 13.08
C SER A 17 -4.39 9.92 12.30
N ALA A 18 -3.49 8.98 12.03
CA ALA A 18 -2.27 9.26 11.29
C ALA A 18 -2.41 8.84 9.83
N GLY A 19 -3.32 7.90 9.57
CA GLY A 19 -3.53 7.42 8.21
C GLY A 19 -2.89 6.07 7.98
N LEU A 20 -2.98 5.20 8.98
CA LEU A 20 -2.41 3.85 8.91
C LEU A 20 -0.92 3.84 9.23
N GLY A 21 -0.28 5.01 9.22
CA GLY A 21 1.14 5.08 9.52
C GLY A 21 2.00 4.59 8.38
N VAL A 22 1.91 5.28 7.23
CA VAL A 22 2.72 4.92 6.06
C VAL A 22 2.52 5.91 4.93
N SER A 23 3.49 5.94 4.01
CA SER A 23 3.45 6.83 2.86
C SER A 23 3.95 6.10 1.62
N VAL A 24 3.43 6.47 0.46
CA VAL A 24 3.83 5.83 -0.79
C VAL A 24 3.99 6.82 -1.93
N LYS A 25 4.76 6.42 -2.93
CA LYS A 25 4.99 7.25 -4.11
C LYS A 25 4.77 6.42 -5.38
N GLY A 26 4.63 7.10 -6.51
CA GLY A 26 4.40 6.39 -7.76
C GLY A 26 5.52 6.60 -8.75
N ASN A 27 5.72 5.60 -9.62
CA ASN A 27 6.77 5.68 -10.63
C ASN A 27 6.22 5.33 -12.01
N ARG A 28 6.65 6.08 -13.02
CA ARG A 28 6.20 5.85 -14.38
C ARG A 28 7.17 4.95 -15.13
N SER A 29 6.75 4.44 -16.28
CA SER A 29 7.60 3.56 -17.09
C SER A 29 8.93 4.22 -17.39
N LYS A 30 9.99 3.42 -17.40
CA LYS A 30 11.34 3.93 -17.67
C LYS A 30 11.51 4.24 -19.16
N GLU A 31 10.62 3.72 -19.99
CA GLU A 31 10.69 3.95 -21.43
C GLU A 31 9.76 5.08 -21.85
N ASN A 32 8.65 5.24 -21.13
CA ASN A 32 7.68 6.28 -21.42
C ASN A 32 6.96 6.74 -20.16
N HIS A 33 6.10 7.74 -20.30
CA HIS A 33 5.34 8.27 -19.17
C HIS A 33 4.13 7.39 -18.88
N ALA A 34 4.38 6.24 -18.26
CA ALA A 34 3.32 5.30 -17.92
C ALA A 34 3.35 4.95 -16.44
N ASP A 35 2.42 5.52 -15.68
CA ASP A 35 2.34 5.26 -14.25
C ASP A 35 2.14 3.78 -13.97
N LEU A 36 3.17 3.14 -13.42
CA LEU A 36 3.11 1.71 -13.11
C LEU A 36 2.30 1.47 -11.84
N GLY A 37 2.84 1.94 -10.71
CA GLY A 37 2.17 1.77 -9.44
C GLY A 37 2.79 2.60 -8.34
N ILE A 38 2.39 2.33 -7.10
CA ILE A 38 2.92 3.06 -5.95
C ILE A 38 3.72 2.14 -5.03
N PHE A 39 4.86 2.63 -4.56
CA PHE A 39 5.71 1.86 -3.66
C PHE A 39 5.77 2.52 -2.29
N VAL A 40 5.96 1.70 -1.26
CA VAL A 40 6.04 2.22 0.11
C VAL A 40 7.22 3.19 0.23
N LYS A 41 6.92 4.44 0.53
CA LYS A 41 7.96 5.47 0.67
C LYS A 41 8.50 5.51 2.09
N SER A 42 7.60 5.47 3.06
CA SER A 42 8.00 5.50 4.46
C SER A 42 6.92 4.90 5.35
N ILE A 43 7.32 4.48 6.55
CA ILE A 43 6.38 3.89 7.50
C ILE A 43 6.46 4.59 8.85
N ILE A 44 5.38 4.53 9.60
CA ILE A 44 5.31 5.15 10.92
C ILE A 44 5.44 4.09 12.01
N ASN A 45 6.64 3.98 12.57
CA ASN A 45 6.89 3.00 13.63
C ASN A 45 6.08 3.34 14.88
N GLY A 46 4.78 3.09 14.80
CA GLY A 46 3.89 3.37 15.91
C GLY A 46 2.48 2.85 15.66
N GLY A 47 2.08 2.80 14.39
CA GLY A 47 0.75 2.32 14.06
C GLY A 47 0.78 0.96 13.38
N ALA A 48 -0.38 0.54 12.91
CA ALA A 48 -0.53 -0.76 12.24
C ALA A 48 0.63 -1.07 11.30
N ALA A 49 0.93 -0.14 10.40
CA ALA A 49 2.01 -0.34 9.43
C ALA A 49 3.31 -0.74 10.13
N SER A 50 3.47 -0.30 11.36
CA SER A 50 4.66 -0.63 12.15
C SER A 50 4.53 -2.01 12.75
N LYS A 51 3.51 -2.19 13.57
CA LYS A 51 3.27 -3.47 14.23
C LYS A 51 3.09 -4.59 13.22
N ASP A 52 2.69 -4.23 12.01
CA ASP A 52 2.48 -5.23 10.95
C ASP A 52 3.75 -6.04 10.72
N GLY A 53 4.87 -5.35 10.55
CA GLY A 53 6.14 -6.01 10.34
C GLY A 53 6.18 -6.81 9.04
N ARG A 54 5.23 -6.53 8.15
CA ARG A 54 5.18 -7.23 6.86
C ARG A 54 5.35 -6.25 5.70
N LEU A 55 5.32 -4.95 6.01
CA LEU A 55 5.47 -3.92 5.00
C LEU A 55 6.93 -3.57 4.76
N ARG A 56 7.25 -3.24 3.51
CA ARG A 56 8.61 -2.86 3.13
C ARG A 56 8.61 -1.44 2.59
N VAL A 57 9.78 -0.82 2.56
CA VAL A 57 9.89 0.55 2.06
C VAL A 57 10.29 0.57 0.59
N ASN A 58 9.88 -0.46 -0.14
CA ASN A 58 10.17 -0.58 -1.56
C ASN A 58 9.26 -1.61 -2.22
N ASP A 59 8.15 -1.94 -1.55
CA ASP A 59 7.20 -2.91 -2.08
C ASP A 59 6.20 -2.23 -3.00
N GLN A 60 5.80 -2.95 -4.05
CA GLN A 60 4.85 -2.43 -5.03
C GLN A 60 3.42 -2.81 -4.65
N LEU A 61 2.63 -1.82 -4.24
CA LEU A 61 1.25 -2.06 -3.87
C LEU A 61 0.45 -2.57 -5.05
N ILE A 62 -0.12 -3.76 -4.91
CA ILE A 62 -0.91 -4.37 -5.96
C ILE A 62 -2.41 -4.19 -5.72
N ALA A 63 -2.82 -4.30 -4.47
CA ALA A 63 -4.23 -4.16 -4.12
C ALA A 63 -4.40 -3.76 -2.65
N VAL A 64 -5.65 -3.47 -2.28
CA VAL A 64 -5.96 -3.06 -0.91
C VAL A 64 -7.37 -3.52 -0.53
N ASN A 65 -7.44 -4.55 0.31
CA ASN A 65 -8.71 -5.11 0.77
C ASN A 65 -9.69 -5.31 -0.38
N GLY A 66 -9.18 -5.80 -1.51
CA GLY A 66 -10.04 -6.04 -2.66
C GLY A 66 -9.88 -4.99 -3.75
N GLU A 67 -9.37 -3.82 -3.40
CA GLU A 67 -9.18 -2.75 -4.36
C GLU A 67 -7.91 -2.97 -5.17
N SER A 68 -8.09 -3.45 -6.40
CA SER A 68 -6.97 -3.72 -7.29
C SER A 68 -6.31 -2.42 -7.75
N LEU A 69 -5.07 -2.21 -7.31
CA LEU A 69 -4.32 -1.01 -7.66
C LEU A 69 -3.81 -1.09 -9.10
N LEU A 70 -3.62 -2.31 -9.59
CA LEU A 70 -3.13 -2.53 -10.95
C LEU A 70 -3.86 -1.66 -11.96
N GLY A 71 -5.18 -1.55 -11.81
CA GLY A 71 -5.97 -0.74 -12.71
C GLY A 71 -6.14 0.69 -12.22
N LYS A 72 -5.06 1.27 -11.73
CA LYS A 72 -5.10 2.63 -11.22
C LYS A 72 -3.75 3.32 -11.39
N ALA A 73 -3.81 4.61 -11.66
CA ALA A 73 -2.60 5.41 -11.82
C ALA A 73 -2.03 5.73 -10.45
N ASN A 74 -1.05 6.62 -10.41
CA ASN A 74 -0.45 7.00 -9.14
C ASN A 74 -1.48 7.63 -8.22
N GLN A 75 -2.25 8.57 -8.77
CA GLN A 75 -3.27 9.28 -7.99
C GLN A 75 -4.46 8.39 -7.60
N GLU A 76 -4.88 7.49 -8.46
CA GLU A 76 -6.01 6.62 -8.16
C GLU A 76 -5.63 5.58 -7.12
N ALA A 77 -4.44 5.03 -7.24
CA ALA A 77 -3.96 4.03 -6.30
C ALA A 77 -3.69 4.68 -4.95
N MET A 78 -3.25 5.93 -5.00
CA MET A 78 -2.95 6.67 -3.78
C MET A 78 -4.24 7.11 -3.09
N GLU A 79 -5.25 7.43 -3.90
CA GLU A 79 -6.53 7.85 -3.37
C GLU A 79 -7.29 6.63 -2.86
N THR A 80 -7.15 5.52 -3.57
CA THR A 80 -7.78 4.27 -3.18
C THR A 80 -7.24 3.84 -1.83
N LEU A 81 -5.94 4.06 -1.64
CA LEU A 81 -5.29 3.72 -0.38
C LEU A 81 -5.82 4.64 0.69
N ARG A 82 -5.69 5.94 0.44
CA ARG A 82 -6.19 6.96 1.36
C ARG A 82 -7.67 6.69 1.63
N ARG A 83 -8.35 6.15 0.63
CA ARG A 83 -9.77 5.81 0.75
C ARG A 83 -9.92 4.64 1.70
N SER A 84 -9.13 3.60 1.46
CA SER A 84 -9.15 2.41 2.30
C SER A 84 -8.73 2.78 3.72
N MET A 85 -7.86 3.78 3.80
CA MET A 85 -7.36 4.27 5.08
C MET A 85 -8.35 5.25 5.71
N SER A 86 -9.28 5.75 4.90
CA SER A 86 -10.27 6.71 5.36
C SER A 86 -11.53 6.04 5.91
N THR A 87 -12.10 5.11 5.16
CA THR A 87 -13.33 4.45 5.60
C THR A 87 -13.82 3.39 4.60
N GLU A 88 -13.08 2.30 4.47
CA GLU A 88 -13.46 1.21 3.58
C GLU A 88 -12.60 0.01 3.84
N GLY A 89 -11.29 0.20 3.68
CA GLY A 89 -10.36 -0.86 3.95
C GLY A 89 -10.33 -1.16 5.42
N ASN A 90 -10.67 -0.15 6.22
CA ASN A 90 -10.72 -0.29 7.66
C ASN A 90 -12.15 -0.53 8.13
N LYS A 91 -12.86 0.55 8.45
CA LYS A 91 -14.24 0.45 8.91
C LYS A 91 -14.36 -0.31 10.23
N ARG A 92 -13.27 -0.95 10.65
CA ARG A 92 -13.26 -1.72 11.91
C ARG A 92 -11.97 -1.52 12.70
N GLY A 93 -10.87 -1.27 12.02
CA GLY A 93 -9.60 -1.08 12.70
C GLY A 93 -8.44 -1.82 12.05
N MET A 94 -8.65 -2.25 10.80
CA MET A 94 -7.62 -2.97 10.06
C MET A 94 -7.95 -3.03 8.57
N ILE A 95 -6.92 -3.09 7.73
CA ILE A 95 -7.12 -3.16 6.28
C ILE A 95 -6.11 -4.10 5.64
N GLN A 96 -6.51 -4.73 4.54
CA GLN A 96 -5.64 -5.66 3.82
C GLN A 96 -4.96 -4.95 2.67
N LEU A 97 -3.69 -5.28 2.44
CA LEU A 97 -2.93 -4.66 1.37
C LEU A 97 -2.04 -5.68 0.67
N ILE A 98 -2.19 -5.77 -0.65
CA ILE A 98 -1.40 -6.69 -1.45
C ILE A 98 -0.23 -5.96 -2.10
N VAL A 99 0.91 -6.64 -2.16
CA VAL A 99 2.11 -6.06 -2.74
C VAL A 99 2.89 -7.09 -3.55
N ALA A 100 3.97 -6.63 -4.18
CA ALA A 100 4.82 -7.50 -4.99
C ALA A 100 6.28 -7.09 -4.88
N ARG A 101 7.17 -8.07 -4.76
CA ARG A 101 8.60 -7.81 -4.65
C ARG A 101 9.39 -8.67 -5.62
N ARG A 102 10.56 -8.17 -6.01
CA ARG A 102 11.43 -8.89 -6.93
C ARG A 102 12.36 -9.85 -6.20
N ILE A 103 12.29 -11.13 -6.55
CA ILE A 103 13.13 -12.14 -5.92
C ILE A 103 14.61 -11.88 -6.22
N SER A 104 15.47 -12.31 -5.31
CA SER A 104 16.91 -12.12 -5.48
C SER A 104 17.65 -13.45 -5.39
N GLY A 1 10.78 -16.30 -12.16
CA GLY A 1 9.68 -15.82 -11.36
C GLY A 1 10.03 -14.56 -10.59
N THR A 2 10.69 -13.64 -11.27
CA THR A 2 11.10 -12.38 -10.64
C THR A 2 9.90 -11.51 -10.31
N ARG A 3 9.08 -11.98 -9.36
CA ARG A 3 7.89 -11.24 -8.94
C ARG A 3 7.02 -12.10 -8.03
N GLU A 4 6.94 -11.70 -6.76
CA GLU A 4 6.14 -12.44 -5.78
C GLU A 4 5.17 -11.51 -5.05
N PHE A 5 3.89 -11.87 -5.07
CA PHE A 5 2.86 -11.07 -4.41
C PHE A 5 2.82 -11.37 -2.92
N LEU A 6 2.42 -10.39 -2.12
CA LEU A 6 2.35 -10.56 -0.68
C LEU A 6 1.12 -9.87 -0.10
N THR A 7 0.48 -10.52 0.85
CA THR A 7 -0.72 -9.98 1.50
C THR A 7 -0.46 -9.73 2.99
N PHE A 8 -0.92 -8.59 3.49
CA PHE A 8 -0.71 -8.26 4.89
C PHE A 8 -1.94 -7.60 5.51
N GLU A 9 -2.17 -7.88 6.79
CA GLU A 9 -3.28 -7.32 7.53
C GLU A 9 -2.78 -6.23 8.48
N VAL A 10 -3.07 -4.97 8.14
CA VAL A 10 -2.61 -3.85 8.95
C VAL A 10 -3.73 -3.29 9.82
N PRO A 11 -3.71 -3.57 11.14
CA PRO A 11 -4.73 -3.08 12.08
C PRO A 11 -4.54 -1.62 12.44
N LEU A 12 -5.29 -0.74 11.77
CA LEU A 12 -5.21 0.70 12.04
C LEU A 12 -6.20 1.11 13.11
N ASN A 13 -6.57 0.15 13.94
CA ASN A 13 -7.52 0.38 15.04
C ASN A 13 -7.29 1.73 15.72
N ASP A 14 -6.04 2.18 15.72
CA ASP A 14 -5.68 3.46 16.33
C ASP A 14 -4.64 4.19 15.48
N SER A 15 -4.65 3.92 14.19
CA SER A 15 -3.70 4.56 13.27
C SER A 15 -4.43 5.47 12.27
N GLY A 16 -5.74 5.28 12.15
CA GLY A 16 -6.53 6.10 11.23
C GLY A 16 -6.21 7.57 11.34
N SER A 17 -6.04 8.05 12.57
CA SER A 17 -5.72 9.45 12.81
C SER A 17 -4.46 9.86 12.06
N ALA A 18 -3.55 8.91 11.89
CA ALA A 18 -2.30 9.15 11.19
C ALA A 18 -2.40 8.70 9.73
N GLY A 19 -3.29 7.74 9.48
CA GLY A 19 -3.46 7.21 8.13
C GLY A 19 -2.81 5.86 7.95
N LEU A 20 -2.88 5.04 9.00
CA LEU A 20 -2.30 3.68 9.00
C LEU A 20 -0.83 3.69 9.39
N GLY A 21 -0.13 4.76 9.07
CA GLY A 21 1.28 4.84 9.40
C GLY A 21 2.18 4.37 8.27
N VAL A 22 2.04 4.99 7.11
CA VAL A 22 2.84 4.65 5.95
C VAL A 22 2.62 5.63 4.81
N SER A 23 3.66 5.80 3.98
CA SER A 23 3.58 6.70 2.84
C SER A 23 4.10 6.01 1.58
N VAL A 24 3.36 6.15 0.49
CA VAL A 24 3.75 5.52 -0.77
C VAL A 24 3.87 6.55 -1.89
N LYS A 25 4.65 6.22 -2.91
CA LYS A 25 4.84 7.12 -4.04
C LYS A 25 4.60 6.39 -5.36
N GLY A 26 3.97 7.08 -6.30
CA GLY A 26 3.68 6.49 -7.59
C GLY A 26 4.63 6.97 -8.68
N ASN A 27 4.90 6.10 -9.64
CA ASN A 27 5.81 6.45 -10.73
C ASN A 27 5.30 5.90 -12.06
N ARG A 28 6.10 6.09 -13.11
CA ARG A 28 5.74 5.61 -14.44
C ARG A 28 6.92 4.88 -15.08
N SER A 29 6.65 4.15 -16.16
CA SER A 29 7.69 3.41 -16.86
C SER A 29 8.83 4.33 -17.29
N LYS A 30 10.05 3.97 -16.93
CA LYS A 30 11.22 4.77 -17.28
C LYS A 30 11.42 4.82 -18.79
N GLU A 31 10.76 3.93 -19.51
CA GLU A 31 10.88 3.88 -20.97
C GLU A 31 9.75 4.65 -21.65
N ASN A 32 8.72 5.00 -20.89
CA ASN A 32 7.59 5.73 -21.44
C ASN A 32 6.59 6.11 -20.35
N HIS A 33 5.78 7.12 -20.61
CA HIS A 33 4.77 7.57 -19.66
C HIS A 33 3.74 6.47 -19.39
N ALA A 34 4.10 5.53 -18.52
CA ALA A 34 3.21 4.43 -18.17
C ALA A 34 3.23 4.17 -16.67
N ASP A 35 2.22 4.67 -15.97
CA ASP A 35 2.12 4.49 -14.53
C ASP A 35 2.22 3.01 -14.15
N LEU A 36 3.21 2.69 -13.31
CA LEU A 36 3.42 1.31 -12.88
C LEU A 36 2.68 1.03 -11.58
N GLY A 37 2.68 2.00 -10.68
CA GLY A 37 2.01 1.84 -9.40
C GLY A 37 2.66 2.65 -8.30
N ILE A 38 2.29 2.35 -7.05
CA ILE A 38 2.84 3.06 -5.90
C ILE A 38 3.89 2.20 -5.19
N PHE A 39 4.78 2.86 -4.46
CA PHE A 39 5.85 2.17 -3.74
C PHE A 39 5.94 2.64 -2.30
N VAL A 40 6.11 1.69 -1.37
CA VAL A 40 6.25 2.05 0.03
C VAL A 40 7.46 2.96 0.21
N LYS A 41 7.20 4.25 0.38
CA LYS A 41 8.26 5.22 0.52
C LYS A 41 8.67 5.44 1.97
N SER A 42 7.77 5.10 2.89
CA SER A 42 8.07 5.27 4.31
C SER A 42 7.01 4.62 5.19
N ILE A 43 7.40 4.34 6.43
CA ILE A 43 6.49 3.73 7.40
C ILE A 43 6.57 4.46 8.73
N ILE A 44 5.47 4.42 9.47
CA ILE A 44 5.40 5.08 10.76
C ILE A 44 5.47 4.05 11.88
N ASN A 45 6.58 4.05 12.60
CA ASN A 45 6.77 3.11 13.71
C ASN A 45 5.91 3.50 14.91
N GLY A 46 4.59 3.43 14.72
CA GLY A 46 3.68 3.77 15.79
C GLY A 46 2.30 3.19 15.60
N GLY A 47 1.90 2.97 14.34
CA GLY A 47 0.59 2.42 14.08
C GLY A 47 0.64 1.05 13.43
N ALA A 48 -0.49 0.61 12.91
CA ALA A 48 -0.60 -0.71 12.27
C ALA A 48 0.60 -1.05 11.40
N ALA A 49 0.97 -0.15 10.50
CA ALA A 49 2.10 -0.38 9.60
C ALA A 49 3.35 -0.80 10.38
N SER A 50 3.48 -0.29 11.59
CA SER A 50 4.63 -0.62 12.43
C SER A 50 4.46 -1.98 13.09
N LYS A 51 3.37 -2.11 13.84
CA LYS A 51 3.08 -3.35 14.54
C LYS A 51 2.90 -4.51 13.57
N ASP A 52 2.55 -4.19 12.32
CA ASP A 52 2.36 -5.22 11.30
C ASP A 52 3.62 -6.06 11.11
N GLY A 53 4.75 -5.38 10.94
CA GLY A 53 5.99 -6.09 10.75
C GLY A 53 5.99 -6.96 9.51
N ARG A 54 5.07 -6.66 8.58
CA ARG A 54 4.97 -7.42 7.34
C ARG A 54 5.19 -6.51 6.12
N LEU A 55 5.03 -5.21 6.33
CA LEU A 55 5.22 -4.24 5.25
C LEU A 55 6.69 -4.17 4.85
N ARG A 56 6.94 -3.57 3.69
CA ARG A 56 8.30 -3.43 3.20
C ARG A 56 8.47 -2.14 2.43
N VAL A 57 9.56 -1.42 2.74
CA VAL A 57 9.85 -0.17 2.07
C VAL A 57 10.33 -0.43 0.65
N ASN A 58 9.76 0.31 -0.31
CA ASN A 58 10.11 0.16 -1.72
C ASN A 58 9.21 -0.86 -2.41
N ASP A 59 8.47 -1.65 -1.62
CA ASP A 59 7.58 -2.66 -2.17
C ASP A 59 6.52 -2.01 -3.07
N GLN A 60 6.14 -2.70 -4.13
CA GLN A 60 5.14 -2.17 -5.05
C GLN A 60 3.73 -2.56 -4.64
N LEU A 61 2.84 -1.57 -4.56
CA LEU A 61 1.46 -1.82 -4.19
C LEU A 61 0.67 -2.41 -5.36
N ILE A 62 -0.23 -3.34 -5.08
CA ILE A 62 -1.03 -3.98 -6.12
C ILE A 62 -2.51 -3.96 -5.79
N ALA A 63 -2.85 -4.21 -4.53
CA ALA A 63 -4.25 -4.22 -4.12
C ALA A 63 -4.43 -3.77 -2.68
N VAL A 64 -5.68 -3.54 -2.29
CA VAL A 64 -5.99 -3.10 -0.93
C VAL A 64 -7.44 -3.43 -0.58
N ASN A 65 -7.63 -4.42 0.28
CA ASN A 65 -8.97 -4.83 0.69
C ASN A 65 -9.80 -5.27 -0.52
N GLY A 66 -9.12 -5.89 -1.48
CA GLY A 66 -9.82 -6.35 -2.68
C GLY A 66 -9.82 -5.31 -3.77
N GLU A 67 -9.48 -4.07 -3.42
CA GLU A 67 -9.46 -2.98 -4.39
C GLU A 67 -8.15 -2.99 -5.17
N SER A 68 -8.21 -3.52 -6.39
CA SER A 68 -7.04 -3.59 -7.26
C SER A 68 -6.46 -2.21 -7.51
N LEU A 69 -5.13 -2.13 -7.58
CA LEU A 69 -4.46 -0.86 -7.81
C LEU A 69 -3.77 -0.85 -9.18
N LEU A 70 -3.56 -2.03 -9.75
CA LEU A 70 -2.92 -2.16 -11.05
C LEU A 70 -3.50 -1.16 -12.05
N GLY A 71 -4.82 -1.18 -12.19
CA GLY A 71 -5.49 -0.29 -13.12
C GLY A 71 -5.36 1.16 -12.70
N LYS A 72 -5.29 1.39 -11.39
CA LYS A 72 -5.18 2.74 -10.84
C LYS A 72 -3.76 3.27 -11.01
N ALA A 73 -3.66 4.51 -11.47
CA ALA A 73 -2.39 5.16 -11.66
C ALA A 73 -1.82 5.60 -10.31
N ASN A 74 -0.75 6.38 -10.34
CA ASN A 74 -0.13 6.86 -9.12
C ASN A 74 -1.14 7.60 -8.24
N GLN A 75 -1.80 8.60 -8.81
CA GLN A 75 -2.77 9.39 -8.07
C GLN A 75 -4.00 8.58 -7.67
N GLU A 76 -4.51 7.76 -8.59
CA GLU A 76 -5.69 6.95 -8.31
C GLU A 76 -5.43 6.00 -7.15
N ALA A 77 -4.35 5.24 -7.27
CA ALA A 77 -3.99 4.30 -6.22
C ALA A 77 -3.79 5.04 -4.92
N MET A 78 -3.31 6.27 -5.04
CA MET A 78 -3.09 7.12 -3.88
C MET A 78 -4.42 7.48 -3.23
N GLU A 79 -5.46 7.53 -4.05
CA GLU A 79 -6.80 7.86 -3.57
C GLU A 79 -7.48 6.62 -3.02
N THR A 80 -7.21 5.47 -3.63
CA THR A 80 -7.77 4.21 -3.17
C THR A 80 -7.18 3.89 -1.80
N LEU A 81 -5.90 4.23 -1.64
CA LEU A 81 -5.22 4.01 -0.38
C LEU A 81 -5.79 4.97 0.65
N ARG A 82 -5.77 6.26 0.30
CA ARG A 82 -6.32 7.28 1.18
C ARG A 82 -7.78 6.95 1.48
N ARG A 83 -8.44 6.30 0.52
CA ARG A 83 -9.82 5.89 0.68
C ARG A 83 -9.93 4.79 1.71
N SER A 84 -9.00 3.84 1.64
CA SER A 84 -8.97 2.73 2.57
C SER A 84 -8.63 3.22 3.97
N MET A 85 -7.55 3.99 4.07
CA MET A 85 -7.11 4.53 5.35
C MET A 85 -8.15 5.51 5.89
N SER A 86 -9.00 6.01 5.01
CA SER A 86 -10.02 6.97 5.40
C SER A 86 -11.26 6.30 5.96
N THR A 87 -11.88 5.43 5.18
CA THR A 87 -13.09 4.73 5.61
C THR A 87 -13.53 3.68 4.60
N GLU A 88 -12.78 2.60 4.51
CA GLU A 88 -13.10 1.50 3.58
C GLU A 88 -12.24 0.31 3.92
N GLY A 89 -10.94 0.57 4.10
CA GLY A 89 -10.02 -0.47 4.47
C GLY A 89 -10.10 -0.73 5.94
N ASN A 90 -10.38 0.33 6.69
CA ASN A 90 -10.51 0.24 8.13
C ASN A 90 -11.88 -0.34 8.49
N LYS A 91 -12.86 0.55 8.73
CA LYS A 91 -14.23 0.16 9.05
C LYS A 91 -14.29 -1.15 9.85
N ARG A 92 -13.28 -1.39 10.69
CA ARG A 92 -13.23 -2.61 11.50
C ARG A 92 -12.06 -2.58 12.47
N GLY A 93 -10.95 -1.98 12.03
CA GLY A 93 -9.76 -1.90 12.86
C GLY A 93 -8.55 -2.48 12.18
N MET A 94 -8.62 -2.61 10.85
CA MET A 94 -7.53 -3.16 10.06
C MET A 94 -7.86 -3.15 8.58
N ILE A 95 -6.84 -3.26 7.74
CA ILE A 95 -7.04 -3.28 6.29
C ILE A 95 -6.01 -4.19 5.61
N GLN A 96 -6.44 -4.84 4.53
CA GLN A 96 -5.56 -5.74 3.79
C GLN A 96 -4.83 -4.98 2.68
N LEU A 97 -3.55 -5.30 2.50
CA LEU A 97 -2.74 -4.64 1.49
C LEU A 97 -1.93 -5.65 0.70
N ILE A 98 -2.02 -5.57 -0.62
CA ILE A 98 -1.28 -6.46 -1.51
C ILE A 98 -0.16 -5.72 -2.21
N VAL A 99 0.97 -6.37 -2.38
CA VAL A 99 2.12 -5.77 -3.05
C VAL A 99 2.85 -6.76 -3.93
N ALA A 100 3.90 -6.29 -4.59
CA ALA A 100 4.70 -7.12 -5.47
C ALA A 100 6.19 -6.83 -5.27
N ARG A 101 6.99 -7.88 -5.26
CA ARG A 101 8.44 -7.73 -5.07
C ARG A 101 9.22 -8.60 -6.05
N ARG A 102 10.32 -8.07 -6.56
CA ARG A 102 11.15 -8.79 -7.50
C ARG A 102 12.10 -9.73 -6.78
N ILE A 103 12.27 -10.93 -7.31
CA ILE A 103 13.15 -11.93 -6.71
C ILE A 103 14.60 -11.45 -6.72
N SER A 104 15.17 -11.36 -7.91
CA SER A 104 16.55 -10.92 -8.06
C SER A 104 16.67 -9.42 -7.80
N GLY A 1 12.04 -17.61 -8.83
CA GLY A 1 13.22 -16.84 -9.19
C GLY A 1 13.14 -15.42 -8.67
N THR A 2 12.09 -14.70 -9.08
CA THR A 2 11.89 -13.32 -8.66
C THR A 2 10.42 -12.95 -8.73
N ARG A 3 10.09 -11.79 -8.18
CA ARG A 3 8.71 -11.30 -8.19
C ARG A 3 7.79 -12.25 -7.43
N GLU A 4 7.09 -11.70 -6.44
CA GLU A 4 6.17 -12.49 -5.63
C GLU A 4 5.09 -11.62 -5.00
N PHE A 5 3.85 -12.08 -5.05
CA PHE A 5 2.73 -11.33 -4.48
C PHE A 5 2.53 -11.71 -3.02
N LEU A 6 2.20 -10.72 -2.19
CA LEU A 6 1.99 -10.95 -0.76
C LEU A 6 0.87 -10.08 -0.22
N THR A 7 0.19 -10.58 0.80
CA THR A 7 -0.91 -9.84 1.43
C THR A 7 -0.46 -9.26 2.76
N PHE A 8 -0.94 -8.06 3.07
CA PHE A 8 -0.57 -7.41 4.33
C PHE A 8 -1.78 -6.91 5.09
N GLU A 9 -2.12 -7.59 6.18
CA GLU A 9 -3.25 -7.22 7.02
C GLU A 9 -2.78 -6.21 8.06
N VAL A 10 -3.07 -4.94 7.82
CA VAL A 10 -2.66 -3.88 8.74
C VAL A 10 -3.80 -3.41 9.63
N PRO A 11 -3.69 -3.63 10.95
CA PRO A 11 -4.71 -3.23 11.91
C PRO A 11 -4.60 -1.77 12.33
N LEU A 12 -5.37 -0.90 11.68
CA LEU A 12 -5.34 0.53 12.01
C LEU A 12 -6.35 0.85 13.13
N ASN A 13 -6.67 -0.18 13.90
CA ASN A 13 -7.60 -0.07 15.02
C ASN A 13 -7.49 1.28 15.74
N ASP A 14 -6.27 1.81 15.77
CA ASP A 14 -6.01 3.09 16.43
C ASP A 14 -4.93 3.87 15.70
N SER A 15 -4.77 3.60 14.42
CA SER A 15 -3.77 4.28 13.61
C SER A 15 -4.43 5.23 12.62
N GLY A 16 -5.74 5.08 12.42
CA GLY A 16 -6.46 5.94 11.51
C GLY A 16 -6.25 7.42 11.80
N SER A 17 -6.00 7.74 13.07
CA SER A 17 -5.77 9.12 13.48
C SER A 17 -4.68 9.76 12.63
N ALA A 18 -3.71 8.95 12.23
CA ALA A 18 -2.60 9.41 11.39
C ALA A 18 -2.75 8.90 9.96
N GLY A 19 -3.50 7.81 9.80
CA GLY A 19 -3.71 7.24 8.49
C GLY A 19 -2.97 5.93 8.32
N LEU A 20 -3.17 5.02 9.27
CA LEU A 20 -2.52 3.71 9.25
C LEU A 20 -1.07 3.80 9.72
N GLY A 21 -0.28 4.62 9.04
CA GLY A 21 1.12 4.75 9.40
C GLY A 21 2.04 4.37 8.27
N VAL A 22 1.94 5.09 7.15
CA VAL A 22 2.79 4.81 5.99
C VAL A 22 2.53 5.80 4.86
N SER A 23 3.49 5.89 3.94
CA SER A 23 3.37 6.79 2.79
C SER A 23 3.98 6.12 1.56
N VAL A 24 3.42 6.40 0.39
CA VAL A 24 3.93 5.79 -0.84
C VAL A 24 4.01 6.80 -1.99
N LYS A 25 4.71 6.41 -3.05
CA LYS A 25 4.87 7.25 -4.22
C LYS A 25 4.63 6.44 -5.48
N GLY A 26 4.14 7.10 -6.53
CA GLY A 26 3.87 6.41 -7.78
C GLY A 26 4.82 6.81 -8.88
N ASN A 27 5.28 5.84 -9.67
CA ASN A 27 6.20 6.10 -10.77
C ASN A 27 5.64 5.61 -12.09
N ARG A 28 6.39 5.85 -13.17
CA ARG A 28 5.97 5.43 -14.50
C ARG A 28 7.06 4.59 -15.17
N SER A 29 6.70 3.92 -16.25
CA SER A 29 7.64 3.09 -16.99
C SER A 29 8.80 3.92 -17.52
N LYS A 30 8.59 5.24 -17.64
CA LYS A 30 9.61 6.16 -18.14
C LYS A 30 9.71 6.10 -19.65
N GLU A 31 9.85 4.89 -20.20
CA GLU A 31 9.95 4.72 -21.64
C GLU A 31 8.64 5.07 -22.34
N ASN A 32 7.54 4.90 -21.62
CA ASN A 32 6.22 5.21 -22.18
C ASN A 32 5.29 5.79 -21.12
N HIS A 33 5.89 6.43 -20.11
CA HIS A 33 5.11 7.04 -19.02
C HIS A 33 3.99 6.12 -18.55
N ALA A 34 4.31 4.82 -18.47
CA ALA A 34 3.33 3.83 -18.02
C ALA A 34 3.35 3.69 -16.51
N ASP A 35 2.31 4.22 -15.85
CA ASP A 35 2.20 4.16 -14.40
C ASP A 35 2.31 2.72 -13.92
N LEU A 36 3.49 2.36 -13.40
CA LEU A 36 3.72 1.01 -12.90
C LEU A 36 2.94 0.76 -11.62
N GLY A 37 2.97 1.74 -10.72
CA GLY A 37 2.25 1.60 -9.46
C GLY A 37 2.87 2.45 -8.36
N ILE A 38 2.56 2.11 -7.11
CA ILE A 38 3.08 2.83 -5.96
C ILE A 38 4.00 1.94 -5.12
N PHE A 39 4.82 2.57 -4.29
CA PHE A 39 5.74 1.83 -3.42
C PHE A 39 5.82 2.48 -2.04
N VAL A 40 5.99 1.65 -1.00
CA VAL A 40 6.08 2.16 0.36
C VAL A 40 7.30 3.06 0.52
N LYS A 41 7.03 4.35 0.72
CA LYS A 41 8.09 5.34 0.88
C LYS A 41 8.59 5.37 2.32
N SER A 42 7.67 5.42 3.26
CA SER A 42 8.02 5.47 4.66
C SER A 42 6.98 4.78 5.52
N ILE A 43 7.26 4.69 6.81
CA ILE A 43 6.34 4.04 7.74
C ILE A 43 6.31 4.77 9.08
N ILE A 44 5.22 4.57 9.81
CA ILE A 44 5.05 5.20 11.12
C ILE A 44 5.15 4.17 12.23
N ASN A 45 6.34 4.06 12.82
CA ASN A 45 6.57 3.11 13.90
C ASN A 45 5.70 3.44 15.11
N GLY A 46 4.41 3.14 15.00
CA GLY A 46 3.48 3.41 16.07
C GLY A 46 2.09 2.89 15.76
N GLY A 47 1.74 2.82 14.48
CA GLY A 47 0.43 2.34 14.09
C GLY A 47 0.48 0.95 13.48
N ALA A 48 -0.61 0.56 12.84
CA ALA A 48 -0.72 -0.76 12.21
C ALA A 48 0.50 -1.10 11.36
N ALA A 49 0.85 -0.23 10.44
CA ALA A 49 1.98 -0.48 9.54
C ALA A 49 3.23 -0.86 10.32
N SER A 50 3.37 -0.32 11.53
CA SER A 50 4.51 -0.63 12.37
C SER A 50 4.37 -2.01 12.98
N LYS A 51 3.29 -2.20 13.73
CA LYS A 51 3.01 -3.48 14.36
C LYS A 51 2.90 -4.60 13.32
N ASP A 52 2.57 -4.22 12.09
CA ASP A 52 2.43 -5.19 11.01
C ASP A 52 3.74 -5.95 10.79
N GLY A 53 4.83 -5.21 10.69
CA GLY A 53 6.13 -5.83 10.48
C GLY A 53 6.22 -6.61 9.18
N ARG A 54 5.82 -5.97 8.08
CA ARG A 54 5.85 -6.61 6.78
C ARG A 54 6.05 -5.58 5.66
N LEU A 55 5.25 -4.51 5.71
CA LEU A 55 5.33 -3.45 4.71
C LEU A 55 6.72 -2.81 4.71
N ARG A 56 7.54 -3.16 3.74
CA ARG A 56 8.88 -2.62 3.62
C ARG A 56 8.91 -1.41 2.70
N VAL A 57 9.62 -0.36 3.09
CA VAL A 57 9.70 0.85 2.29
C VAL A 57 10.33 0.55 0.93
N ASN A 58 9.47 0.16 -0.04
CA ASN A 58 9.90 -0.16 -1.40
C ASN A 58 8.93 -1.14 -2.04
N ASP A 59 8.20 -1.90 -1.21
CA ASP A 59 7.25 -2.89 -1.70
C ASP A 59 6.24 -2.24 -2.66
N GLN A 60 5.95 -2.94 -3.75
CA GLN A 60 5.00 -2.44 -4.74
C GLN A 60 3.57 -2.82 -4.37
N LEU A 61 2.70 -1.83 -4.33
CA LEU A 61 1.29 -2.07 -3.99
C LEU A 61 0.54 -2.60 -5.21
N ILE A 62 -0.31 -3.59 -4.99
CA ILE A 62 -1.09 -4.18 -6.07
C ILE A 62 -2.59 -4.10 -5.81
N ALA A 63 -2.99 -4.21 -4.55
CA ALA A 63 -4.40 -4.15 -4.20
C ALA A 63 -4.59 -3.79 -2.72
N VAL A 64 -5.81 -3.40 -2.38
CA VAL A 64 -6.15 -3.05 -1.00
C VAL A 64 -7.61 -3.37 -0.70
N ASN A 65 -7.83 -4.42 0.09
CA ASN A 65 -9.18 -4.84 0.46
C ASN A 65 -9.99 -5.18 -0.79
N GLY A 66 -9.34 -5.75 -1.79
CA GLY A 66 -10.01 -6.11 -3.02
C GLY A 66 -9.91 -5.02 -4.07
N GLU A 67 -9.56 -3.81 -3.64
CA GLU A 67 -9.43 -2.68 -4.56
C GLU A 67 -8.10 -2.75 -5.31
N SER A 68 -8.13 -3.36 -6.49
CA SER A 68 -6.93 -3.50 -7.31
C SER A 68 -6.29 -2.13 -7.58
N LEU A 69 -4.97 -2.11 -7.65
CA LEU A 69 -4.24 -0.88 -7.90
C LEU A 69 -3.54 -0.90 -9.25
N LEU A 70 -3.33 -2.10 -9.79
CA LEU A 70 -2.67 -2.25 -11.09
C LEU A 70 -3.27 -1.32 -12.13
N GLY A 71 -4.60 -1.33 -12.23
CA GLY A 71 -5.27 -0.46 -13.19
C GLY A 71 -5.18 1.00 -12.81
N LYS A 72 -5.09 1.26 -11.51
CA LYS A 72 -4.98 2.62 -11.01
C LYS A 72 -3.57 3.17 -11.19
N ALA A 73 -3.50 4.41 -11.64
CA ALA A 73 -2.22 5.06 -11.87
C ALA A 73 -1.62 5.48 -10.53
N ASN A 74 -0.55 6.27 -10.59
CA ASN A 74 0.11 6.74 -9.38
C ASN A 74 -0.87 7.50 -8.48
N GLN A 75 -1.56 8.47 -9.06
CA GLN A 75 -2.52 9.29 -8.32
C GLN A 75 -3.72 8.47 -7.85
N GLU A 76 -4.28 7.67 -8.74
CA GLU A 76 -5.45 6.85 -8.40
C GLU A 76 -5.12 5.89 -7.27
N ALA A 77 -4.07 5.12 -7.44
CA ALA A 77 -3.65 4.15 -6.44
C ALA A 77 -3.30 4.84 -5.14
N MET A 78 -2.74 6.04 -5.23
CA MET A 78 -2.37 6.80 -4.05
C MET A 78 -3.61 7.24 -3.29
N GLU A 79 -4.70 7.44 -4.03
CA GLU A 79 -5.96 7.84 -3.43
C GLU A 79 -6.66 6.63 -2.85
N THR A 80 -6.56 5.52 -3.55
CA THR A 80 -7.17 4.27 -3.10
C THR A 80 -6.64 3.91 -1.72
N LEU A 81 -5.34 4.13 -1.52
CA LEU A 81 -4.72 3.85 -0.24
C LEU A 81 -5.22 4.84 0.78
N ARG A 82 -5.07 6.13 0.46
CA ARG A 82 -5.55 7.20 1.32
C ARG A 82 -7.05 7.05 1.55
N ARG A 83 -7.71 6.44 0.57
CA ARG A 83 -9.14 6.19 0.63
C ARG A 83 -9.43 5.08 1.62
N SER A 84 -8.61 4.04 1.57
CA SER A 84 -8.77 2.90 2.48
C SER A 84 -8.49 3.35 3.91
N MET A 85 -7.40 4.10 4.07
CA MET A 85 -7.02 4.61 5.37
C MET A 85 -8.00 5.71 5.83
N SER A 86 -8.72 6.27 4.86
CA SER A 86 -9.68 7.34 5.14
C SER A 86 -10.98 6.79 5.74
N THR A 87 -11.60 5.84 5.06
CA THR A 87 -12.86 5.27 5.54
C THR A 87 -13.35 4.14 4.64
N GLU A 88 -12.79 2.96 4.82
CA GLU A 88 -13.18 1.78 4.04
C GLU A 88 -12.27 0.61 4.39
N GLY A 89 -10.96 0.85 4.29
CA GLY A 89 -10.00 -0.18 4.63
C GLY A 89 -10.13 -0.54 6.10
N ASN A 90 -10.50 0.45 6.90
CA ASN A 90 -10.69 0.27 8.34
C ASN A 90 -12.06 -0.35 8.61
N LYS A 91 -13.03 0.48 9.01
CA LYS A 91 -14.39 0.01 9.28
C LYS A 91 -14.40 -1.32 10.06
N ARG A 92 -13.34 -1.58 10.80
CA ARG A 92 -13.24 -2.82 11.57
C ARG A 92 -12.04 -2.80 12.51
N GLY A 93 -10.95 -2.18 12.06
CA GLY A 93 -9.75 -2.10 12.85
C GLY A 93 -8.55 -2.68 12.12
N MET A 94 -8.66 -2.80 10.81
CA MET A 94 -7.60 -3.35 9.98
C MET A 94 -7.97 -3.31 8.50
N ILE A 95 -6.95 -3.38 7.65
CA ILE A 95 -7.16 -3.37 6.21
C ILE A 95 -6.12 -4.24 5.49
N GLN A 96 -6.54 -4.89 4.42
CA GLN A 96 -5.65 -5.75 3.66
C GLN A 96 -5.04 -5.00 2.48
N LEU A 97 -3.78 -5.30 2.18
CA LEU A 97 -3.08 -4.64 1.08
C LEU A 97 -2.14 -5.60 0.37
N ILE A 98 -2.44 -5.90 -0.89
CA ILE A 98 -1.61 -6.80 -1.68
C ILE A 98 -0.43 -6.05 -2.28
N VAL A 99 0.71 -6.71 -2.34
CA VAL A 99 1.91 -6.08 -2.88
C VAL A 99 2.74 -7.07 -3.70
N ALA A 100 3.83 -6.58 -4.28
CA ALA A 100 4.72 -7.40 -5.09
C ALA A 100 6.16 -6.94 -4.91
N ARG A 101 7.07 -7.89 -4.71
CA ARG A 101 8.48 -7.57 -4.53
C ARG A 101 9.37 -8.52 -5.34
N ARG A 102 10.54 -8.01 -5.72
CA ARG A 102 11.48 -8.80 -6.50
C ARG A 102 12.40 -9.62 -5.58
N ILE A 103 12.85 -10.77 -6.05
CA ILE A 103 13.72 -11.63 -5.26
C ILE A 103 15.17 -11.51 -5.74
N SER A 104 16.11 -11.90 -4.86
CA SER A 104 17.52 -11.84 -5.18
C SER A 104 18.19 -13.20 -4.94
N GLY A 1 9.92 -16.06 -10.94
CA GLY A 1 11.30 -15.83 -11.34
C GLY A 1 11.89 -14.57 -10.72
N THR A 2 11.04 -13.57 -10.52
CA THR A 2 11.47 -12.31 -9.92
C THR A 2 10.29 -11.38 -9.71
N ARG A 3 9.26 -11.88 -9.04
CA ARG A 3 8.06 -11.10 -8.76
C ARG A 3 7.03 -11.93 -7.99
N GLU A 4 6.95 -11.70 -6.68
CA GLU A 4 6.02 -12.44 -5.84
C GLU A 4 4.99 -11.50 -5.23
N PHE A 5 3.76 -11.99 -5.12
CA PHE A 5 2.67 -11.20 -4.54
C PHE A 5 2.40 -11.62 -3.09
N LEU A 6 2.28 -10.64 -2.20
CA LEU A 6 2.04 -10.92 -0.79
C LEU A 6 0.81 -10.17 -0.28
N THR A 7 0.24 -10.67 0.81
CA THR A 7 -0.94 -10.06 1.41
C THR A 7 -0.68 -9.75 2.89
N PHE A 8 -1.02 -8.54 3.30
CA PHE A 8 -0.81 -8.12 4.69
C PHE A 8 -2.04 -7.41 5.26
N GLU A 9 -2.27 -7.61 6.55
CA GLU A 9 -3.39 -6.97 7.24
C GLU A 9 -2.88 -5.91 8.19
N VAL A 10 -3.15 -4.64 7.85
CA VAL A 10 -2.69 -3.52 8.67
C VAL A 10 -3.82 -2.99 9.58
N PRO A 11 -3.74 -3.30 10.88
CA PRO A 11 -4.74 -2.85 11.86
C PRO A 11 -4.54 -1.41 12.29
N LEU A 12 -5.28 -0.49 11.65
CA LEU A 12 -5.18 0.93 11.99
C LEU A 12 -6.13 1.29 13.13
N ASN A 13 -6.45 0.29 13.93
CA ASN A 13 -7.35 0.46 15.07
C ASN A 13 -7.04 1.72 15.86
N ASP A 14 -5.79 2.17 15.81
CA ASP A 14 -5.37 3.36 16.52
C ASP A 14 -4.37 4.19 15.72
N SER A 15 -4.31 3.94 14.42
CA SER A 15 -3.38 4.67 13.55
C SER A 15 -4.14 5.59 12.59
N GLY A 16 -5.44 5.35 12.44
CA GLY A 16 -6.25 6.15 11.56
C GLY A 16 -6.04 7.65 11.74
N SER A 17 -5.67 8.04 12.96
CA SER A 17 -5.42 9.45 13.27
C SER A 17 -4.41 10.04 12.30
N ALA A 18 -3.48 9.21 11.84
CA ALA A 18 -2.45 9.64 10.90
C ALA A 18 -2.70 9.05 9.51
N GLY A 19 -3.43 7.95 9.47
CA GLY A 19 -3.72 7.30 8.21
C GLY A 19 -3.55 5.79 8.28
N LEU A 20 -2.38 5.36 8.72
CA LEU A 20 -2.09 3.94 8.85
C LEU A 20 -0.68 3.71 9.40
N GLY A 21 0.26 4.57 9.03
CA GLY A 21 1.61 4.43 9.50
C GLY A 21 2.59 4.20 8.38
N VAL A 22 2.41 4.93 7.28
CA VAL A 22 3.31 4.81 6.13
C VAL A 22 2.80 5.63 4.95
N SER A 23 3.71 5.96 4.05
CA SER A 23 3.38 6.73 2.86
C SER A 23 3.98 6.06 1.63
N VAL A 24 3.34 6.28 0.48
CA VAL A 24 3.80 5.68 -0.76
C VAL A 24 3.80 6.69 -1.91
N LYS A 25 4.62 6.43 -2.92
CA LYS A 25 4.72 7.31 -4.08
C LYS A 25 4.56 6.50 -5.37
N GLY A 26 3.85 7.08 -6.33
CA GLY A 26 3.64 6.39 -7.59
C GLY A 26 4.63 6.82 -8.66
N ASN A 27 5.16 5.85 -9.40
CA ASN A 27 6.11 6.12 -10.46
C ASN A 27 5.64 5.52 -11.78
N ARG A 28 6.16 6.03 -12.89
CA ARG A 28 5.79 5.54 -14.20
C ARG A 28 7.01 5.02 -14.94
N SER A 29 6.77 4.14 -15.92
CA SER A 29 7.85 3.55 -16.70
C SER A 29 8.77 4.63 -17.28
N LYS A 30 10.07 4.34 -17.31
CA LYS A 30 11.05 5.28 -17.83
C LYS A 30 10.95 5.38 -19.35
N GLU A 31 10.37 4.35 -19.97
CA GLU A 31 10.23 4.32 -21.43
C GLU A 31 8.91 4.95 -21.85
N ASN A 32 7.90 4.86 -20.99
CA ASN A 32 6.59 5.42 -21.29
C ASN A 32 5.84 5.78 -20.00
N HIS A 33 4.81 6.61 -20.14
CA HIS A 33 4.03 7.04 -18.99
C HIS A 33 3.18 5.87 -18.44
N ALA A 34 3.87 4.86 -17.92
CA ALA A 34 3.19 3.69 -17.37
C ALA A 34 3.37 3.62 -15.86
N ASP A 35 2.43 4.19 -15.12
CA ASP A 35 2.49 4.19 -13.66
C ASP A 35 2.71 2.77 -13.12
N LEU A 36 3.98 2.44 -12.88
CA LEU A 36 4.34 1.13 -12.37
C LEU A 36 3.53 0.78 -11.12
N GLY A 37 3.17 1.82 -10.36
CA GLY A 37 2.41 1.63 -9.15
C GLY A 37 2.97 2.44 -8.00
N ILE A 38 2.49 2.16 -6.79
CA ILE A 38 2.96 2.88 -5.61
C ILE A 38 3.91 2.01 -4.79
N PHE A 39 4.97 2.63 -4.29
CA PHE A 39 5.97 1.94 -3.49
C PHE A 39 6.09 2.57 -2.11
N VAL A 40 6.28 1.74 -1.09
CA VAL A 40 6.41 2.23 0.28
C VAL A 40 7.52 3.28 0.37
N LYS A 41 7.12 4.53 0.58
CA LYS A 41 8.06 5.63 0.68
C LYS A 41 8.64 5.74 2.09
N SER A 42 7.80 5.53 3.10
CA SER A 42 8.26 5.62 4.48
C SER A 42 7.19 5.13 5.45
N ILE A 43 7.60 4.33 6.42
CA ILE A 43 6.67 3.79 7.41
C ILE A 43 6.82 4.47 8.76
N ILE A 44 5.74 4.51 9.52
CA ILE A 44 5.72 5.12 10.84
C ILE A 44 5.75 4.06 11.93
N ASN A 45 6.91 3.84 12.52
CA ASN A 45 7.06 2.85 13.59
C ASN A 45 6.25 3.23 14.82
N GLY A 46 4.93 3.04 14.73
CA GLY A 46 4.06 3.37 15.84
C GLY A 46 2.64 2.91 15.63
N GLY A 47 2.22 2.79 14.37
CA GLY A 47 0.87 2.35 14.08
C GLY A 47 0.82 1.02 13.36
N ALA A 48 -0.37 0.68 12.85
CA ALA A 48 -0.59 -0.59 12.14
C ALA A 48 0.56 -0.95 11.21
N ALA A 49 0.90 -0.05 10.29
CA ALA A 49 1.96 -0.30 9.33
C ALA A 49 3.24 -0.75 10.03
N SER A 50 3.45 -0.26 11.24
CA SER A 50 4.63 -0.63 12.02
C SER A 50 4.46 -2.01 12.62
N LYS A 51 3.41 -2.17 13.41
CA LYS A 51 3.13 -3.46 14.05
C LYS A 51 2.97 -4.55 13.00
N ASP A 52 2.60 -4.15 11.79
CA ASP A 52 2.41 -5.11 10.70
C ASP A 52 3.64 -5.99 10.53
N GLY A 53 4.80 -5.34 10.44
CA GLY A 53 6.04 -6.08 10.29
C GLY A 53 6.12 -6.85 8.98
N ARG A 54 5.22 -6.53 8.05
CA ARG A 54 5.19 -7.20 6.76
C ARG A 54 5.46 -6.22 5.62
N LEU A 55 5.40 -4.93 5.94
CA LEU A 55 5.63 -3.88 4.95
C LEU A 55 7.12 -3.58 4.81
N ARG A 56 7.52 -3.18 3.61
CA ARG A 56 8.92 -2.85 3.35
C ARG A 56 9.02 -1.56 2.54
N VAL A 57 9.98 -0.71 2.90
CA VAL A 57 10.17 0.56 2.20
C VAL A 57 10.70 0.32 0.79
N ASN A 58 9.84 -0.23 -0.07
CA ASN A 58 10.21 -0.50 -1.46
C ASN A 58 9.15 -1.37 -2.15
N ASP A 59 8.37 -2.10 -1.35
CA ASP A 59 7.33 -2.97 -1.89
C ASP A 59 6.39 -2.20 -2.82
N GLN A 60 5.95 -2.86 -3.88
CA GLN A 60 5.05 -2.24 -4.85
C GLN A 60 3.60 -2.62 -4.58
N LEU A 61 2.80 -1.63 -4.16
CA LEU A 61 1.39 -1.87 -3.87
C LEU A 61 0.66 -2.34 -5.12
N ILE A 62 -0.17 -3.36 -4.96
CA ILE A 62 -0.91 -3.91 -6.10
C ILE A 62 -2.42 -3.91 -5.84
N ALA A 63 -2.83 -4.12 -4.59
CA ALA A 63 -4.25 -4.16 -4.25
C ALA A 63 -4.49 -3.76 -2.80
N VAL A 64 -5.76 -3.62 -2.45
CA VAL A 64 -6.16 -3.25 -1.10
C VAL A 64 -7.61 -3.65 -0.82
N ASN A 65 -7.78 -4.73 -0.05
CA ASN A 65 -9.11 -5.22 0.28
C ASN A 65 -9.87 -5.61 -0.98
N GLY A 66 -9.15 -6.16 -1.95
CA GLY A 66 -9.78 -6.55 -3.19
C GLY A 66 -9.73 -5.47 -4.25
N GLU A 67 -9.45 -4.24 -3.83
CA GLU A 67 -9.36 -3.11 -4.75
C GLU A 67 -8.03 -3.12 -5.49
N SER A 68 -8.05 -3.64 -6.71
CA SER A 68 -6.84 -3.72 -7.52
C SER A 68 -6.30 -2.32 -7.84
N LEU A 69 -5.06 -2.08 -7.45
CA LEU A 69 -4.41 -0.79 -7.69
C LEU A 69 -3.75 -0.74 -9.05
N LEU A 70 -3.57 -1.91 -9.68
CA LEU A 70 -2.93 -2.00 -10.99
C LEU A 70 -3.49 -0.94 -11.95
N GLY A 71 -4.79 -1.04 -12.22
CA GLY A 71 -5.42 -0.10 -13.12
C GLY A 71 -5.33 1.34 -12.63
N LYS A 72 -5.22 1.51 -11.32
CA LYS A 72 -5.12 2.82 -10.72
C LYS A 72 -3.71 3.39 -10.85
N ALA A 73 -3.63 4.63 -11.29
CA ALA A 73 -2.36 5.31 -11.45
C ALA A 73 -1.84 5.77 -10.09
N ASN A 74 -0.76 6.54 -10.10
CA ASN A 74 -0.17 7.04 -8.86
C ASN A 74 -1.23 7.70 -7.98
N GLN A 75 -1.87 8.73 -8.52
CA GLN A 75 -2.90 9.47 -7.78
C GLN A 75 -4.08 8.58 -7.42
N GLU A 76 -4.55 7.78 -8.38
CA GLU A 76 -5.69 6.90 -8.14
C GLU A 76 -5.39 5.91 -7.03
N ALA A 77 -4.28 5.20 -7.17
CA ALA A 77 -3.89 4.21 -6.18
C ALA A 77 -3.67 4.89 -4.84
N MET A 78 -3.17 6.13 -4.88
CA MET A 78 -2.95 6.88 -3.67
C MET A 78 -4.28 7.29 -3.06
N GLU A 79 -5.31 7.35 -3.90
CA GLU A 79 -6.65 7.70 -3.47
C GLU A 79 -7.34 6.48 -2.89
N THR A 80 -7.24 5.37 -3.60
CA THR A 80 -7.85 4.13 -3.15
C THR A 80 -7.30 3.75 -1.79
N LEU A 81 -6.01 4.02 -1.60
CA LEU A 81 -5.36 3.76 -0.33
C LEU A 81 -5.89 4.72 0.71
N ARG A 82 -5.80 6.01 0.39
CA ARG A 82 -6.30 7.05 1.28
C ARG A 82 -7.79 6.82 1.53
N ARG A 83 -8.46 6.25 0.54
CA ARG A 83 -9.87 5.95 0.63
C ARG A 83 -10.10 4.78 1.57
N SER A 84 -9.22 3.80 1.48
CA SER A 84 -9.32 2.62 2.33
C SER A 84 -9.01 2.98 3.77
N MET A 85 -7.96 3.76 3.96
CA MET A 85 -7.56 4.20 5.29
C MET A 85 -8.62 5.13 5.87
N SER A 86 -9.35 5.79 4.98
CA SER A 86 -10.39 6.72 5.38
C SER A 86 -11.62 6.02 5.94
N THR A 87 -12.23 5.14 5.14
CA THR A 87 -13.43 4.43 5.58
C THR A 87 -13.95 3.46 4.52
N GLU A 88 -13.18 2.44 4.22
CA GLU A 88 -13.57 1.45 3.22
C GLU A 88 -12.80 0.16 3.45
N GLY A 89 -11.49 0.31 3.54
CA GLY A 89 -10.63 -0.82 3.78
C GLY A 89 -10.57 -1.13 5.26
N ASN A 90 -10.75 -0.08 6.07
CA ASN A 90 -10.73 -0.22 7.52
C ASN A 90 -12.14 -0.45 8.04
N LYS A 91 -12.88 0.64 8.25
CA LYS A 91 -14.26 0.56 8.75
C LYS A 91 -14.41 -0.53 9.82
N ARG A 92 -13.31 -0.82 10.51
CA ARG A 92 -13.31 -1.85 11.55
C ARG A 92 -12.07 -1.76 12.45
N GLY A 93 -10.95 -1.32 11.88
CA GLY A 93 -9.72 -1.20 12.64
C GLY A 93 -8.56 -1.93 11.99
N MET A 94 -8.71 -2.22 10.70
CA MET A 94 -7.68 -2.91 9.95
C MET A 94 -8.04 -3.02 8.47
N ILE A 95 -7.02 -3.14 7.62
CA ILE A 95 -7.23 -3.24 6.18
C ILE A 95 -6.19 -4.16 5.52
N GLN A 96 -6.59 -4.83 4.45
CA GLN A 96 -5.69 -5.72 3.73
C GLN A 96 -5.04 -5.00 2.55
N LEU A 97 -3.75 -5.22 2.35
CA LEU A 97 -3.02 -4.59 1.26
C LEU A 97 -2.11 -5.58 0.55
N ILE A 98 -2.22 -5.63 -0.77
CA ILE A 98 -1.40 -6.53 -1.57
C ILE A 98 -0.24 -5.77 -2.21
N VAL A 99 0.91 -6.44 -2.28
CA VAL A 99 2.11 -5.84 -2.85
C VAL A 99 2.89 -6.84 -3.68
N ALA A 100 3.99 -6.37 -4.27
CA ALA A 100 4.85 -7.22 -5.09
C ALA A 100 6.31 -7.02 -4.74
N ARG A 101 7.08 -8.11 -4.75
CA ARG A 101 8.50 -8.07 -4.44
C ARG A 101 9.33 -8.65 -5.57
N ARG A 102 10.42 -7.98 -5.92
CA ARG A 102 11.30 -8.44 -6.98
C ARG A 102 12.39 -9.35 -6.43
N ILE A 103 12.54 -10.53 -7.02
CA ILE A 103 13.56 -11.48 -6.58
C ILE A 103 14.86 -11.29 -7.35
N SER A 104 15.94 -11.85 -6.82
CA SER A 104 17.25 -11.75 -7.45
C SER A 104 18.10 -12.98 -7.15
N GLY A 1 9.30 -16.33 -11.24
CA GLY A 1 10.35 -15.69 -12.00
C GLY A 1 11.04 -14.58 -11.23
N THR A 2 10.37 -13.45 -11.11
CA THR A 2 10.93 -12.31 -10.39
C THR A 2 9.81 -11.36 -9.92
N ARG A 3 8.75 -11.92 -9.36
CA ARG A 3 7.63 -11.14 -8.88
C ARG A 3 6.64 -12.00 -8.12
N GLU A 4 6.60 -11.84 -6.80
CA GLU A 4 5.70 -12.62 -5.96
C GLU A 4 4.76 -11.70 -5.18
N PHE A 5 3.47 -12.05 -5.18
CA PHE A 5 2.47 -11.27 -4.47
C PHE A 5 2.53 -11.52 -2.98
N LEU A 6 2.29 -10.48 -2.19
CA LEU A 6 2.33 -10.59 -0.73
C LEU A 6 1.13 -9.90 -0.09
N THR A 7 0.25 -10.69 0.51
CA THR A 7 -0.94 -10.15 1.16
C THR A 7 -0.64 -9.83 2.61
N PHE A 8 -0.99 -8.61 3.04
CA PHE A 8 -0.75 -8.18 4.41
C PHE A 8 -2.00 -7.62 5.06
N GLU A 9 -2.07 -7.71 6.38
CA GLU A 9 -3.20 -7.20 7.14
C GLU A 9 -2.73 -6.16 8.14
N VAL A 10 -3.02 -4.89 7.86
CA VAL A 10 -2.60 -3.80 8.74
C VAL A 10 -3.72 -3.34 9.64
N PRO A 11 -3.61 -3.60 10.96
CA PRO A 11 -4.63 -3.21 11.94
C PRO A 11 -4.50 -1.75 12.37
N LEU A 12 -5.27 -0.87 11.72
CA LEU A 12 -5.24 0.55 12.05
C LEU A 12 -6.19 0.86 13.20
N ASN A 13 -6.47 -0.15 14.01
CA ASN A 13 -7.35 -0.04 15.16
C ASN A 13 -7.15 1.27 15.92
N ASP A 14 -5.93 1.82 15.85
CA ASP A 14 -5.63 3.07 16.54
C ASP A 14 -4.60 3.90 15.78
N SER A 15 -4.46 3.64 14.49
CA SER A 15 -3.50 4.38 13.67
C SER A 15 -4.24 5.26 12.63
N GLY A 16 -5.54 5.04 12.50
CA GLY A 16 -6.32 5.82 11.55
C GLY A 16 -6.18 7.30 11.75
N SER A 17 -5.92 7.72 12.99
CA SER A 17 -5.76 9.13 13.31
C SER A 17 -4.73 9.78 12.40
N ALA A 18 -3.75 8.98 11.98
CA ALA A 18 -2.69 9.46 11.10
C ALA A 18 -2.88 8.93 9.68
N GLY A 19 -3.63 7.84 9.55
CA GLY A 19 -3.87 7.25 8.25
C GLY A 19 -3.12 5.94 8.07
N LEU A 20 -3.32 5.01 8.99
CA LEU A 20 -2.67 3.70 8.94
C LEU A 20 -1.22 3.79 9.43
N GLY A 21 -0.43 4.66 8.80
CA GLY A 21 0.95 4.81 9.20
C GLY A 21 1.90 4.38 8.10
N VAL A 22 1.80 5.02 6.94
CA VAL A 22 2.67 4.71 5.81
C VAL A 22 2.44 5.66 4.64
N SER A 23 3.47 5.82 3.81
CA SER A 23 3.38 6.68 2.65
C SER A 23 3.87 5.94 1.41
N VAL A 24 3.26 6.22 0.27
CA VAL A 24 3.64 5.57 -0.98
C VAL A 24 3.68 6.55 -2.14
N LYS A 25 4.70 6.40 -2.99
CA LYS A 25 4.85 7.26 -4.15
C LYS A 25 4.69 6.46 -5.44
N GLY A 26 4.23 7.13 -6.49
CA GLY A 26 4.03 6.45 -7.76
C GLY A 26 5.11 6.77 -8.77
N ASN A 27 5.44 5.78 -9.61
CA ASN A 27 6.46 5.96 -10.62
C ASN A 27 5.97 5.46 -11.98
N ARG A 28 6.42 6.12 -13.04
CA ARG A 28 6.03 5.75 -14.40
C ARG A 28 7.13 4.93 -15.07
N SER A 29 6.78 4.29 -16.18
CA SER A 29 7.75 3.48 -16.92
C SER A 29 8.98 4.29 -17.32
N LYS A 30 10.15 3.78 -16.99
CA LYS A 30 11.40 4.46 -17.32
C LYS A 30 11.55 4.64 -18.83
N GLU A 31 10.81 3.84 -19.59
CA GLU A 31 10.87 3.91 -21.04
C GLU A 31 9.77 4.81 -21.60
N ASN A 32 8.73 5.03 -20.82
CA ASN A 32 7.62 5.87 -21.25
C ASN A 32 6.72 6.26 -20.08
N HIS A 33 5.97 7.35 -20.23
CA HIS A 33 5.08 7.82 -19.19
C HIS A 33 3.97 6.81 -18.92
N ALA A 34 4.31 5.75 -18.17
CA ALA A 34 3.35 4.71 -17.84
C ALA A 34 3.38 4.38 -16.36
N ASP A 35 2.39 4.87 -15.63
CA ASP A 35 2.30 4.64 -14.19
C ASP A 35 2.32 3.14 -13.88
N LEU A 36 3.43 2.68 -13.31
CA LEU A 36 3.56 1.26 -12.96
C LEU A 36 2.82 0.95 -11.66
N GLY A 37 2.88 1.87 -10.71
CA GLY A 37 2.22 1.67 -9.44
C GLY A 37 2.83 2.50 -8.33
N ILE A 38 2.50 2.16 -7.09
CA ILE A 38 3.01 2.87 -5.93
C ILE A 38 3.89 1.97 -5.06
N PHE A 39 4.92 2.55 -4.46
CA PHE A 39 5.84 1.81 -3.60
C PHE A 39 5.92 2.45 -2.23
N VAL A 40 6.06 1.62 -1.19
CA VAL A 40 6.16 2.12 0.17
C VAL A 40 7.30 3.11 0.30
N LYS A 41 6.97 4.40 0.37
CA LYS A 41 7.96 5.46 0.49
C LYS A 41 8.49 5.55 1.91
N SER A 42 7.60 5.40 2.89
CA SER A 42 7.99 5.47 4.29
C SER A 42 6.94 4.80 5.18
N ILE A 43 7.26 4.68 6.46
CA ILE A 43 6.33 4.06 7.41
C ILE A 43 6.31 4.82 8.73
N ILE A 44 5.22 4.66 9.47
CA ILE A 44 5.05 5.32 10.75
C ILE A 44 5.26 4.33 11.89
N ASN A 45 6.48 4.25 12.40
CA ASN A 45 6.81 3.33 13.48
C ASN A 45 6.01 3.67 14.74
N GLY A 46 4.72 3.35 14.70
CA GLY A 46 3.85 3.62 15.83
C GLY A 46 2.45 3.06 15.63
N GLY A 47 2.03 2.95 14.37
CA GLY A 47 0.71 2.43 14.08
C GLY A 47 0.75 1.05 13.44
N ALA A 48 -0.39 0.64 12.91
CA ALA A 48 -0.52 -0.67 12.28
C ALA A 48 0.63 -1.01 11.34
N ALA A 49 0.89 -0.13 10.38
CA ALA A 49 1.96 -0.36 9.41
C ALA A 49 3.28 -0.70 10.11
N SER A 50 3.46 -0.15 11.30
CA SER A 50 4.67 -0.40 12.08
C SER A 50 4.61 -1.78 12.70
N LYS A 51 3.60 -1.98 13.55
CA LYS A 51 3.41 -3.26 14.23
C LYS A 51 3.25 -4.40 13.22
N ASP A 52 2.81 -4.06 12.02
CA ASP A 52 2.61 -5.04 10.96
C ASP A 52 3.89 -5.81 10.69
N GLY A 53 4.99 -5.09 10.48
CA GLY A 53 6.26 -5.72 10.21
C GLY A 53 6.26 -6.48 8.90
N ARG A 54 5.67 -5.88 7.87
CA ARG A 54 5.60 -6.51 6.56
C ARG A 54 5.85 -5.49 5.45
N LEU A 55 4.99 -4.49 5.40
CA LEU A 55 5.10 -3.42 4.41
C LEU A 55 6.53 -2.91 4.29
N ARG A 56 7.28 -3.46 3.35
CA ARG A 56 8.67 -3.06 3.15
C ARG A 56 8.75 -1.75 2.38
N VAL A 57 9.68 -0.89 2.77
CA VAL A 57 9.85 0.40 2.11
C VAL A 57 10.39 0.23 0.69
N ASN A 58 9.54 -0.30 -0.20
CA ASN A 58 9.93 -0.52 -1.59
C ASN A 58 8.89 -1.37 -2.32
N ASP A 59 8.16 -2.20 -1.57
CA ASP A 59 7.15 -3.07 -2.15
C ASP A 59 6.14 -2.28 -2.96
N GLN A 60 5.71 -2.85 -4.08
CA GLN A 60 4.74 -2.20 -4.96
C GLN A 60 3.32 -2.66 -4.64
N LEU A 61 2.50 -1.75 -4.13
CA LEU A 61 1.11 -2.06 -3.79
C LEU A 61 0.35 -2.57 -5.01
N ILE A 62 -0.27 -3.73 -4.87
CA ILE A 62 -1.03 -4.33 -5.95
C ILE A 62 -2.53 -4.23 -5.70
N ALA A 63 -2.93 -4.28 -4.44
CA ALA A 63 -4.34 -4.20 -4.08
C ALA A 63 -4.52 -3.80 -2.62
N VAL A 64 -5.77 -3.52 -2.25
CA VAL A 64 -6.09 -3.13 -0.89
C VAL A 64 -7.57 -3.37 -0.58
N ASN A 65 -7.83 -4.33 0.31
CA ASN A 65 -9.21 -4.67 0.69
C ASN A 65 -10.05 -4.99 -0.55
N GLY A 66 -9.40 -5.58 -1.54
CA GLY A 66 -10.11 -5.93 -2.76
C GLY A 66 -9.92 -4.89 -3.85
N GLU A 67 -9.48 -3.69 -3.46
CA GLU A 67 -9.26 -2.60 -4.41
C GLU A 67 -7.99 -2.85 -5.21
N SER A 68 -8.15 -3.49 -6.37
CA SER A 68 -7.02 -3.79 -7.24
C SER A 68 -6.33 -2.51 -7.71
N LEU A 69 -5.12 -2.28 -7.20
CA LEU A 69 -4.36 -1.10 -7.56
C LEU A 69 -3.85 -1.21 -9.00
N LEU A 70 -3.75 -2.44 -9.50
CA LEU A 70 -3.28 -2.67 -10.86
C LEU A 70 -4.13 -1.89 -11.86
N GLY A 71 -3.47 -1.04 -12.64
CA GLY A 71 -4.19 -0.24 -13.62
C GLY A 71 -4.36 1.19 -13.16
N LYS A 72 -4.48 1.37 -11.85
CA LYS A 72 -4.65 2.69 -11.26
C LYS A 72 -3.36 3.47 -11.32
N ALA A 73 -3.48 4.75 -11.68
CA ALA A 73 -2.32 5.61 -11.76
C ALA A 73 -1.81 5.92 -10.36
N ASN A 74 -0.68 6.58 -10.28
CA ASN A 74 -0.10 6.93 -8.99
C ASN A 74 -1.15 7.58 -8.08
N GLN A 75 -1.89 8.53 -8.65
CA GLN A 75 -2.92 9.24 -7.90
C GLN A 75 -4.13 8.37 -7.55
N GLU A 76 -4.51 7.47 -8.46
CA GLU A 76 -5.66 6.61 -8.22
C GLU A 76 -5.36 5.56 -7.16
N ALA A 77 -4.18 4.97 -7.23
CA ALA A 77 -3.79 3.97 -6.27
C ALA A 77 -3.55 4.62 -4.92
N MET A 78 -3.07 5.86 -4.95
CA MET A 78 -2.80 6.60 -3.73
C MET A 78 -4.11 7.06 -3.09
N GLU A 79 -5.10 7.34 -3.93
CA GLU A 79 -6.40 7.76 -3.44
C GLU A 79 -7.14 6.56 -2.90
N THR A 80 -6.99 5.44 -3.58
CA THR A 80 -7.61 4.20 -3.14
C THR A 80 -7.11 3.85 -1.76
N LEU A 81 -5.81 4.10 -1.55
CA LEU A 81 -5.19 3.85 -0.26
C LEU A 81 -5.79 4.80 0.77
N ARG A 82 -5.73 6.09 0.46
CA ARG A 82 -6.31 7.10 1.33
C ARG A 82 -7.79 6.78 1.53
N ARG A 83 -8.38 6.12 0.54
CA ARG A 83 -9.77 5.71 0.60
C ARG A 83 -9.92 4.63 1.66
N SER A 84 -9.13 3.57 1.52
CA SER A 84 -9.14 2.47 2.48
C SER A 84 -8.72 2.98 3.86
N MET A 85 -7.88 4.00 3.85
CA MET A 85 -7.39 4.61 5.08
C MET A 85 -8.35 5.68 5.59
N SER A 86 -9.33 6.05 4.77
CA SER A 86 -10.29 7.08 5.14
C SER A 86 -11.58 6.50 5.72
N THR A 87 -12.09 5.44 5.09
CA THR A 87 -13.35 4.83 5.56
C THR A 87 -13.74 3.63 4.70
N GLU A 88 -13.11 2.49 4.96
CA GLU A 88 -13.39 1.26 4.23
C GLU A 88 -12.31 0.25 4.55
N GLY A 89 -11.06 0.69 4.44
CA GLY A 89 -9.96 -0.18 4.78
C GLY A 89 -10.00 -0.46 6.26
N ASN A 90 -10.46 0.53 7.01
CA ASN A 90 -10.58 0.40 8.46
C ASN A 90 -11.93 -0.22 8.79
N LYS A 91 -12.92 0.61 9.13
CA LYS A 91 -14.27 0.13 9.45
C LYS A 91 -14.28 -0.69 10.75
N ARG A 92 -13.24 -1.50 10.99
CA ARG A 92 -13.17 -2.33 12.18
C ARG A 92 -11.87 -2.08 12.96
N GLY A 93 -10.80 -1.84 12.23
CA GLY A 93 -9.51 -1.59 12.86
C GLY A 93 -8.35 -2.24 12.12
N MET A 94 -8.59 -2.67 10.88
CA MET A 94 -7.56 -3.31 10.08
C MET A 94 -7.93 -3.31 8.60
N ILE A 95 -6.92 -3.30 7.74
CA ILE A 95 -7.13 -3.29 6.29
C ILE A 95 -6.10 -4.17 5.58
N GLN A 96 -6.55 -4.86 4.54
CA GLN A 96 -5.67 -5.73 3.77
C GLN A 96 -4.92 -4.94 2.69
N LEU A 97 -3.65 -5.25 2.51
CA LEU A 97 -2.84 -4.55 1.52
C LEU A 97 -1.97 -5.52 0.73
N ILE A 98 -2.27 -5.68 -0.55
CA ILE A 98 -1.51 -6.56 -1.42
C ILE A 98 -0.36 -5.81 -2.07
N VAL A 99 0.77 -6.49 -2.22
CA VAL A 99 1.95 -5.88 -2.82
C VAL A 99 2.69 -6.86 -3.71
N ALA A 100 3.63 -6.34 -4.49
CA ALA A 100 4.43 -7.15 -5.40
C ALA A 100 5.92 -6.89 -5.20
N ARG A 101 6.68 -7.94 -4.99
CA ARG A 101 8.12 -7.82 -4.78
C ARG A 101 8.90 -8.71 -5.74
N ARG A 102 10.08 -8.25 -6.14
CA ARG A 102 10.93 -9.01 -7.05
C ARG A 102 11.61 -10.18 -6.33
N ILE A 103 11.87 -11.25 -7.05
CA ILE A 103 12.51 -12.43 -6.48
C ILE A 103 14.02 -12.25 -6.41
N SER A 104 14.67 -13.03 -5.56
CA SER A 104 16.12 -12.95 -5.40
C SER A 104 16.80 -14.11 -6.14
N GLY A 1 12.11 -16.31 -10.99
CA GLY A 1 12.82 -15.28 -11.70
C GLY A 1 12.92 -13.99 -10.91
N THR A 2 11.79 -13.30 -10.75
CA THR A 2 11.76 -12.05 -10.00
C THR A 2 10.34 -11.48 -9.96
N ARG A 3 9.52 -12.04 -9.07
CA ARG A 3 8.14 -11.59 -8.91
C ARG A 3 7.42 -12.43 -7.87
N GLU A 4 7.13 -11.82 -6.72
CA GLU A 4 6.44 -12.53 -5.64
C GLU A 4 5.38 -11.65 -5.01
N PHE A 5 4.16 -12.20 -4.90
CA PHE A 5 3.04 -11.46 -4.31
C PHE A 5 3.01 -11.66 -2.80
N LEU A 6 2.67 -10.60 -2.08
CA LEU A 6 2.60 -10.67 -0.62
C LEU A 6 1.38 -9.93 -0.08
N THR A 7 0.69 -10.56 0.86
CA THR A 7 -0.49 -9.96 1.48
C THR A 7 -0.13 -9.36 2.84
N PHE A 8 -0.71 -8.20 3.15
CA PHE A 8 -0.43 -7.55 4.42
C PHE A 8 -1.69 -7.09 5.12
N GLU A 9 -1.92 -7.63 6.31
CA GLU A 9 -3.08 -7.26 7.12
C GLU A 9 -2.68 -6.21 8.15
N VAL A 10 -2.99 -4.95 7.88
CA VAL A 10 -2.63 -3.87 8.79
C VAL A 10 -3.80 -3.42 9.66
N PRO A 11 -3.70 -3.65 10.99
CA PRO A 11 -4.73 -3.26 11.94
C PRO A 11 -4.62 -1.80 12.35
N LEU A 12 -5.40 -0.93 11.70
CA LEU A 12 -5.37 0.49 12.00
C LEU A 12 -6.33 0.83 13.13
N ASN A 13 -6.65 -0.17 13.94
CA ASN A 13 -7.55 -0.03 15.07
C ASN A 13 -7.31 1.27 15.86
N ASP A 14 -6.07 1.77 15.83
CA ASP A 14 -5.74 2.99 16.56
C ASP A 14 -4.68 3.82 15.85
N SER A 15 -4.53 3.60 14.54
CA SER A 15 -3.55 4.35 13.76
C SER A 15 -4.24 5.29 12.77
N GLY A 16 -5.54 5.11 12.60
CA GLY A 16 -6.30 5.94 11.68
C GLY A 16 -6.11 7.42 11.95
N SER A 17 -5.84 7.77 13.20
CA SER A 17 -5.63 9.16 13.59
C SER A 17 -4.58 9.81 12.68
N ALA A 18 -3.64 9.01 12.22
CA ALA A 18 -2.57 9.48 11.34
C ALA A 18 -2.76 8.96 9.92
N GLY A 19 -3.52 7.87 9.80
CA GLY A 19 -3.76 7.28 8.49
C GLY A 19 -3.02 5.97 8.31
N LEU A 20 -3.16 5.08 9.29
CA LEU A 20 -2.50 3.78 9.26
C LEU A 20 -1.06 3.86 9.71
N GLY A 21 -0.30 4.79 9.12
CA GLY A 21 1.09 4.94 9.47
C GLY A 21 2.01 4.45 8.37
N VAL A 22 1.90 5.07 7.20
CA VAL A 22 2.74 4.70 6.06
C VAL A 22 2.53 5.65 4.88
N SER A 23 3.55 5.75 4.04
CA SER A 23 3.49 6.61 2.86
C SER A 23 3.94 5.84 1.62
N VAL A 24 3.35 6.17 0.48
CA VAL A 24 3.69 5.48 -0.76
C VAL A 24 3.85 6.47 -1.92
N LYS A 25 4.81 6.18 -2.78
CA LYS A 25 5.07 7.03 -3.95
C LYS A 25 4.86 6.24 -5.23
N GLY A 26 4.31 6.92 -6.24
CA GLY A 26 4.05 6.26 -7.52
C GLY A 26 5.03 6.68 -8.59
N ASN A 27 5.48 5.72 -9.39
CA ASN A 27 6.42 5.99 -10.46
C ASN A 27 5.87 5.55 -11.81
N ARG A 28 6.30 6.23 -12.87
CA ARG A 28 5.85 5.91 -14.22
C ARG A 28 6.91 5.12 -14.97
N SER A 29 6.52 4.53 -16.10
CA SER A 29 7.45 3.74 -16.90
C SER A 29 8.72 4.53 -17.20
N LYS A 30 9.84 3.81 -17.30
CA LYS A 30 11.12 4.45 -17.58
C LYS A 30 11.26 4.82 -19.05
N GLU A 31 10.42 4.21 -19.89
CA GLU A 31 10.45 4.48 -21.32
C GLU A 31 9.35 5.46 -21.72
N ASN A 32 8.23 5.42 -21.00
CA ASN A 32 7.11 6.31 -21.29
C ASN A 32 6.47 6.81 -19.99
N HIS A 33 5.32 7.45 -20.12
CA HIS A 33 4.60 7.96 -18.96
C HIS A 33 3.53 6.98 -18.49
N ALA A 34 3.88 5.69 -18.52
CA ALA A 34 2.95 4.65 -18.09
C ALA A 34 3.04 4.42 -16.59
N ASP A 35 2.02 4.84 -15.87
CA ASP A 35 1.99 4.67 -14.41
C ASP A 35 2.14 3.21 -14.03
N LEU A 36 3.25 2.88 -13.40
CA LEU A 36 3.52 1.50 -12.97
C LEU A 36 2.73 1.16 -11.71
N GLY A 37 3.11 1.78 -10.60
CA GLY A 37 2.42 1.53 -9.35
C GLY A 37 2.97 2.37 -8.21
N ILE A 38 2.55 2.05 -6.99
CA ILE A 38 3.00 2.76 -5.80
C ILE A 38 3.88 1.88 -4.93
N PHE A 39 4.97 2.47 -4.41
CA PHE A 39 5.90 1.75 -3.55
C PHE A 39 6.00 2.41 -2.19
N VAL A 40 6.07 1.59 -1.13
CA VAL A 40 6.17 2.11 0.22
C VAL A 40 7.33 3.09 0.35
N LYS A 41 7.00 4.36 0.54
CA LYS A 41 8.00 5.41 0.69
C LYS A 41 8.52 5.49 2.12
N SER A 42 7.62 5.32 3.08
CA SER A 42 8.00 5.37 4.48
C SER A 42 6.94 4.72 5.37
N ILE A 43 7.29 4.52 6.63
CA ILE A 43 6.36 3.90 7.58
C ILE A 43 6.39 4.64 8.91
N ILE A 44 5.28 4.57 9.64
CA ILE A 44 5.16 5.21 10.94
C ILE A 44 5.28 4.18 12.06
N ASN A 45 6.44 4.13 12.70
CA ASN A 45 6.68 3.18 13.79
C ASN A 45 5.80 3.51 15.00
N GLY A 46 4.51 3.27 14.86
CA GLY A 46 3.59 3.56 15.95
C GLY A 46 2.21 2.98 15.70
N GLY A 47 1.81 2.90 14.44
CA GLY A 47 0.50 2.37 14.11
C GLY A 47 0.57 1.01 13.43
N ALA A 48 -0.57 0.56 12.93
CA ALA A 48 -0.68 -0.73 12.26
C ALA A 48 0.51 -1.03 11.35
N ALA A 49 0.81 -0.13 10.43
CA ALA A 49 1.92 -0.33 9.50
C ALA A 49 3.20 -0.70 10.24
N SER A 50 3.34 -0.20 11.46
CA SER A 50 4.52 -0.48 12.27
C SER A 50 4.40 -1.85 12.92
N LYS A 51 3.36 -2.02 13.72
CA LYS A 51 3.12 -3.29 14.41
C LYS A 51 2.98 -4.44 13.41
N ASP A 52 2.58 -4.11 12.19
CA ASP A 52 2.41 -5.12 11.15
C ASP A 52 3.68 -5.95 10.98
N GLY A 53 4.81 -5.25 10.83
CA GLY A 53 6.08 -5.93 10.67
C GLY A 53 6.16 -6.72 9.37
N ARG A 54 5.25 -6.42 8.44
CA ARG A 54 5.22 -7.11 7.15
C ARG A 54 5.43 -6.13 5.99
N LEU A 55 5.34 -4.83 6.29
CA LEU A 55 5.52 -3.81 5.28
C LEU A 55 6.99 -3.60 4.97
N ARG A 56 7.27 -3.25 3.71
CA ARG A 56 8.64 -3.02 3.27
C ARG A 56 8.74 -1.73 2.48
N VAL A 57 9.63 -0.83 2.91
CA VAL A 57 9.82 0.44 2.25
C VAL A 57 10.43 0.26 0.85
N ASN A 58 9.65 -0.28 -0.08
CA ASN A 58 10.12 -0.51 -1.44
C ASN A 58 9.14 -1.39 -2.23
N ASP A 59 8.37 -2.21 -1.51
CA ASP A 59 7.40 -3.09 -2.15
C ASP A 59 6.34 -2.29 -2.91
N GLN A 60 5.93 -2.81 -4.06
CA GLN A 60 4.92 -2.15 -4.88
C GLN A 60 3.52 -2.63 -4.51
N LEU A 61 2.59 -1.70 -4.40
CA LEU A 61 1.21 -2.04 -4.06
C LEU A 61 0.45 -2.54 -5.27
N ILE A 62 -0.30 -3.62 -5.10
CA ILE A 62 -1.07 -4.20 -6.18
C ILE A 62 -2.57 -4.12 -5.91
N ALA A 63 -2.95 -4.18 -4.63
CA ALA A 63 -4.35 -4.12 -4.26
C ALA A 63 -4.52 -3.72 -2.79
N VAL A 64 -5.76 -3.39 -2.42
CA VAL A 64 -6.07 -2.99 -1.06
C VAL A 64 -7.53 -3.29 -0.74
N ASN A 65 -7.75 -4.24 0.18
CA ASN A 65 -9.11 -4.63 0.58
C ASN A 65 -9.93 -5.04 -0.64
N GLY A 66 -9.24 -5.56 -1.66
CA GLY A 66 -9.93 -5.97 -2.87
C GLY A 66 -9.80 -4.95 -3.99
N GLU A 67 -9.47 -3.71 -3.62
CA GLU A 67 -9.31 -2.65 -4.60
C GLU A 67 -8.04 -2.84 -5.40
N SER A 68 -8.15 -3.51 -6.54
CA SER A 68 -7.01 -3.77 -7.40
C SER A 68 -6.37 -2.47 -7.88
N LEU A 69 -5.15 -2.22 -7.44
CA LEU A 69 -4.42 -1.01 -7.83
C LEU A 69 -3.85 -1.15 -9.24
N LEU A 70 -3.71 -2.38 -9.71
CA LEU A 70 -3.17 -2.64 -11.04
C LEU A 70 -3.75 -1.71 -12.09
N GLY A 71 -5.01 -1.94 -12.45
CA GLY A 71 -5.67 -1.10 -13.44
C GLY A 71 -5.55 0.37 -13.13
N LYS A 72 -5.36 0.70 -11.85
CA LYS A 72 -5.24 2.08 -11.41
C LYS A 72 -3.84 2.60 -11.64
N ALA A 73 -3.74 3.91 -11.80
CA ALA A 73 -2.46 4.56 -12.01
C ALA A 73 -1.89 5.01 -10.67
N ASN A 74 -0.83 5.81 -10.71
CA ASN A 74 -0.21 6.29 -9.49
C ASN A 74 -1.21 7.10 -8.68
N GLN A 75 -1.93 8.00 -9.35
CA GLN A 75 -2.91 8.87 -8.70
C GLN A 75 -4.15 8.12 -8.21
N GLU A 76 -4.66 7.18 -9.01
CA GLU A 76 -5.85 6.44 -8.63
C GLU A 76 -5.57 5.51 -7.46
N ALA A 77 -4.43 4.84 -7.51
CA ALA A 77 -4.06 3.93 -6.44
C ALA A 77 -3.74 4.70 -5.18
N MET A 78 -3.20 5.90 -5.36
CA MET A 78 -2.85 6.76 -4.24
C MET A 78 -4.10 7.26 -3.54
N GLU A 79 -5.16 7.43 -4.33
CA GLU A 79 -6.43 7.90 -3.79
C GLU A 79 -7.17 6.75 -3.12
N THR A 80 -7.16 5.60 -3.78
CA THR A 80 -7.80 4.41 -3.24
C THR A 80 -7.17 4.07 -1.90
N LEU A 81 -5.86 4.29 -1.81
CA LEU A 81 -5.14 4.04 -0.57
C LEU A 81 -5.56 5.07 0.45
N ARG A 82 -5.44 6.34 0.08
CA ARG A 82 -5.85 7.43 0.96
C ARG A 82 -7.30 7.23 1.36
N ARG A 83 -8.06 6.59 0.47
CA ARG A 83 -9.46 6.30 0.71
C ARG A 83 -9.60 5.20 1.75
N SER A 84 -8.84 4.14 1.57
CA SER A 84 -8.85 3.02 2.51
C SER A 84 -8.42 3.49 3.89
N MET A 85 -7.39 4.33 3.91
CA MET A 85 -6.89 4.87 5.17
C MET A 85 -7.81 5.99 5.66
N SER A 86 -8.66 6.49 4.76
CA SER A 86 -9.58 7.57 5.10
C SER A 86 -10.84 7.06 5.80
N THR A 87 -11.51 6.08 5.18
CA THR A 87 -12.74 5.54 5.75
C THR A 87 -13.27 4.37 4.92
N GLU A 88 -12.50 3.29 4.85
CA GLU A 88 -12.91 2.10 4.10
C GLU A 88 -12.00 0.95 4.47
N GLY A 89 -10.69 1.23 4.49
CA GLY A 89 -9.74 0.22 4.86
C GLY A 89 -9.97 -0.21 6.29
N ASN A 90 -10.46 0.72 7.10
CA ASN A 90 -10.76 0.45 8.49
C ASN A 90 -12.19 -0.07 8.61
N LYS A 91 -13.06 0.65 9.32
CA LYS A 91 -14.45 0.24 9.48
C LYS A 91 -14.54 -1.09 10.23
N ARG A 92 -13.40 -1.63 10.68
CA ARG A 92 -13.38 -2.90 11.40
C ARG A 92 -12.21 -2.95 12.38
N GLY A 93 -11.07 -2.43 11.96
CA GLY A 93 -9.89 -2.42 12.82
C GLY A 93 -8.64 -2.87 12.08
N MET A 94 -8.71 -2.93 10.76
CA MET A 94 -7.59 -3.34 9.92
C MET A 94 -7.95 -3.26 8.44
N ILE A 95 -6.92 -3.28 7.59
CA ILE A 95 -7.12 -3.21 6.15
C ILE A 95 -6.11 -4.08 5.41
N GLN A 96 -6.56 -4.73 4.34
CA GLN A 96 -5.71 -5.60 3.55
C GLN A 96 -4.95 -4.81 2.50
N LEU A 97 -3.71 -5.21 2.24
CA LEU A 97 -2.88 -4.53 1.25
C LEU A 97 -1.98 -5.52 0.51
N ILE A 98 -2.25 -5.71 -0.78
CA ILE A 98 -1.47 -6.61 -1.61
C ILE A 98 -0.33 -5.86 -2.28
N VAL A 99 0.81 -6.53 -2.39
CA VAL A 99 1.98 -5.92 -3.01
C VAL A 99 2.75 -6.92 -3.87
N ALA A 100 3.81 -6.44 -4.50
CA ALA A 100 4.64 -7.28 -5.37
C ALA A 100 6.12 -6.97 -5.15
N ARG A 101 6.96 -7.99 -5.34
CA ARG A 101 8.39 -7.83 -5.17
C ARG A 101 9.16 -8.56 -6.27
N ARG A 102 10.18 -7.90 -6.81
CA ARG A 102 10.99 -8.50 -7.87
C ARG A 102 12.28 -9.07 -7.31
N ILE A 103 12.38 -10.41 -7.32
CA ILE A 103 13.57 -11.08 -6.81
C ILE A 103 14.84 -10.58 -7.50
N SER A 104 15.98 -10.84 -6.90
CA SER A 104 17.26 -10.42 -7.45
C SER A 104 17.73 -11.41 -8.52
N GLY A 1 9.86 -16.05 -10.38
CA GLY A 1 11.24 -15.88 -10.81
C GLY A 1 11.75 -14.46 -10.61
N THR A 2 10.84 -13.49 -10.72
CA THR A 2 11.20 -12.09 -10.56
C THR A 2 9.98 -11.26 -10.16
N ARG A 3 9.15 -11.81 -9.29
CA ARG A 3 7.94 -11.12 -8.83
C ARG A 3 7.14 -12.00 -7.88
N GLU A 4 7.05 -11.60 -6.61
CA GLU A 4 6.31 -12.37 -5.62
C GLU A 4 5.24 -11.51 -4.94
N PHE A 5 3.99 -11.94 -5.04
CA PHE A 5 2.88 -11.23 -4.44
C PHE A 5 2.76 -11.57 -2.95
N LEU A 6 2.40 -10.58 -2.14
CA LEU A 6 2.26 -10.79 -0.71
C LEU A 6 1.05 -10.06 -0.14
N THR A 7 0.37 -10.68 0.81
CA THR A 7 -0.79 -10.09 1.44
C THR A 7 -0.51 -9.80 2.92
N PHE A 8 -0.98 -8.65 3.40
CA PHE A 8 -0.73 -8.26 4.78
C PHE A 8 -1.96 -7.63 5.42
N GLU A 9 -2.14 -7.89 6.71
CA GLU A 9 -3.26 -7.35 7.48
C GLU A 9 -2.74 -6.23 8.40
N VAL A 10 -3.05 -4.99 8.04
CA VAL A 10 -2.61 -3.84 8.82
C VAL A 10 -3.71 -3.30 9.71
N PRO A 11 -3.62 -3.52 11.03
CA PRO A 11 -4.62 -3.06 12.00
C PRO A 11 -4.44 -1.59 12.39
N LEU A 12 -5.18 -0.70 11.73
CA LEU A 12 -5.12 0.74 12.03
C LEU A 12 -6.08 1.10 13.15
N ASN A 13 -6.38 0.12 13.98
CA ASN A 13 -7.27 0.28 15.11
C ASN A 13 -7.07 1.61 15.83
N ASP A 14 -5.86 2.15 15.76
CA ASP A 14 -5.56 3.43 16.40
C ASP A 14 -4.54 4.24 15.61
N SER A 15 -4.36 3.91 14.33
CA SER A 15 -3.41 4.63 13.49
C SER A 15 -4.14 5.44 12.42
N GLY A 16 -5.44 5.17 12.24
CA GLY A 16 -6.22 5.87 11.25
C GLY A 16 -6.08 7.38 11.37
N SER A 17 -5.78 7.84 12.58
CA SER A 17 -5.62 9.28 12.83
C SER A 17 -4.57 9.87 11.89
N ALA A 18 -3.44 9.18 11.78
CA ALA A 18 -2.36 9.63 10.91
C ALA A 18 -2.51 9.03 9.52
N GLY A 19 -3.10 7.83 9.46
CA GLY A 19 -3.29 7.16 8.19
C GLY A 19 -2.60 5.82 8.12
N LEU A 20 -2.92 4.94 9.06
CA LEU A 20 -2.33 3.60 9.11
C LEU A 20 -0.91 3.62 9.66
N GLY A 21 -0.03 4.41 9.04
CA GLY A 21 1.34 4.48 9.46
C GLY A 21 2.29 4.09 8.35
N VAL A 22 2.10 4.68 7.18
CA VAL A 22 2.95 4.40 6.02
C VAL A 22 2.68 5.41 4.89
N SER A 23 3.65 5.54 3.99
CA SER A 23 3.53 6.45 2.86
C SER A 23 4.02 5.79 1.59
N VAL A 24 3.40 6.13 0.46
CA VAL A 24 3.78 5.57 -0.82
C VAL A 24 3.77 6.62 -1.93
N LYS A 25 4.67 6.46 -2.89
CA LYS A 25 4.76 7.38 -4.01
C LYS A 25 4.50 6.66 -5.33
N GLY A 26 4.03 7.40 -6.33
CA GLY A 26 3.74 6.80 -7.62
C GLY A 26 4.78 7.16 -8.67
N ASN A 27 5.10 6.19 -9.53
CA ASN A 27 6.08 6.41 -10.58
C ASN A 27 5.67 5.70 -11.86
N ARG A 28 6.05 6.28 -13.00
CA ARG A 28 5.72 5.70 -14.30
C ARG A 28 6.94 5.00 -14.91
N SER A 29 6.70 4.19 -15.93
CA SER A 29 7.78 3.46 -16.60
C SER A 29 8.93 4.39 -16.96
N LYS A 30 10.15 3.95 -16.65
CA LYS A 30 11.34 4.75 -16.94
C LYS A 30 11.54 4.91 -18.44
N GLU A 31 10.88 4.08 -19.22
CA GLU A 31 11.00 4.13 -20.68
C GLU A 31 9.89 4.98 -21.29
N ASN A 32 8.71 4.93 -20.68
CA ASN A 32 7.55 5.68 -21.18
C ASN A 32 6.65 6.12 -20.03
N HIS A 33 5.79 7.09 -20.30
CA HIS A 33 4.87 7.59 -19.28
C HIS A 33 3.80 6.54 -18.96
N ALA A 34 4.22 5.47 -18.30
CA ALA A 34 3.29 4.39 -17.93
C ALA A 34 3.23 4.22 -16.42
N ASP A 35 2.13 4.68 -15.83
CA ASP A 35 1.94 4.57 -14.39
C ASP A 35 2.09 3.13 -13.91
N LEU A 36 3.25 2.82 -13.32
CA LEU A 36 3.51 1.48 -12.82
C LEU A 36 2.75 1.21 -11.55
N GLY A 37 2.59 2.25 -10.72
CA GLY A 37 1.86 2.10 -9.47
C GLY A 37 2.50 2.87 -8.34
N ILE A 38 2.20 2.47 -7.11
CA ILE A 38 2.74 3.13 -5.92
C ILE A 38 3.65 2.18 -5.14
N PHE A 39 4.71 2.73 -4.57
CA PHE A 39 5.66 1.94 -3.79
C PHE A 39 5.82 2.53 -2.40
N VAL A 40 6.04 1.65 -1.42
CA VAL A 40 6.22 2.09 -0.04
C VAL A 40 7.38 3.07 0.08
N LYS A 41 7.07 4.32 0.38
CA LYS A 41 8.09 5.36 0.51
C LYS A 41 8.66 5.38 1.92
N SER A 42 7.80 5.15 2.91
CA SER A 42 8.23 5.16 4.30
C SER A 42 7.16 4.57 5.22
N ILE A 43 7.57 4.21 6.42
CA ILE A 43 6.65 3.63 7.40
C ILE A 43 6.69 4.41 8.71
N ILE A 44 5.59 4.38 9.42
CA ILE A 44 5.48 5.07 10.70
C ILE A 44 5.61 4.08 11.85
N ASN A 45 6.80 4.00 12.43
CA ASN A 45 7.07 3.10 13.54
C ASN A 45 6.28 3.51 14.78
N GLY A 46 4.98 3.29 14.74
CA GLY A 46 4.12 3.65 15.87
C GLY A 46 2.71 3.16 15.70
N GLY A 47 2.25 3.06 14.46
CA GLY A 47 0.90 2.58 14.20
C GLY A 47 0.88 1.20 13.58
N ALA A 48 -0.27 0.84 13.03
CA ALA A 48 -0.48 -0.46 12.41
C ALA A 48 0.67 -0.91 11.51
N ALA A 49 1.00 -0.10 10.52
CA ALA A 49 2.07 -0.46 9.59
C ALA A 49 3.35 -0.86 10.34
N SER A 50 3.56 -0.27 11.50
CA SER A 50 4.73 -0.58 12.31
C SER A 50 4.54 -1.91 13.03
N LYS A 51 3.49 -1.98 13.84
CA LYS A 51 3.18 -3.21 14.59
C LYS A 51 2.88 -4.38 13.66
N ASP A 52 2.46 -4.07 12.44
CA ASP A 52 2.13 -5.09 11.46
C ASP A 52 3.32 -6.00 11.20
N GLY A 53 4.49 -5.39 11.02
CA GLY A 53 5.69 -6.15 10.75
C GLY A 53 5.58 -6.97 9.48
N ARG A 54 4.79 -6.48 8.53
CA ARG A 54 4.59 -7.17 7.26
C ARG A 54 5.02 -6.29 6.09
N LEU A 55 4.42 -5.10 5.99
CA LEU A 55 4.74 -4.17 4.91
C LEU A 55 6.25 -4.01 4.77
N ARG A 56 6.69 -3.34 3.70
CA ARG A 56 8.11 -3.13 3.46
C ARG A 56 8.34 -1.92 2.58
N VAL A 57 9.35 -1.13 2.93
CA VAL A 57 9.68 0.06 2.16
C VAL A 57 10.13 -0.33 0.76
N ASN A 58 9.72 0.45 -0.23
CA ASN A 58 10.06 0.20 -1.63
C ASN A 58 9.20 -0.92 -2.23
N ASP A 59 8.39 -1.58 -1.41
CA ASP A 59 7.53 -2.65 -1.92
C ASP A 59 6.54 -2.10 -2.93
N GLN A 60 6.20 -2.90 -3.94
CA GLN A 60 5.27 -2.46 -4.97
C GLN A 60 3.83 -2.80 -4.60
N LEU A 61 2.99 -1.77 -4.52
CA LEU A 61 1.58 -1.96 -4.18
C LEU A 61 0.83 -2.58 -5.35
N ILE A 62 -0.22 -3.33 -5.05
CA ILE A 62 -1.01 -3.97 -6.10
C ILE A 62 -2.50 -3.96 -5.79
N ALA A 63 -2.86 -4.23 -4.54
CA ALA A 63 -4.26 -4.25 -4.14
C ALA A 63 -4.44 -3.80 -2.70
N VAL A 64 -5.70 -3.54 -2.33
CA VAL A 64 -6.04 -3.10 -0.98
C VAL A 64 -7.49 -3.40 -0.66
N ASN A 65 -7.71 -4.35 0.25
CA ASN A 65 -9.07 -4.73 0.65
C ASN A 65 -9.89 -5.13 -0.58
N GLY A 66 -9.32 -5.98 -1.42
CA GLY A 66 -10.00 -6.43 -2.62
C GLY A 66 -10.09 -5.34 -3.67
N GLU A 67 -9.38 -4.22 -3.44
CA GLU A 67 -9.39 -3.11 -4.38
C GLU A 67 -8.10 -3.08 -5.19
N SER A 68 -8.16 -3.62 -6.40
CA SER A 68 -7.00 -3.67 -7.28
C SER A 68 -6.46 -2.26 -7.54
N LEU A 69 -5.13 -2.15 -7.62
CA LEU A 69 -4.48 -0.87 -7.86
C LEU A 69 -3.82 -0.84 -9.24
N LEU A 70 -3.60 -2.01 -9.82
CA LEU A 70 -2.97 -2.12 -11.13
C LEU A 70 -3.57 -1.11 -12.11
N GLY A 71 -4.86 -1.24 -12.38
CA GLY A 71 -5.53 -0.34 -13.30
C GLY A 71 -5.44 1.10 -12.84
N LYS A 72 -5.35 1.31 -11.53
CA LYS A 72 -5.25 2.65 -10.97
C LYS A 72 -3.86 3.23 -11.15
N ALA A 73 -3.82 4.46 -11.60
CA ALA A 73 -2.57 5.16 -11.81
C ALA A 73 -2.01 5.66 -10.49
N ASN A 74 -0.98 6.49 -10.55
CA ASN A 74 -0.37 7.03 -9.35
C ASN A 74 -1.39 7.75 -8.46
N GLN A 75 -2.11 8.71 -9.04
CA GLN A 75 -3.10 9.47 -8.28
C GLN A 75 -4.30 8.62 -7.88
N GLU A 76 -4.76 7.76 -8.79
CA GLU A 76 -5.91 6.89 -8.49
C GLU A 76 -5.61 5.99 -7.33
N ALA A 77 -4.50 5.27 -7.42
CA ALA A 77 -4.10 4.35 -6.36
C ALA A 77 -3.92 5.13 -5.07
N MET A 78 -3.47 6.37 -5.20
CA MET A 78 -3.26 7.22 -4.06
C MET A 78 -4.58 7.56 -3.39
N GLU A 79 -5.64 7.59 -4.20
CA GLU A 79 -6.98 7.89 -3.70
C GLU A 79 -7.61 6.63 -3.12
N THR A 80 -7.46 5.52 -3.83
CA THR A 80 -8.00 4.26 -3.36
C THR A 80 -7.32 3.89 -2.05
N LEU A 81 -6.04 4.25 -1.95
CA LEU A 81 -5.26 4.00 -0.75
C LEU A 81 -5.77 4.93 0.36
N ARG A 82 -5.82 6.22 0.05
CA ARG A 82 -6.31 7.20 0.99
C ARG A 82 -7.76 6.87 1.38
N ARG A 83 -8.46 6.22 0.46
CA ARG A 83 -9.84 5.81 0.68
C ARG A 83 -9.89 4.66 1.67
N SER A 84 -9.12 3.62 1.39
CA SER A 84 -9.08 2.45 2.25
C SER A 84 -8.58 2.82 3.64
N MET A 85 -7.71 3.82 3.70
CA MET A 85 -7.16 4.27 4.97
C MET A 85 -8.05 5.34 5.61
N SER A 86 -8.95 5.91 4.82
CA SER A 86 -9.84 6.95 5.32
C SER A 86 -11.15 6.38 5.86
N THR A 87 -11.77 5.48 5.11
CA THR A 87 -13.05 4.89 5.54
C THR A 87 -13.51 3.79 4.58
N GLU A 88 -12.79 2.69 4.55
CA GLU A 88 -13.14 1.56 3.70
C GLU A 88 -12.29 0.36 4.06
N GLY A 89 -10.98 0.59 4.12
CA GLY A 89 -10.06 -0.45 4.50
C GLY A 89 -10.11 -0.68 5.98
N ASN A 90 -10.38 0.40 6.72
CA ASN A 90 -10.48 0.33 8.17
C ASN A 90 -11.83 -0.25 8.56
N LYS A 91 -12.81 0.64 8.81
CA LYS A 91 -14.17 0.24 9.18
C LYS A 91 -14.21 -1.07 9.98
N ARG A 92 -13.19 -1.32 10.79
CA ARG A 92 -13.12 -2.53 11.59
C ARG A 92 -11.91 -2.52 12.54
N GLY A 93 -10.82 -1.91 12.09
CA GLY A 93 -9.62 -1.85 12.90
C GLY A 93 -8.42 -2.45 12.19
N MET A 94 -8.53 -2.57 10.86
CA MET A 94 -7.47 -3.15 10.05
C MET A 94 -7.84 -3.13 8.58
N ILE A 95 -6.84 -3.24 7.71
CA ILE A 95 -7.06 -3.25 6.26
C ILE A 95 -6.06 -4.16 5.56
N GLN A 96 -6.52 -4.80 4.49
CA GLN A 96 -5.66 -5.70 3.72
C GLN A 96 -4.92 -4.95 2.62
N LEU A 97 -3.69 -5.37 2.33
CA LEU A 97 -2.89 -4.73 1.31
C LEU A 97 -2.02 -5.74 0.58
N ILE A 98 -2.08 -5.72 -0.75
CA ILE A 98 -1.30 -6.63 -1.58
C ILE A 98 -0.17 -5.89 -2.26
N VAL A 99 0.98 -6.54 -2.37
CA VAL A 99 2.14 -5.93 -3.00
C VAL A 99 2.91 -6.94 -3.84
N ALA A 100 4.00 -6.48 -4.44
CA ALA A 100 4.85 -7.32 -5.28
C ALA A 100 6.32 -7.08 -4.96
N ARG A 101 7.12 -8.13 -5.09
CA ARG A 101 8.55 -8.05 -4.81
C ARG A 101 9.37 -8.58 -5.98
N ARG A 102 10.25 -7.73 -6.51
CA ARG A 102 11.10 -8.11 -7.63
C ARG A 102 12.27 -8.95 -7.14
N ILE A 103 12.53 -10.06 -7.81
CA ILE A 103 13.63 -10.95 -7.43
C ILE A 103 14.91 -10.56 -8.16
N SER A 104 16.05 -11.08 -7.67
CA SER A 104 17.34 -10.80 -8.26
C SER A 104 17.70 -9.33 -8.10
N GLY A 1 13.90 -10.61 -11.22
CA GLY A 1 13.09 -10.90 -12.39
C GLY A 1 11.81 -11.67 -12.09
N THR A 2 11.54 -11.96 -10.83
CA THR A 2 10.34 -12.70 -10.46
C THR A 2 9.59 -12.01 -9.32
N ARG A 3 8.47 -11.37 -9.65
CA ARG A 3 7.66 -10.68 -8.66
C ARG A 3 6.70 -11.63 -7.94
N GLU A 4 6.61 -11.49 -6.63
CA GLU A 4 5.74 -12.33 -5.82
C GLU A 4 4.68 -11.50 -5.11
N PHE A 5 3.45 -12.00 -5.11
CA PHE A 5 2.34 -11.29 -4.46
C PHE A 5 2.30 -11.61 -2.98
N LEU A 6 2.12 -10.58 -2.16
CA LEU A 6 2.06 -10.76 -0.71
C LEU A 6 0.95 -9.91 -0.10
N THR A 7 0.13 -10.54 0.73
CA THR A 7 -0.97 -9.85 1.39
C THR A 7 -0.50 -9.30 2.73
N PHE A 8 -0.99 -8.12 3.09
CA PHE A 8 -0.60 -7.49 4.35
C PHE A 8 -1.82 -6.96 5.12
N GLU A 9 -2.09 -7.58 6.26
CA GLU A 9 -3.20 -7.18 7.11
C GLU A 9 -2.72 -6.13 8.11
N VAL A 10 -3.04 -4.86 7.83
CA VAL A 10 -2.60 -3.77 8.70
C VAL A 10 -3.73 -3.31 9.62
N PRO A 11 -3.59 -3.54 10.94
CA PRO A 11 -4.60 -3.14 11.92
C PRO A 11 -4.48 -1.68 12.33
N LEU A 12 -5.29 -0.81 11.72
CA LEU A 12 -5.26 0.62 12.03
C LEU A 12 -6.22 0.93 13.18
N ASN A 13 -6.49 -0.08 13.99
CA ASN A 13 -7.37 0.03 15.13
C ASN A 13 -7.13 1.33 15.91
N ASP A 14 -5.91 1.84 15.85
CA ASP A 14 -5.56 3.07 16.56
C ASP A 14 -4.57 3.92 15.77
N SER A 15 -4.50 3.68 14.46
CA SER A 15 -3.59 4.44 13.61
C SER A 15 -4.36 5.33 12.63
N GLY A 16 -5.67 5.08 12.51
CA GLY A 16 -6.50 5.86 11.61
C GLY A 16 -6.32 7.36 11.80
N SER A 17 -5.97 7.77 13.01
CA SER A 17 -5.77 9.17 13.32
C SER A 17 -4.78 9.80 12.35
N ALA A 18 -3.84 8.99 11.86
CA ALA A 18 -2.83 9.46 10.92
C ALA A 18 -3.09 8.88 9.53
N GLY A 19 -3.86 7.80 9.47
CA GLY A 19 -4.16 7.17 8.20
C GLY A 19 -3.93 5.67 8.24
N LEU A 20 -2.73 5.27 8.67
CA LEU A 20 -2.39 3.87 8.76
C LEU A 20 -0.97 3.68 9.31
N GLY A 21 -0.08 4.60 8.96
CA GLY A 21 1.29 4.52 9.43
C GLY A 21 2.25 4.21 8.31
N VAL A 22 2.11 4.89 7.18
CA VAL A 22 3.00 4.68 6.04
C VAL A 22 2.74 5.73 4.95
N SER A 23 3.69 5.81 4.01
CA SER A 23 3.60 6.74 2.90
C SER A 23 4.16 6.11 1.64
N VAL A 24 3.47 6.25 0.52
CA VAL A 24 3.91 5.67 -0.74
C VAL A 24 3.94 6.70 -1.86
N LYS A 25 4.85 6.50 -2.81
CA LYS A 25 4.98 7.40 -3.95
C LYS A 25 4.71 6.65 -5.25
N GLY A 26 4.46 7.38 -6.32
CA GLY A 26 4.19 6.75 -7.61
C GLY A 26 5.30 6.96 -8.61
N ASN A 27 5.53 5.97 -9.46
CA ASN A 27 6.58 6.05 -10.47
C ASN A 27 6.05 5.64 -11.84
N ARG A 28 6.89 5.76 -12.86
CA ARG A 28 6.51 5.40 -14.21
C ARG A 28 7.59 4.54 -14.87
N SER A 29 7.25 3.92 -15.99
CA SER A 29 8.18 3.07 -16.72
C SER A 29 9.47 3.83 -17.04
N LYS A 30 9.38 5.16 -17.10
CA LYS A 30 10.53 6.00 -17.41
C LYS A 30 10.92 5.90 -18.89
N GLU A 31 10.12 5.17 -19.66
CA GLU A 31 10.39 5.00 -21.08
C GLU A 31 9.14 5.29 -21.91
N ASN A 32 7.99 4.82 -21.43
CA ASN A 32 6.72 5.04 -22.12
C ASN A 32 5.71 5.74 -21.22
N HIS A 33 6.19 6.38 -20.16
CA HIS A 33 5.31 7.08 -19.22
C HIS A 33 4.23 6.14 -18.68
N ALA A 34 4.62 4.90 -18.41
CA ALA A 34 3.68 3.91 -17.89
C ALA A 34 3.70 3.88 -16.37
N ASP A 35 2.61 4.31 -15.75
CA ASP A 35 2.50 4.32 -14.30
C ASP A 35 2.70 2.92 -13.71
N LEU A 36 3.90 2.68 -13.20
CA LEU A 36 4.22 1.38 -12.62
C LEU A 36 3.36 1.10 -11.38
N GLY A 37 3.09 2.15 -10.62
CA GLY A 37 2.28 2.00 -9.42
C GLY A 37 2.85 2.75 -8.23
N ILE A 38 2.52 2.30 -7.03
CA ILE A 38 3.00 2.92 -5.81
C ILE A 38 4.01 2.03 -5.09
N PHE A 39 4.78 2.63 -4.19
CA PHE A 39 5.80 1.90 -3.44
C PHE A 39 5.97 2.50 -2.06
N VAL A 40 6.12 1.64 -1.05
CA VAL A 40 6.30 2.10 0.32
C VAL A 40 7.48 3.05 0.43
N LYS A 41 7.17 4.34 0.56
CA LYS A 41 8.19 5.37 0.67
C LYS A 41 8.76 5.44 2.09
N SER A 42 7.87 5.31 3.07
CA SER A 42 8.28 5.37 4.47
C SER A 42 7.23 4.74 5.37
N ILE A 43 7.57 4.56 6.63
CA ILE A 43 6.65 3.96 7.59
C ILE A 43 6.66 4.72 8.91
N ILE A 44 5.56 4.62 9.64
CA ILE A 44 5.42 5.29 10.92
C ILE A 44 5.45 4.28 12.06
N ASN A 45 6.64 4.11 12.66
CA ASN A 45 6.80 3.15 13.76
C ASN A 45 5.93 3.54 14.95
N GLY A 46 4.64 3.26 14.84
CA GLY A 46 3.72 3.58 15.91
C GLY A 46 2.32 3.05 15.64
N GLY A 47 1.97 2.91 14.37
CA GLY A 47 0.64 2.41 14.02
C GLY A 47 0.69 1.06 13.34
N ALA A 48 -0.46 0.65 12.81
CA ALA A 48 -0.61 -0.64 12.14
C ALA A 48 0.59 -1.00 11.26
N ALA A 49 0.90 -0.14 10.29
CA ALA A 49 2.02 -0.41 9.38
C ALA A 49 3.28 -0.77 10.14
N SER A 50 3.44 -0.19 11.34
CA SER A 50 4.60 -0.46 12.17
C SER A 50 4.49 -1.84 12.80
N LYS A 51 3.43 -2.02 13.57
CA LYS A 51 3.18 -3.30 14.25
C LYS A 51 3.03 -4.43 13.24
N ASP A 52 2.66 -4.08 12.01
CA ASP A 52 2.49 -5.07 10.95
C ASP A 52 3.76 -5.90 10.76
N GLY A 53 4.89 -5.21 10.63
CA GLY A 53 6.15 -5.89 10.44
C GLY A 53 6.20 -6.70 9.16
N ARG A 54 5.77 -6.10 8.06
CA ARG A 54 5.77 -6.78 6.76
C ARG A 54 5.98 -5.78 5.63
N LEU A 55 5.26 -4.66 5.68
CA LEU A 55 5.37 -3.63 4.64
C LEU A 55 6.81 -3.12 4.56
N ARG A 56 7.50 -3.49 3.48
CA ARG A 56 8.87 -3.06 3.27
C ARG A 56 8.92 -1.76 2.50
N VAL A 57 9.85 -0.88 2.89
CA VAL A 57 9.99 0.42 2.25
C VAL A 57 10.54 0.27 0.83
N ASN A 58 9.71 -0.28 -0.07
CA ASN A 58 10.12 -0.48 -1.47
C ASN A 58 9.11 -1.36 -2.22
N ASP A 59 8.33 -2.14 -1.49
CA ASP A 59 7.35 -3.03 -2.10
C ASP A 59 6.33 -2.23 -2.91
N GLN A 60 5.88 -2.82 -4.02
CA GLN A 60 4.90 -2.17 -4.89
C GLN A 60 3.49 -2.64 -4.55
N LEU A 61 2.60 -1.68 -4.34
CA LEU A 61 1.21 -2.00 -4.02
C LEU A 61 0.47 -2.57 -5.23
N ILE A 62 -0.45 -3.48 -4.96
CA ILE A 62 -1.23 -4.11 -6.04
C ILE A 62 -2.71 -4.11 -5.73
N ALA A 63 -3.06 -4.41 -4.48
CA ALA A 63 -4.46 -4.44 -4.06
C ALA A 63 -4.64 -3.92 -2.64
N VAL A 64 -5.88 -3.62 -2.28
CA VAL A 64 -6.21 -3.13 -0.95
C VAL A 64 -7.66 -3.42 -0.59
N ASN A 65 -7.85 -4.41 0.27
CA ASN A 65 -9.19 -4.81 0.71
C ASN A 65 -10.02 -5.27 -0.48
N GLY A 66 -9.36 -5.88 -1.46
CA GLY A 66 -10.07 -6.37 -2.64
C GLY A 66 -10.04 -5.36 -3.78
N GLU A 67 -9.72 -4.11 -3.46
CA GLU A 67 -9.67 -3.05 -4.47
C GLU A 67 -8.34 -3.09 -5.22
N SER A 68 -8.38 -3.63 -6.44
CA SER A 68 -7.18 -3.73 -7.26
C SER A 68 -6.60 -2.35 -7.54
N LEU A 69 -5.27 -2.28 -7.61
CA LEU A 69 -4.58 -1.03 -7.87
C LEU A 69 -3.83 -1.07 -9.21
N LEU A 70 -3.68 -2.26 -9.77
CA LEU A 70 -2.98 -2.42 -11.05
C LEU A 70 -3.52 -1.44 -12.09
N GLY A 71 -4.83 -1.47 -12.29
CA GLY A 71 -5.44 -0.58 -13.25
C GLY A 71 -5.35 0.87 -12.81
N LYS A 72 -5.23 1.08 -11.51
CA LYS A 72 -5.12 2.41 -10.94
C LYS A 72 -3.76 3.02 -11.22
N ALA A 73 -3.75 4.31 -11.49
CA ALA A 73 -2.52 5.02 -11.75
C ALA A 73 -1.91 5.47 -10.44
N ASN A 74 -0.88 6.32 -10.51
CA ASN A 74 -0.24 6.79 -9.30
C ASN A 74 -1.24 7.56 -8.42
N GLN A 75 -1.96 8.49 -9.04
CA GLN A 75 -2.94 9.30 -8.33
C GLN A 75 -4.16 8.50 -7.87
N GLU A 76 -4.71 7.68 -8.76
CA GLU A 76 -5.89 6.88 -8.41
C GLU A 76 -5.59 5.88 -7.31
N ALA A 77 -4.44 5.23 -7.40
CA ALA A 77 -4.07 4.25 -6.38
C ALA A 77 -3.77 4.95 -5.08
N MET A 78 -3.23 6.16 -5.18
CA MET A 78 -2.91 6.95 -4.00
C MET A 78 -4.19 7.37 -3.29
N GLU A 79 -5.25 7.53 -4.07
CA GLU A 79 -6.54 7.92 -3.52
C GLU A 79 -7.28 6.69 -2.98
N THR A 80 -7.11 5.57 -3.65
CA THR A 80 -7.74 4.33 -3.22
C THR A 80 -7.17 3.95 -1.85
N LEU A 81 -5.88 4.21 -1.68
CA LEU A 81 -5.21 3.93 -0.42
C LEU A 81 -5.74 4.89 0.63
N ARG A 82 -5.65 6.18 0.35
CA ARG A 82 -6.17 7.21 1.24
C ARG A 82 -7.64 6.96 1.51
N ARG A 83 -8.32 6.36 0.53
CA ARG A 83 -9.73 6.03 0.66
C ARG A 83 -9.90 4.92 1.67
N SER A 84 -9.16 3.83 1.46
CA SER A 84 -9.20 2.70 2.37
C SER A 84 -8.70 3.12 3.74
N MET A 85 -7.79 4.10 3.74
CA MET A 85 -7.21 4.63 4.96
C MET A 85 -8.11 5.70 5.58
N SER A 86 -9.09 6.16 4.81
CA SER A 86 -10.00 7.21 5.29
C SER A 86 -11.25 6.64 5.93
N THR A 87 -11.90 5.69 5.27
CA THR A 87 -13.12 5.10 5.80
C THR A 87 -13.63 3.95 4.92
N GLU A 88 -12.85 2.89 4.83
CA GLU A 88 -13.21 1.72 4.04
C GLU A 88 -12.30 0.57 4.39
N GLY A 89 -11.00 0.83 4.34
CA GLY A 89 -10.04 -0.19 4.69
C GLY A 89 -10.16 -0.54 6.15
N ASN A 90 -10.54 0.45 6.95
CA ASN A 90 -10.72 0.27 8.38
C ASN A 90 -12.13 -0.27 8.65
N LYS A 91 -13.02 0.58 9.18
CA LYS A 91 -14.39 0.17 9.47
C LYS A 91 -14.44 -1.14 10.26
N ARG A 92 -13.30 -1.56 10.81
CA ARG A 92 -13.22 -2.80 11.58
C ARG A 92 -12.04 -2.73 12.56
N GLY A 93 -10.92 -2.26 12.06
CA GLY A 93 -9.72 -2.17 12.88
C GLY A 93 -8.48 -2.68 12.14
N MET A 94 -8.60 -2.79 10.82
CA MET A 94 -7.50 -3.28 9.99
C MET A 94 -7.87 -3.25 8.51
N ILE A 95 -6.87 -3.27 7.64
CA ILE A 95 -7.09 -3.27 6.20
C ILE A 95 -6.05 -4.11 5.48
N GLN A 96 -6.50 -4.86 4.47
CA GLN A 96 -5.61 -5.72 3.70
C GLN A 96 -4.98 -4.95 2.54
N LEU A 97 -3.72 -5.25 2.25
CA LEU A 97 -3.02 -4.59 1.16
C LEU A 97 -2.06 -5.55 0.46
N ILE A 98 -2.32 -5.81 -0.82
CA ILE A 98 -1.48 -6.70 -1.61
C ILE A 98 -0.33 -5.92 -2.24
N VAL A 99 0.83 -6.57 -2.30
CA VAL A 99 2.01 -5.94 -2.88
C VAL A 99 2.75 -6.88 -3.83
N ALA A 100 3.80 -6.37 -4.46
CA ALA A 100 4.60 -7.14 -5.39
C ALA A 100 6.08 -6.90 -5.16
N ARG A 101 6.85 -7.99 -5.09
CA ARG A 101 8.29 -7.89 -4.86
C ARG A 101 9.05 -8.83 -5.79
N ARG A 102 9.96 -8.28 -6.58
CA ARG A 102 10.76 -9.08 -7.51
C ARG A 102 11.72 -9.99 -6.76
N ILE A 103 12.11 -11.07 -7.41
CA ILE A 103 13.01 -12.05 -6.82
C ILE A 103 14.43 -11.92 -7.41
N SER A 104 14.73 -12.72 -8.43
CA SER A 104 16.04 -12.69 -9.06
C SER A 104 16.03 -13.43 -10.40
N GLY A 1 12.46 -15.12 -11.74
CA GLY A 1 11.11 -14.63 -11.51
C GLY A 1 11.03 -13.68 -10.33
N THR A 2 11.86 -12.64 -10.34
CA THR A 2 11.89 -11.67 -9.25
C THR A 2 10.58 -10.90 -9.17
N ARG A 3 9.57 -11.54 -8.57
CA ARG A 3 8.27 -10.92 -8.41
C ARG A 3 7.29 -11.90 -7.76
N GLU A 4 6.76 -11.52 -6.61
CA GLU A 4 5.81 -12.35 -5.88
C GLU A 4 4.73 -11.52 -5.21
N PHE A 5 3.50 -12.03 -5.24
CA PHE A 5 2.36 -11.33 -4.64
C PHE A 5 2.21 -11.72 -3.17
N LEU A 6 1.96 -10.73 -2.32
CA LEU A 6 1.79 -10.97 -0.89
C LEU A 6 0.65 -10.14 -0.33
N THR A 7 0.00 -10.65 0.72
CA THR A 7 -1.10 -9.94 1.35
C THR A 7 -0.63 -9.28 2.64
N PHE A 8 -0.99 -8.01 2.82
CA PHE A 8 -0.58 -7.28 4.02
C PHE A 8 -1.77 -6.89 4.89
N GLU A 9 -1.85 -7.48 6.08
CA GLU A 9 -2.92 -7.18 7.02
C GLU A 9 -2.43 -6.17 8.05
N VAL A 10 -2.82 -4.91 7.86
CA VAL A 10 -2.40 -3.84 8.75
C VAL A 10 -3.54 -3.35 9.64
N PRO A 11 -3.42 -3.51 10.96
CA PRO A 11 -4.43 -3.09 11.92
C PRO A 11 -4.31 -1.62 12.30
N LEU A 12 -5.09 -0.75 11.65
CA LEU A 12 -5.06 0.68 11.94
C LEU A 12 -6.04 1.03 13.05
N ASN A 13 -6.35 0.04 13.88
CA ASN A 13 -7.26 0.22 15.00
C ASN A 13 -7.06 1.55 15.70
N ASP A 14 -5.83 2.05 15.68
CA ASP A 14 -5.50 3.32 16.31
C ASP A 14 -4.50 4.11 15.46
N SER A 15 -4.51 3.86 14.16
CA SER A 15 -3.62 4.55 13.23
C SER A 15 -4.40 5.46 12.28
N GLY A 16 -5.71 5.21 12.17
CA GLY A 16 -6.54 6.01 11.29
C GLY A 16 -6.29 7.51 11.44
N SER A 17 -6.13 7.96 12.68
CA SER A 17 -5.88 9.37 12.94
C SER A 17 -4.63 9.85 12.20
N ALA A 18 -3.69 8.94 12.00
CA ALA A 18 -2.45 9.24 11.30
C ALA A 18 -2.52 8.79 9.84
N GLY A 19 -3.36 7.79 9.59
CA GLY A 19 -3.51 7.27 8.24
C GLY A 19 -2.79 5.97 8.04
N LEU A 20 -2.85 5.10 9.05
CA LEU A 20 -2.19 3.79 9.01
C LEU A 20 -0.71 3.88 9.34
N GLY A 21 -0.18 5.09 9.44
CA GLY A 21 1.23 5.25 9.73
C GLY A 21 2.13 4.70 8.64
N VAL A 22 2.01 5.28 7.45
CA VAL A 22 2.81 4.88 6.30
C VAL A 22 2.57 5.79 5.10
N SER A 23 3.57 5.90 4.23
CA SER A 23 3.47 6.73 3.04
C SER A 23 3.75 5.92 1.79
N VAL A 24 3.24 6.38 0.64
CA VAL A 24 3.45 5.67 -0.61
C VAL A 24 3.95 6.60 -1.70
N LYS A 25 4.64 6.01 -2.67
CA LYS A 25 5.22 6.74 -3.77
C LYS A 25 4.86 6.05 -5.10
N GLY A 26 4.51 6.85 -6.11
CA GLY A 26 4.16 6.29 -7.39
C GLY A 26 5.11 6.70 -8.51
N ASN A 27 5.48 5.74 -9.35
CA ASN A 27 6.39 6.01 -10.46
C ASN A 27 5.79 5.55 -11.78
N ARG A 28 6.38 6.03 -12.89
CA ARG A 28 5.91 5.68 -14.22
C ARG A 28 7.02 4.96 -14.98
N SER A 29 6.64 4.33 -16.10
CA SER A 29 7.59 3.60 -16.93
C SER A 29 8.85 4.42 -17.19
N LYS A 30 10.00 3.76 -17.19
CA LYS A 30 11.28 4.43 -17.41
C LYS A 30 11.44 4.82 -18.89
N GLU A 31 10.53 4.34 -19.74
CA GLU A 31 10.59 4.64 -21.16
C GLU A 31 9.47 5.61 -21.56
N ASN A 32 8.36 5.56 -20.83
CA ASN A 32 7.22 6.41 -21.12
C ASN A 32 6.50 6.82 -19.84
N HIS A 33 5.35 7.46 -19.98
CA HIS A 33 4.57 7.89 -18.83
C HIS A 33 3.54 6.84 -18.44
N ALA A 34 3.99 5.60 -18.35
CA ALA A 34 3.10 4.49 -17.98
C ALA A 34 3.16 4.21 -16.49
N ASP A 35 2.10 4.60 -15.79
CA ASP A 35 2.02 4.40 -14.34
C ASP A 35 2.24 2.93 -13.98
N LEU A 36 3.36 2.65 -13.33
CA LEU A 36 3.68 1.28 -12.93
C LEU A 36 2.96 0.92 -11.63
N GLY A 37 2.82 1.89 -10.75
CA GLY A 37 2.15 1.65 -9.48
C GLY A 37 2.76 2.44 -8.34
N ILE A 38 2.37 2.10 -7.11
CA ILE A 38 2.89 2.79 -5.93
C ILE A 38 3.76 1.87 -5.10
N PHE A 39 4.57 2.46 -4.23
CA PHE A 39 5.46 1.70 -3.35
C PHE A 39 5.55 2.36 -2.00
N VAL A 40 5.70 1.57 -0.94
CA VAL A 40 5.81 2.11 0.41
C VAL A 40 6.96 3.10 0.49
N LYS A 41 6.63 4.39 0.52
CA LYS A 41 7.63 5.45 0.58
C LYS A 41 8.20 5.58 1.98
N SER A 42 7.34 5.43 2.99
CA SER A 42 7.78 5.55 4.37
C SER A 42 6.84 4.82 5.32
N ILE A 43 7.26 4.69 6.58
CA ILE A 43 6.45 4.02 7.59
C ILE A 43 6.53 4.76 8.92
N ILE A 44 5.47 4.63 9.70
CA ILE A 44 5.40 5.28 11.01
C ILE A 44 5.52 4.24 12.11
N ASN A 45 6.71 4.13 12.71
CA ASN A 45 6.95 3.18 13.78
C ASN A 45 6.09 3.49 15.00
N GLY A 46 4.80 3.22 14.88
CA GLY A 46 3.88 3.47 15.97
C GLY A 46 2.47 2.96 15.67
N GLY A 47 2.13 2.92 14.38
CA GLY A 47 0.82 2.45 13.99
C GLY A 47 0.86 1.08 13.34
N ALA A 48 -0.29 0.66 12.80
CA ALA A 48 -0.42 -0.64 12.15
C ALA A 48 0.79 -1.01 11.29
N ALA A 49 1.13 -0.14 10.34
CA ALA A 49 2.25 -0.39 9.44
C ALA A 49 3.51 -0.77 10.22
N SER A 50 3.64 -0.22 11.42
CA SER A 50 4.79 -0.49 12.26
C SER A 50 4.64 -1.84 12.95
N LYS A 51 3.56 -1.98 13.72
CA LYS A 51 3.29 -3.23 14.43
C LYS A 51 3.16 -4.40 13.45
N ASP A 52 2.82 -4.09 12.20
CA ASP A 52 2.68 -5.11 11.18
C ASP A 52 3.94 -5.97 11.10
N GLY A 53 5.09 -5.31 11.04
CA GLY A 53 6.35 -6.02 10.98
C GLY A 53 6.61 -6.65 9.62
N ARG A 54 5.73 -6.37 8.66
CA ARG A 54 5.89 -6.92 7.31
C ARG A 54 6.03 -5.80 6.29
N LEU A 55 5.82 -4.57 6.72
CA LEU A 55 5.92 -3.42 5.83
C LEU A 55 7.33 -3.28 5.28
N ARG A 56 7.41 -2.87 4.02
CA ARG A 56 8.70 -2.69 3.36
C ARG A 56 8.71 -1.41 2.54
N VAL A 57 9.71 -0.56 2.76
CA VAL A 57 9.82 0.70 2.03
C VAL A 57 10.30 0.50 0.60
N ASN A 58 9.84 -0.59 -0.03
CA ASN A 58 10.21 -0.89 -1.40
C ASN A 58 9.25 -1.92 -2.01
N ASP A 59 8.08 -2.10 -1.38
CA ASP A 59 7.09 -3.04 -1.87
C ASP A 59 6.07 -2.34 -2.76
N GLN A 60 5.69 -3.00 -3.86
CA GLN A 60 4.74 -2.43 -4.80
C GLN A 60 3.31 -2.85 -4.46
N LEU A 61 2.43 -1.87 -4.28
CA LEU A 61 1.04 -2.15 -3.95
C LEU A 61 0.28 -2.67 -5.16
N ILE A 62 -0.40 -3.80 -4.99
CA ILE A 62 -1.16 -4.41 -6.07
C ILE A 62 -2.66 -4.23 -5.89
N ALA A 63 -3.13 -4.46 -4.66
CA ALA A 63 -4.54 -4.31 -4.36
C ALA A 63 -4.77 -3.97 -2.89
N VAL A 64 -6.00 -3.57 -2.56
CA VAL A 64 -6.34 -3.21 -1.19
C VAL A 64 -7.82 -3.47 -0.90
N ASN A 65 -8.09 -4.46 -0.05
CA ASN A 65 -9.46 -4.82 0.30
C ASN A 65 -10.29 -5.10 -0.94
N GLY A 66 -9.68 -5.77 -1.92
CA GLY A 66 -10.39 -6.08 -3.14
C GLY A 66 -10.27 -4.98 -4.19
N GLU A 67 -9.76 -3.82 -3.77
CA GLU A 67 -9.60 -2.71 -4.69
C GLU A 67 -8.27 -2.81 -5.43
N SER A 68 -8.30 -3.43 -6.61
CA SER A 68 -7.10 -3.60 -7.41
C SER A 68 -6.47 -2.26 -7.76
N LEU A 69 -5.17 -2.16 -7.56
CA LEU A 69 -4.43 -0.93 -7.85
C LEU A 69 -3.79 -1.01 -9.24
N LEU A 70 -3.55 -2.22 -9.71
CA LEU A 70 -2.93 -2.44 -11.02
C LEU A 70 -3.58 -1.55 -12.09
N GLY A 71 -4.90 -1.43 -12.03
CA GLY A 71 -5.61 -0.60 -13.00
C GLY A 71 -5.78 0.82 -12.50
N LYS A 72 -4.71 1.38 -11.95
CA LYS A 72 -4.75 2.75 -11.43
C LYS A 72 -3.37 3.38 -11.49
N ALA A 73 -3.35 4.67 -11.82
CA ALA A 73 -2.12 5.42 -11.89
C ALA A 73 -1.64 5.76 -10.50
N ASN A 74 -0.64 6.61 -10.41
CA ASN A 74 -0.11 7.02 -9.12
C ASN A 74 -1.20 7.68 -8.27
N GLN A 75 -1.91 8.63 -8.87
CA GLN A 75 -2.97 9.37 -8.17
C GLN A 75 -4.19 8.49 -7.88
N GLU A 76 -4.54 7.59 -8.79
CA GLU A 76 -5.71 6.73 -8.60
C GLU A 76 -5.45 5.68 -7.53
N ALA A 77 -4.26 5.09 -7.55
CA ALA A 77 -3.90 4.09 -6.57
C ALA A 77 -3.72 4.75 -5.22
N MET A 78 -3.25 5.99 -5.23
CA MET A 78 -3.04 6.75 -4.01
C MET A 78 -4.37 7.15 -3.39
N GLU A 79 -5.38 7.35 -4.24
CA GLU A 79 -6.70 7.73 -3.78
C GLU A 79 -7.40 6.51 -3.19
N THR A 80 -7.13 5.35 -3.77
CA THR A 80 -7.69 4.10 -3.30
C THR A 80 -7.13 3.81 -1.91
N LEU A 81 -5.83 4.04 -1.76
CA LEU A 81 -5.17 3.83 -0.48
C LEU A 81 -5.73 4.84 0.51
N ARG A 82 -5.68 6.11 0.13
CA ARG A 82 -6.22 7.18 0.95
C ARG A 82 -7.67 6.87 1.27
N ARG A 83 -8.33 6.18 0.34
CA ARG A 83 -9.72 5.79 0.51
C ARG A 83 -9.83 4.69 1.56
N SER A 84 -8.89 3.77 1.51
CA SER A 84 -8.88 2.66 2.45
C SER A 84 -8.52 3.14 3.86
N MET A 85 -7.48 3.96 3.94
CA MET A 85 -7.02 4.50 5.21
C MET A 85 -8.04 5.50 5.76
N SER A 86 -8.87 6.04 4.87
CA SER A 86 -9.88 7.02 5.27
C SER A 86 -11.13 6.36 5.84
N THR A 87 -11.73 5.45 5.08
CA THR A 87 -12.94 4.78 5.51
C THR A 87 -13.38 3.71 4.52
N GLU A 88 -12.63 2.63 4.44
CA GLU A 88 -12.93 1.52 3.54
C GLU A 88 -12.07 0.34 3.90
N GLY A 89 -10.79 0.61 4.13
CA GLY A 89 -9.87 -0.42 4.51
C GLY A 89 -9.96 -0.68 5.99
N ASN A 90 -10.32 0.37 6.74
CA ASN A 90 -10.46 0.26 8.18
C ASN A 90 -11.83 -0.32 8.52
N LYS A 91 -12.79 0.56 8.87
CA LYS A 91 -14.15 0.14 9.19
C LYS A 91 -14.19 -1.08 10.11
N ARG A 92 -13.07 -1.41 10.76
CA ARG A 92 -13.02 -2.56 11.65
C ARG A 92 -11.79 -2.51 12.56
N GLY A 93 -10.69 -1.98 12.04
CA GLY A 93 -9.47 -1.90 12.83
C GLY A 93 -8.28 -2.49 12.10
N MET A 94 -8.41 -2.68 10.79
CA MET A 94 -7.34 -3.23 9.98
C MET A 94 -7.72 -3.23 8.50
N ILE A 95 -6.73 -3.29 7.63
CA ILE A 95 -6.96 -3.28 6.19
C ILE A 95 -5.99 -4.21 5.47
N GLN A 96 -6.47 -4.85 4.41
CA GLN A 96 -5.64 -5.76 3.63
C GLN A 96 -5.16 -5.10 2.35
N LEU A 97 -3.87 -5.22 2.06
CA LEU A 97 -3.29 -4.63 0.86
C LEU A 97 -2.29 -5.57 0.21
N ILE A 98 -2.62 -6.03 -0.99
CA ILE A 98 -1.74 -6.92 -1.73
C ILE A 98 -0.56 -6.14 -2.29
N VAL A 99 0.60 -6.76 -2.30
CA VAL A 99 1.80 -6.11 -2.81
C VAL A 99 2.65 -7.05 -3.65
N ALA A 100 3.73 -6.51 -4.21
CA ALA A 100 4.64 -7.29 -5.04
C ALA A 100 6.06 -7.18 -4.51
N ARG A 101 6.71 -8.32 -4.35
CA ARG A 101 8.08 -8.38 -3.84
C ARG A 101 9.06 -8.78 -4.94
N ARG A 102 10.11 -7.97 -5.11
CA ARG A 102 11.11 -8.26 -6.13
C ARG A 102 12.21 -9.15 -5.59
N ILE A 103 12.48 -10.25 -6.29
CA ILE A 103 13.51 -11.19 -5.87
C ILE A 103 14.81 -10.94 -6.63
N SER A 104 15.81 -11.78 -6.37
CA SER A 104 17.11 -11.64 -7.04
C SER A 104 17.90 -10.46 -6.45
N GLY A 1 10.16 -15.05 -11.62
CA GLY A 1 11.60 -15.12 -11.40
C GLY A 1 12.12 -13.92 -10.62
N THR A 2 11.35 -12.84 -10.61
CA THR A 2 11.75 -11.62 -9.91
C THR A 2 10.54 -10.78 -9.53
N ARG A 3 9.45 -11.44 -9.16
CA ARG A 3 8.22 -10.74 -8.76
C ARG A 3 7.21 -11.70 -8.14
N GLU A 4 6.81 -11.41 -6.92
CA GLU A 4 5.84 -12.23 -6.21
C GLU A 4 4.71 -11.39 -5.63
N PHE A 5 3.71 -12.05 -5.07
CA PHE A 5 2.56 -11.34 -4.48
C PHE A 5 2.52 -11.57 -2.97
N LEU A 6 2.24 -10.50 -2.23
CA LEU A 6 2.17 -10.58 -0.78
C LEU A 6 0.89 -9.95 -0.25
N THR A 7 0.37 -10.52 0.84
CA THR A 7 -0.86 -10.02 1.45
C THR A 7 -0.65 -9.82 2.95
N PHE A 8 -0.95 -8.61 3.43
CA PHE A 8 -0.79 -8.30 4.84
C PHE A 8 -1.99 -7.55 5.40
N GLU A 9 -2.26 -7.76 6.69
CA GLU A 9 -3.37 -7.09 7.37
C GLU A 9 -2.83 -6.04 8.33
N VAL A 10 -3.14 -4.78 8.05
CA VAL A 10 -2.66 -3.68 8.89
C VAL A 10 -3.78 -3.10 9.76
N PRO A 11 -3.79 -3.44 11.07
CA PRO A 11 -4.80 -2.95 12.00
C PRO A 11 -4.56 -1.50 12.40
N LEU A 12 -5.22 -0.57 11.71
CA LEU A 12 -5.08 0.86 12.00
C LEU A 12 -6.04 1.30 13.08
N ASN A 13 -6.47 0.34 13.91
CA ASN A 13 -7.39 0.59 14.99
C ASN A 13 -7.05 1.87 15.75
N ASP A 14 -5.77 2.24 15.75
CA ASP A 14 -5.32 3.44 16.44
C ASP A 14 -4.23 4.17 15.64
N SER A 15 -4.18 3.92 14.34
CA SER A 15 -3.19 4.56 13.47
C SER A 15 -3.87 5.41 12.39
N GLY A 16 -5.20 5.35 12.33
CA GLY A 16 -5.93 6.13 11.34
C GLY A 16 -5.72 7.61 11.51
N SER A 17 -5.50 8.05 12.75
CA SER A 17 -5.28 9.46 13.04
C SER A 17 -4.16 10.03 12.18
N ALA A 18 -3.19 9.17 11.85
CA ALA A 18 -2.06 9.58 11.04
C ALA A 18 -2.23 9.09 9.60
N GLY A 19 -3.06 8.07 9.42
CA GLY A 19 -3.29 7.53 8.09
C GLY A 19 -2.61 6.19 7.90
N LEU A 20 -2.82 5.29 8.86
CA LEU A 20 -2.25 3.94 8.81
C LEU A 20 -0.74 3.97 9.06
N GLY A 21 -0.19 5.14 9.40
CA GLY A 21 1.23 5.23 9.66
C GLY A 21 2.08 4.72 8.51
N VAL A 22 2.02 5.41 7.38
CA VAL A 22 2.81 5.04 6.20
C VAL A 22 2.62 6.03 5.06
N SER A 23 3.46 5.90 4.04
CA SER A 23 3.39 6.78 2.88
C SER A 23 3.99 6.09 1.65
N VAL A 24 3.29 6.18 0.53
CA VAL A 24 3.76 5.56 -0.71
C VAL A 24 3.84 6.56 -1.85
N LYS A 25 4.81 6.34 -2.74
CA LYS A 25 5.01 7.22 -3.89
C LYS A 25 4.71 6.47 -5.18
N GLY A 26 4.23 7.19 -6.19
CA GLY A 26 3.91 6.58 -7.46
C GLY A 26 4.86 6.98 -8.57
N ASN A 27 5.25 6.01 -9.40
CA ASN A 27 6.17 6.28 -10.51
C ASN A 27 5.58 5.80 -11.82
N ARG A 28 6.03 6.39 -12.92
CA ARG A 28 5.57 6.02 -14.25
C ARG A 28 6.61 5.17 -14.97
N SER A 29 6.20 4.53 -16.06
CA SER A 29 7.11 3.70 -16.85
C SER A 29 8.41 4.44 -17.16
N LYS A 30 9.53 3.75 -17.05
CA LYS A 30 10.84 4.34 -17.32
C LYS A 30 11.00 4.65 -18.81
N GLU A 31 10.12 4.10 -19.64
CA GLU A 31 10.18 4.33 -21.08
C GLU A 31 9.08 5.29 -21.54
N ASN A 32 7.89 5.12 -20.99
CA ASN A 32 6.76 5.97 -21.34
C ASN A 32 6.08 6.55 -20.09
N HIS A 33 4.94 7.19 -20.27
CA HIS A 33 4.21 7.78 -19.17
C HIS A 33 3.14 6.83 -18.65
N ALA A 34 3.53 5.57 -18.47
CA ALA A 34 2.61 4.55 -17.97
C ALA A 34 2.66 4.45 -16.45
N ASP A 35 1.57 4.85 -15.80
CA ASP A 35 1.50 4.81 -14.34
C ASP A 35 1.73 3.40 -13.82
N LEU A 36 2.96 3.10 -13.44
CA LEU A 36 3.31 1.78 -12.93
C LEU A 36 2.52 1.46 -11.67
N GLY A 37 2.92 2.06 -10.55
CA GLY A 37 2.23 1.81 -9.30
C GLY A 37 2.83 2.59 -8.14
N ILE A 38 2.51 2.18 -6.93
CA ILE A 38 3.02 2.83 -5.72
C ILE A 38 3.97 1.92 -4.97
N PHE A 39 4.84 2.52 -4.16
CA PHE A 39 5.81 1.76 -3.36
C PHE A 39 5.98 2.38 -1.99
N VAL A 40 6.04 1.54 -0.96
CA VAL A 40 6.21 2.02 0.40
C VAL A 40 7.38 2.98 0.51
N LYS A 41 7.07 4.27 0.63
CA LYS A 41 8.10 5.30 0.74
C LYS A 41 8.61 5.41 2.17
N SER A 42 7.71 5.26 3.13
CA SER A 42 8.07 5.36 4.54
C SER A 42 7.01 4.73 5.43
N ILE A 43 7.35 4.55 6.70
CA ILE A 43 6.43 3.96 7.66
C ILE A 43 6.51 4.67 9.01
N ILE A 44 5.43 4.57 9.78
CA ILE A 44 5.38 5.21 11.10
C ILE A 44 5.48 4.14 12.18
N ASN A 45 6.67 3.99 12.75
CA ASN A 45 6.90 3.00 13.80
C ASN A 45 6.06 3.32 15.04
N GLY A 46 4.76 3.10 14.93
CA GLY A 46 3.86 3.37 16.03
C GLY A 46 2.46 2.86 15.77
N GLY A 47 2.06 2.82 14.50
CA GLY A 47 0.74 2.35 14.15
C GLY A 47 0.76 0.99 13.47
N ALA A 48 -0.40 0.58 12.97
CA ALA A 48 -0.55 -0.71 12.30
C ALA A 48 0.62 -1.03 11.38
N ALA A 49 0.91 -0.12 10.47
CA ALA A 49 2.00 -0.32 9.51
C ALA A 49 3.29 -0.72 10.22
N SER A 50 3.43 -0.27 11.47
CA SER A 50 4.61 -0.59 12.26
C SER A 50 4.48 -1.96 12.90
N LYS A 51 3.45 -2.11 13.72
CA LYS A 51 3.19 -3.38 14.40
C LYS A 51 3.01 -4.51 13.41
N ASP A 52 2.61 -4.17 12.19
CA ASP A 52 2.40 -5.18 11.15
C ASP A 52 3.66 -6.01 10.94
N GLY A 53 4.79 -5.32 10.78
CA GLY A 53 6.05 -6.02 10.58
C GLY A 53 6.08 -6.83 9.30
N ARG A 54 5.14 -6.56 8.40
CA ARG A 54 5.07 -7.27 7.13
C ARG A 54 5.30 -6.31 5.96
N LEU A 55 5.27 -5.02 6.24
CA LEU A 55 5.47 -4.01 5.22
C LEU A 55 6.95 -3.74 5.00
N ARG A 56 7.31 -3.39 3.76
CA ARG A 56 8.70 -3.10 3.42
C ARG A 56 8.80 -1.82 2.61
N VAL A 57 9.72 -0.94 3.01
CA VAL A 57 9.91 0.32 2.31
C VAL A 57 10.49 0.10 0.92
N ASN A 58 9.66 -0.43 0.01
CA ASN A 58 10.07 -0.70 -1.35
C ASN A 58 9.03 -1.56 -2.10
N ASP A 59 8.22 -2.29 -1.34
CA ASP A 59 7.20 -3.14 -1.93
C ASP A 59 6.25 -2.34 -2.80
N GLN A 60 5.86 -2.93 -3.93
CA GLN A 60 4.94 -2.26 -4.86
C GLN A 60 3.50 -2.67 -4.60
N LEU A 61 2.69 -1.72 -4.16
CA LEU A 61 1.28 -1.99 -3.88
C LEU A 61 0.57 -2.49 -5.13
N ILE A 62 -0.16 -3.59 -4.98
CA ILE A 62 -0.88 -4.19 -6.11
C ILE A 62 -2.39 -4.15 -5.88
N ALA A 63 -2.81 -4.14 -4.62
CA ALA A 63 -4.24 -4.12 -4.31
C ALA A 63 -4.48 -3.76 -2.85
N VAL A 64 -5.76 -3.66 -2.48
CA VAL A 64 -6.14 -3.33 -1.11
C VAL A 64 -7.58 -3.78 -0.82
N ASN A 65 -7.70 -4.84 -0.04
CA ASN A 65 -9.01 -5.38 0.32
C ASN A 65 -9.80 -5.77 -0.92
N GLY A 66 -9.12 -6.37 -1.89
CA GLY A 66 -9.77 -6.76 -3.11
C GLY A 66 -9.77 -5.67 -4.17
N GLU A 67 -9.41 -4.46 -3.77
CA GLU A 67 -9.36 -3.33 -4.68
C GLU A 67 -8.00 -3.26 -5.37
N SER A 68 -7.91 -3.88 -6.55
CA SER A 68 -6.67 -3.90 -7.31
C SER A 68 -6.14 -2.49 -7.55
N LEU A 69 -4.83 -2.36 -7.67
CA LEU A 69 -4.20 -1.07 -7.88
C LEU A 69 -3.47 -1.04 -9.23
N LEU A 70 -3.35 -2.19 -9.88
CA LEU A 70 -2.68 -2.27 -11.18
C LEU A 70 -3.18 -1.19 -12.13
N GLY A 71 -4.48 -1.20 -12.39
CA GLY A 71 -5.06 -0.22 -13.28
C GLY A 71 -5.03 1.18 -12.69
N LYS A 72 -4.90 1.27 -11.37
CA LYS A 72 -4.84 2.55 -10.69
C LYS A 72 -3.53 3.26 -10.93
N ALA A 73 -3.60 4.53 -11.29
CA ALA A 73 -2.42 5.32 -11.53
C ALA A 73 -1.83 5.76 -10.20
N ASN A 74 -0.80 6.61 -10.25
CA ASN A 74 -0.17 7.08 -9.03
C ASN A 74 -1.19 7.77 -8.12
N GLN A 75 -1.92 8.73 -8.68
CA GLN A 75 -2.92 9.47 -7.92
C GLN A 75 -4.13 8.60 -7.55
N GLU A 76 -4.52 7.70 -8.46
CA GLU A 76 -5.68 6.84 -8.21
C GLU A 76 -5.37 5.83 -7.11
N ALA A 77 -4.21 5.22 -7.17
CA ALA A 77 -3.81 4.23 -6.18
C ALA A 77 -3.59 4.90 -4.84
N MET A 78 -3.11 6.13 -4.89
CA MET A 78 -2.86 6.89 -3.68
C MET A 78 -4.18 7.28 -3.02
N GLU A 79 -5.21 7.48 -3.85
CA GLU A 79 -6.53 7.83 -3.36
C GLU A 79 -7.26 6.58 -2.90
N THR A 80 -7.14 5.51 -3.67
CA THR A 80 -7.76 4.24 -3.33
C THR A 80 -7.16 3.74 -2.03
N LEU A 81 -5.85 3.97 -1.86
CA LEU A 81 -5.16 3.58 -0.65
C LEU A 81 -5.65 4.46 0.48
N ARG A 82 -5.53 5.77 0.28
CA ARG A 82 -5.99 6.74 1.25
C ARG A 82 -7.46 6.48 1.57
N ARG A 83 -8.18 5.95 0.57
CA ARG A 83 -9.58 5.61 0.74
C ARG A 83 -9.72 4.42 1.65
N SER A 84 -9.00 3.35 1.31
CA SER A 84 -9.02 2.13 2.10
C SER A 84 -8.49 2.42 3.49
N MET A 85 -7.58 3.40 3.57
CA MET A 85 -6.97 3.79 4.82
C MET A 85 -7.88 4.75 5.58
N SER A 86 -8.84 5.36 4.87
CA SER A 86 -9.76 6.31 5.46
C SER A 86 -11.10 5.67 5.82
N THR A 87 -11.73 4.99 4.87
CA THR A 87 -13.02 4.37 5.12
C THR A 87 -13.47 3.48 3.96
N GLU A 88 -12.84 2.33 3.82
CA GLU A 88 -13.19 1.39 2.75
C GLU A 88 -12.49 0.06 3.00
N GLY A 89 -11.22 0.15 3.35
CA GLY A 89 -10.44 -1.02 3.64
C GLY A 89 -10.39 -1.26 5.14
N ASN A 90 -10.60 -0.17 5.88
CA ASN A 90 -10.60 -0.24 7.33
C ASN A 90 -12.02 -0.35 7.85
N LYS A 91 -12.71 0.79 7.96
CA LYS A 91 -14.09 0.83 8.45
C LYS A 91 -14.30 -0.06 9.68
N ARG A 92 -13.20 -0.47 10.32
CA ARG A 92 -13.26 -1.32 11.51
C ARG A 92 -12.02 -1.09 12.40
N GLY A 93 -10.87 -0.96 11.76
CA GLY A 93 -9.63 -0.77 12.47
C GLY A 93 -8.48 -1.58 11.88
N MET A 94 -8.67 -2.06 10.66
CA MET A 94 -7.66 -2.85 9.97
C MET A 94 -7.97 -2.97 8.47
N ILE A 95 -6.92 -3.06 7.65
CA ILE A 95 -7.10 -3.17 6.21
C ILE A 95 -6.11 -4.15 5.61
N GLN A 96 -6.51 -4.81 4.52
CA GLN A 96 -5.64 -5.77 3.84
C GLN A 96 -5.05 -5.15 2.58
N LEU A 97 -3.73 -5.08 2.53
CA LEU A 97 -3.04 -4.50 1.38
C LEU A 97 -2.16 -5.52 0.68
N ILE A 98 -2.24 -5.53 -0.65
CA ILE A 98 -1.45 -6.44 -1.46
C ILE A 98 -0.29 -5.69 -2.12
N VAL A 99 0.85 -6.36 -2.22
CA VAL A 99 2.03 -5.75 -2.80
C VAL A 99 2.82 -6.73 -3.64
N ALA A 100 3.86 -6.24 -4.30
CA ALA A 100 4.71 -7.06 -5.15
C ALA A 100 6.15 -7.06 -4.62
N ARG A 101 6.72 -8.24 -4.48
CA ARG A 101 8.09 -8.38 -3.97
C ARG A 101 9.01 -8.96 -5.04
N ARG A 102 10.24 -8.45 -5.08
CA ARG A 102 11.23 -8.92 -6.05
C ARG A 102 11.95 -10.16 -5.52
N ILE A 103 12.29 -11.07 -6.43
CA ILE A 103 12.96 -12.30 -6.05
C ILE A 103 14.47 -12.08 -5.94
N SER A 104 15.14 -12.98 -5.24
CA SER A 104 16.59 -12.89 -5.05
C SER A 104 17.28 -14.17 -5.52
N GLY A 1 11.72 -17.38 -9.46
CA GLY A 1 12.42 -16.36 -10.22
C GLY A 1 12.37 -15.01 -9.54
N THR A 2 11.28 -14.29 -9.74
CA THR A 2 11.10 -12.98 -9.15
C THR A 2 9.62 -12.65 -8.97
N ARG A 3 9.34 -11.51 -8.35
CA ARG A 3 7.97 -11.08 -8.12
C ARG A 3 7.23 -12.07 -7.22
N GLU A 4 6.95 -11.63 -5.99
CA GLU A 4 6.23 -12.47 -5.04
C GLU A 4 5.07 -11.71 -4.40
N PHE A 5 3.87 -12.25 -4.55
CA PHE A 5 2.68 -11.63 -3.99
C PHE A 5 2.57 -11.90 -2.49
N LEU A 6 2.32 -10.85 -1.72
CA LEU A 6 2.20 -10.99 -0.27
C LEU A 6 1.03 -10.19 0.27
N THR A 7 0.20 -10.87 1.07
CA THR A 7 -0.97 -10.24 1.67
C THR A 7 -0.65 -9.80 3.10
N PHE A 8 -1.07 -8.59 3.45
CA PHE A 8 -0.80 -8.06 4.79
C PHE A 8 -2.02 -7.39 5.40
N GLU A 9 -2.35 -7.78 6.63
CA GLU A 9 -3.47 -7.21 7.35
C GLU A 9 -2.98 -6.13 8.31
N VAL A 10 -3.19 -4.88 7.95
CA VAL A 10 -2.73 -3.76 8.76
C VAL A 10 -3.85 -3.17 9.62
N PRO A 11 -3.79 -3.37 10.95
CA PRO A 11 -4.80 -2.86 11.88
C PRO A 11 -4.55 -1.41 12.28
N LEU A 12 -5.22 -0.47 11.60
CA LEU A 12 -5.07 0.95 11.90
C LEU A 12 -6.03 1.37 13.00
N ASN A 13 -6.43 0.40 13.81
CA ASN A 13 -7.34 0.62 14.92
C ASN A 13 -7.04 1.91 15.67
N ASP A 14 -5.78 2.34 15.64
CA ASP A 14 -5.37 3.56 16.33
C ASP A 14 -4.31 4.33 15.55
N SER A 15 -4.21 4.06 14.26
CA SER A 15 -3.23 4.73 13.42
C SER A 15 -3.91 5.59 12.35
N GLY A 16 -5.22 5.42 12.19
CA GLY A 16 -5.96 6.19 11.20
C GLY A 16 -5.77 7.68 11.38
N SER A 17 -5.47 8.11 12.60
CA SER A 17 -5.25 9.52 12.89
C SER A 17 -4.16 10.10 11.98
N ALA A 18 -3.12 9.31 11.76
CA ALA A 18 -2.02 9.73 10.91
C ALA A 18 -2.19 9.20 9.49
N GLY A 19 -2.86 8.07 9.37
CA GLY A 19 -3.09 7.46 8.07
C GLY A 19 -2.42 6.13 7.91
N LEU A 20 -2.62 5.25 8.90
CA LEU A 20 -2.04 3.91 8.89
C LEU A 20 -0.56 3.92 9.27
N GLY A 21 0.01 5.10 9.52
CA GLY A 21 1.40 5.18 9.88
C GLY A 21 2.30 4.68 8.76
N VAL A 22 2.14 5.26 7.58
CA VAL A 22 2.95 4.87 6.42
C VAL A 22 2.76 5.87 5.27
N SER A 23 3.71 5.88 4.35
CA SER A 23 3.66 6.78 3.20
C SER A 23 4.02 6.03 1.92
N VAL A 24 3.19 6.17 0.89
CA VAL A 24 3.43 5.50 -0.39
C VAL A 24 3.74 6.53 -1.47
N LYS A 25 4.52 6.09 -2.46
CA LYS A 25 4.90 6.96 -3.58
C LYS A 25 4.71 6.26 -4.92
N GLY A 26 4.19 6.98 -5.89
CA GLY A 26 3.96 6.40 -7.21
C GLY A 26 4.96 6.90 -8.24
N ASN A 27 5.35 6.03 -9.15
CA ASN A 27 6.30 6.39 -10.20
C ASN A 27 5.71 6.13 -11.58
N ARG A 28 6.32 6.74 -12.60
CA ARG A 28 5.87 6.58 -13.98
C ARG A 28 6.99 6.07 -14.87
N SER A 29 6.64 5.23 -15.85
CA SER A 29 7.62 4.68 -16.76
C SER A 29 8.36 5.79 -17.50
N LYS A 30 9.69 5.67 -17.55
CA LYS A 30 10.51 6.68 -18.23
C LYS A 30 10.63 6.37 -19.73
N GLU A 31 9.88 5.39 -20.21
CA GLU A 31 9.90 5.01 -21.61
C GLU A 31 8.65 5.50 -22.33
N ASN A 32 7.53 5.58 -21.60
CA ASN A 32 6.28 6.01 -22.19
C ASN A 32 5.37 6.65 -21.13
N HIS A 33 5.96 7.13 -20.04
CA HIS A 33 5.20 7.76 -18.96
C HIS A 33 4.06 6.87 -18.50
N ALA A 34 4.31 5.56 -18.47
CA ALA A 34 3.30 4.59 -18.05
C ALA A 34 3.32 4.41 -16.53
N ASP A 35 2.18 4.67 -15.90
CA ASP A 35 2.06 4.53 -14.46
C ASP A 35 2.42 3.12 -14.01
N LEU A 36 3.57 2.98 -13.37
CA LEU A 36 4.03 1.68 -12.88
C LEU A 36 3.27 1.26 -11.63
N GLY A 37 2.92 2.24 -10.80
CA GLY A 37 2.20 1.94 -9.58
C GLY A 37 2.76 2.67 -8.37
N ILE A 38 2.44 2.18 -7.18
CA ILE A 38 2.92 2.79 -5.94
C ILE A 38 3.72 1.79 -5.12
N PHE A 39 4.52 2.29 -4.18
CA PHE A 39 5.32 1.44 -3.33
C PHE A 39 5.56 2.09 -1.97
N VAL A 40 5.67 1.28 -0.92
CA VAL A 40 5.89 1.79 0.43
C VAL A 40 7.10 2.73 0.46
N LYS A 41 6.82 4.02 0.54
CA LYS A 41 7.88 5.03 0.56
C LYS A 41 8.48 5.17 1.96
N SER A 42 7.65 5.02 2.98
CA SER A 42 8.11 5.12 4.36
C SER A 42 7.10 4.51 5.31
N ILE A 43 7.51 4.38 6.58
CA ILE A 43 6.64 3.80 7.60
C ILE A 43 6.76 4.55 8.91
N ILE A 44 5.72 4.45 9.73
CA ILE A 44 5.68 5.11 11.01
C ILE A 44 5.75 4.08 12.13
N ASN A 45 6.89 3.98 12.78
CA ASN A 45 7.09 3.01 13.86
C ASN A 45 6.26 3.40 15.08
N GLY A 46 4.94 3.33 14.93
CA GLY A 46 4.05 3.68 16.02
C GLY A 46 2.64 3.15 15.81
N GLY A 47 2.23 3.02 14.56
CA GLY A 47 0.90 2.53 14.27
C GLY A 47 0.90 1.16 13.62
N ALA A 48 -0.25 0.77 13.09
CA ALA A 48 -0.42 -0.52 12.43
C ALA A 48 0.75 -0.91 11.54
N ALA A 49 1.11 -0.04 10.61
CA ALA A 49 2.20 -0.31 9.69
C ALA A 49 3.46 -0.75 10.43
N SER A 50 3.63 -0.26 11.65
CA SER A 50 4.80 -0.61 12.45
C SER A 50 4.61 -1.98 13.08
N LYS A 51 3.54 -2.10 13.85
CA LYS A 51 3.21 -3.36 14.54
C LYS A 51 2.97 -4.49 13.55
N ASP A 52 2.60 -4.15 12.32
CA ASP A 52 2.34 -5.16 11.30
C ASP A 52 3.57 -6.01 11.03
N GLY A 53 4.71 -5.33 10.80
CA GLY A 53 5.95 -6.04 10.53
C GLY A 53 5.90 -6.83 9.24
N ARG A 54 5.33 -6.24 8.20
CA ARG A 54 5.21 -6.89 6.91
C ARG A 54 5.47 -5.91 5.77
N LEU A 55 4.71 -4.82 5.78
CA LEU A 55 4.84 -3.77 4.76
C LEU A 55 6.30 -3.36 4.60
N ARG A 56 7.01 -4.01 3.69
CA ARG A 56 8.41 -3.70 3.44
C ARG A 56 8.56 -2.50 2.54
N VAL A 57 9.36 -1.53 2.99
CA VAL A 57 9.59 -0.32 2.21
C VAL A 57 10.00 -0.68 0.79
N ASN A 58 9.56 0.13 -0.16
CA ASN A 58 9.85 -0.09 -1.59
C ASN A 58 8.97 -1.19 -2.19
N ASP A 59 8.25 -1.92 -1.34
CA ASP A 59 7.36 -2.98 -1.83
C ASP A 59 6.32 -2.39 -2.77
N GLN A 60 6.04 -3.11 -3.86
CA GLN A 60 5.07 -2.64 -4.84
C GLN A 60 3.64 -3.01 -4.43
N LEU A 61 2.74 -2.03 -4.50
CA LEU A 61 1.35 -2.25 -4.14
C LEU A 61 0.58 -2.82 -5.33
N ILE A 62 -0.30 -3.78 -5.06
CA ILE A 62 -1.09 -4.41 -6.11
C ILE A 62 -2.58 -4.40 -5.79
N ALA A 63 -2.91 -4.70 -4.54
CA ALA A 63 -4.31 -4.73 -4.12
C ALA A 63 -4.47 -4.21 -2.69
N VAL A 64 -5.72 -3.94 -2.32
CA VAL A 64 -6.03 -3.43 -0.99
C VAL A 64 -7.50 -3.71 -0.63
N ASN A 65 -7.71 -4.70 0.23
CA ASN A 65 -9.06 -5.07 0.66
C ASN A 65 -9.91 -5.45 -0.55
N GLY A 66 -9.28 -6.09 -1.53
CA GLY A 66 -10.01 -6.50 -2.72
C GLY A 66 -9.88 -5.48 -3.83
N GLU A 67 -9.52 -4.25 -3.48
CA GLU A 67 -9.36 -3.18 -4.46
C GLU A 67 -8.11 -3.42 -5.29
N SER A 68 -8.31 -3.97 -6.49
CA SER A 68 -7.20 -4.25 -7.39
C SER A 68 -6.62 -2.95 -7.95
N LEU A 69 -5.50 -2.53 -7.38
CA LEU A 69 -4.85 -1.30 -7.82
C LEU A 69 -4.37 -1.42 -9.26
N LEU A 70 -4.32 -2.66 -9.78
CA LEU A 70 -3.88 -2.90 -11.15
C LEU A 70 -4.64 -2.00 -12.12
N GLY A 71 -4.00 -0.91 -12.54
CA GLY A 71 -4.63 0.02 -13.45
C GLY A 71 -4.63 1.43 -12.90
N LYS A 72 -4.95 1.55 -11.61
CA LYS A 72 -4.98 2.85 -10.95
C LYS A 72 -3.60 3.49 -10.98
N ALA A 73 -3.52 4.65 -11.62
CA ALA A 73 -2.25 5.37 -11.72
C ALA A 73 -1.70 5.66 -10.33
N ASN A 74 -0.63 6.42 -10.28
CA ASN A 74 0.00 6.75 -9.00
C ASN A 74 -0.99 7.44 -8.08
N GLN A 75 -1.60 8.52 -8.55
CA GLN A 75 -2.56 9.27 -7.76
C GLN A 75 -3.85 8.48 -7.54
N GLU A 76 -4.25 7.69 -8.55
CA GLU A 76 -5.46 6.89 -8.45
C GLU A 76 -5.32 5.87 -7.34
N ALA A 77 -4.25 5.10 -7.40
CA ALA A 77 -3.98 4.10 -6.39
C ALA A 77 -3.80 4.77 -5.04
N MET A 78 -3.23 5.97 -5.08
CA MET A 78 -3.00 6.75 -3.88
C MET A 78 -4.34 7.17 -3.27
N GLU A 79 -5.35 7.29 -4.11
CA GLU A 79 -6.68 7.67 -3.68
C GLU A 79 -7.40 6.45 -3.12
N THR A 80 -7.19 5.30 -3.77
CA THR A 80 -7.78 4.05 -3.33
C THR A 80 -7.21 3.68 -1.97
N LEU A 81 -5.91 3.94 -1.82
CA LEU A 81 -5.23 3.67 -0.56
C LEU A 81 -5.73 4.66 0.47
N ARG A 82 -5.63 5.94 0.15
CA ARG A 82 -6.12 7.00 1.02
C ARG A 82 -7.58 6.72 1.37
N ARG A 83 -8.28 6.09 0.42
CA ARG A 83 -9.67 5.74 0.61
C ARG A 83 -9.79 4.62 1.63
N SER A 84 -8.97 3.60 1.46
CA SER A 84 -8.97 2.47 2.37
C SER A 84 -8.62 2.93 3.78
N MET A 85 -7.64 3.81 3.87
CA MET A 85 -7.22 4.35 5.16
C MET A 85 -8.30 5.28 5.70
N SER A 86 -9.13 5.80 4.80
CA SER A 86 -10.20 6.72 5.20
C SER A 86 -11.44 5.98 5.65
N THR A 87 -11.97 5.10 4.81
CA THR A 87 -13.18 4.35 5.13
C THR A 87 -13.62 3.43 3.99
N GLU A 88 -12.92 2.31 3.83
CA GLU A 88 -13.25 1.35 2.78
C GLU A 88 -12.50 0.05 3.02
N GLY A 89 -11.25 0.20 3.42
CA GLY A 89 -10.42 -0.94 3.72
C GLY A 89 -10.37 -1.17 5.21
N ASN A 90 -10.55 -0.09 5.95
CA ASN A 90 -10.56 -0.15 7.40
C ASN A 90 -11.98 -0.40 7.89
N LYS A 91 -12.78 0.67 7.99
CA LYS A 91 -14.16 0.57 8.44
C LYS A 91 -14.32 -0.45 9.58
N ARG A 92 -13.26 -0.58 10.38
CA ARG A 92 -13.27 -1.51 11.50
C ARG A 92 -12.02 -1.37 12.38
N GLY A 93 -10.89 -0.99 11.76
CA GLY A 93 -9.66 -0.83 12.49
C GLY A 93 -8.53 -1.63 11.90
N MET A 94 -8.69 -2.03 10.63
CA MET A 94 -7.68 -2.81 9.94
C MET A 94 -7.99 -2.92 8.44
N ILE A 95 -6.95 -3.08 7.63
CA ILE A 95 -7.11 -3.18 6.19
C ILE A 95 -6.08 -4.12 5.57
N GLN A 96 -6.50 -4.86 4.56
CA GLN A 96 -5.61 -5.80 3.87
C GLN A 96 -4.96 -5.13 2.67
N LEU A 97 -3.69 -5.42 2.44
CA LEU A 97 -2.97 -4.84 1.33
C LEU A 97 -2.05 -5.85 0.66
N ILE A 98 -2.23 -6.03 -0.65
CA ILE A 98 -1.41 -6.95 -1.42
C ILE A 98 -0.27 -6.20 -2.10
N VAL A 99 0.89 -6.85 -2.15
CA VAL A 99 2.07 -6.23 -2.75
C VAL A 99 2.85 -7.22 -3.60
N ALA A 100 3.90 -6.72 -4.26
CA ALA A 100 4.75 -7.54 -5.09
C ALA A 100 6.23 -7.23 -4.81
N ARG A 101 7.02 -8.27 -4.61
CA ARG A 101 8.44 -8.10 -4.32
C ARG A 101 9.30 -8.76 -5.39
N ARG A 102 10.24 -8.01 -5.93
CA ARG A 102 11.14 -8.52 -6.97
C ARG A 102 12.32 -9.27 -6.34
N ILE A 103 12.54 -10.49 -6.80
CA ILE A 103 13.63 -11.31 -6.29
C ILE A 103 14.86 -11.24 -7.18
N SER A 104 16.02 -11.58 -6.63
CA SER A 104 17.27 -11.56 -7.38
C SER A 104 17.84 -12.95 -7.52
N GLY A 1 9.51 -15.80 -11.47
CA GLY A 1 10.57 -15.19 -12.26
C GLY A 1 11.14 -13.96 -11.59
N THR A 2 10.39 -12.87 -11.62
CA THR A 2 10.83 -11.62 -11.01
C THR A 2 9.64 -10.77 -10.58
N ARG A 3 8.77 -11.36 -9.77
CA ARG A 3 7.58 -10.66 -9.28
C ARG A 3 6.75 -11.57 -8.38
N GLU A 4 6.86 -11.36 -7.07
CA GLU A 4 6.12 -12.16 -6.11
C GLU A 4 5.08 -11.32 -5.38
N PHE A 5 3.82 -11.76 -5.43
CA PHE A 5 2.74 -11.04 -4.78
C PHE A 5 2.59 -11.49 -3.32
N LEU A 6 2.28 -10.54 -2.45
CA LEU A 6 2.11 -10.84 -1.03
C LEU A 6 0.93 -10.08 -0.44
N THR A 7 0.23 -10.72 0.49
CA THR A 7 -0.93 -10.10 1.14
C THR A 7 -0.60 -9.77 2.61
N PHE A 8 -1.06 -8.62 3.07
CA PHE A 8 -0.80 -8.19 4.44
C PHE A 8 -2.01 -7.53 5.07
N GLU A 9 -2.22 -7.78 6.35
CA GLU A 9 -3.34 -7.20 7.09
C GLU A 9 -2.81 -6.20 8.12
N VAL A 10 -3.07 -4.92 7.88
CA VAL A 10 -2.60 -3.87 8.78
C VAL A 10 -3.72 -3.35 9.68
N PRO A 11 -3.70 -3.72 10.97
CA PRO A 11 -4.72 -3.28 11.93
C PRO A 11 -4.55 -1.83 12.35
N LEU A 12 -5.26 -0.92 11.67
CA LEU A 12 -5.19 0.51 11.99
C LEU A 12 -6.17 0.88 13.08
N ASN A 13 -6.53 -0.11 13.89
CA ASN A 13 -7.46 0.07 15.01
C ASN A 13 -7.24 1.40 15.74
N ASP A 14 -6.00 1.89 15.71
CA ASP A 14 -5.68 3.14 16.38
C ASP A 14 -4.61 3.93 15.63
N SER A 15 -4.44 3.62 14.34
CA SER A 15 -3.46 4.31 13.52
C SER A 15 -4.13 5.06 12.35
N GLY A 16 -5.45 4.91 12.23
CA GLY A 16 -6.16 5.57 11.17
C GLY A 16 -6.09 7.08 11.27
N SER A 17 -5.93 7.58 12.49
CA SER A 17 -5.84 9.02 12.73
C SER A 17 -4.76 9.64 11.87
N ALA A 18 -3.73 8.86 11.55
CA ALA A 18 -2.63 9.32 10.72
C ALA A 18 -2.73 8.79 9.30
N GLY A 19 -3.56 7.77 9.11
CA GLY A 19 -3.73 7.19 7.79
C GLY A 19 -3.01 5.86 7.66
N LEU A 20 -3.20 4.99 8.65
CA LEU A 20 -2.57 3.68 8.67
C LEU A 20 -1.07 3.77 8.96
N GLY A 21 -0.58 4.96 9.25
CA GLY A 21 0.83 5.13 9.55
C GLY A 21 1.73 4.66 8.44
N VAL A 22 1.63 5.31 7.28
CA VAL A 22 2.47 4.97 6.13
C VAL A 22 2.26 5.94 4.97
N SER A 23 3.20 5.94 4.03
CA SER A 23 3.12 6.80 2.85
C SER A 23 3.74 6.10 1.64
N VAL A 24 3.08 6.21 0.49
CA VAL A 24 3.57 5.57 -0.72
C VAL A 24 3.64 6.53 -1.89
N LYS A 25 4.64 6.35 -2.74
CA LYS A 25 4.82 7.17 -3.93
C LYS A 25 4.62 6.34 -5.18
N GLY A 26 4.26 7.00 -6.29
CA GLY A 26 4.05 6.28 -7.53
C GLY A 26 5.00 6.70 -8.63
N ASN A 27 5.35 5.74 -9.49
CA ASN A 27 6.27 6.01 -10.59
C ASN A 27 5.64 5.63 -11.93
N ARG A 28 6.44 5.68 -12.99
CA ARG A 28 5.95 5.33 -14.32
C ARG A 28 7.03 4.56 -15.10
N SER A 29 6.62 3.94 -16.19
CA SER A 29 7.54 3.17 -17.02
C SER A 29 8.72 4.04 -17.46
N LYS A 30 9.93 3.48 -17.37
CA LYS A 30 11.14 4.20 -17.76
C LYS A 30 11.18 4.44 -19.27
N GLU A 31 10.35 3.71 -20.01
CA GLU A 31 10.31 3.84 -21.46
C GLU A 31 9.16 4.76 -21.89
N ASN A 32 8.11 4.81 -21.09
CA ASN A 32 6.96 5.66 -21.39
C ASN A 32 6.23 6.08 -20.13
N HIS A 33 5.39 7.10 -20.24
CA HIS A 33 4.63 7.60 -19.10
C HIS A 33 3.55 6.62 -18.70
N ALA A 34 3.96 5.45 -18.23
CA ALA A 34 3.03 4.41 -17.81
C ALA A 34 3.15 4.13 -16.32
N ASP A 35 2.18 4.63 -15.55
CA ASP A 35 2.17 4.44 -14.11
C ASP A 35 2.29 2.95 -13.75
N LEU A 36 3.43 2.58 -13.17
CA LEU A 36 3.66 1.19 -12.79
C LEU A 36 2.94 0.86 -11.48
N GLY A 37 2.85 1.84 -10.60
CA GLY A 37 2.18 1.63 -9.33
C GLY A 37 2.81 2.44 -8.20
N ILE A 38 2.47 2.10 -6.96
CA ILE A 38 3.00 2.79 -5.80
C ILE A 38 3.93 1.89 -4.99
N PHE A 39 4.81 2.50 -4.20
CA PHE A 39 5.75 1.76 -3.38
C PHE A 39 5.87 2.40 -2.00
N VAL A 40 5.95 1.56 -0.96
CA VAL A 40 6.07 2.06 0.40
C VAL A 40 7.22 3.06 0.52
N LYS A 41 6.89 4.33 0.61
CA LYS A 41 7.89 5.39 0.71
C LYS A 41 8.38 5.54 2.14
N SER A 42 7.48 5.36 3.10
CA SER A 42 7.83 5.48 4.52
C SER A 42 6.78 4.80 5.40
N ILE A 43 7.06 4.76 6.69
CA ILE A 43 6.16 4.15 7.64
C ILE A 43 6.17 4.89 8.97
N ILE A 44 5.10 4.72 9.74
CA ILE A 44 4.98 5.36 11.05
C ILE A 44 5.15 4.33 12.15
N ASN A 45 6.37 4.23 12.68
CA ASN A 45 6.68 3.27 13.74
C ASN A 45 5.84 3.56 14.99
N GLY A 46 4.56 3.23 14.91
CA GLY A 46 3.66 3.46 16.03
C GLY A 46 2.27 2.92 15.76
N GLY A 47 1.89 2.85 14.49
CA GLY A 47 0.58 2.35 14.14
C GLY A 47 0.64 0.97 13.49
N ALA A 48 -0.49 0.55 12.93
CA ALA A 48 -0.59 -0.76 12.28
C ALA A 48 0.58 -1.06 11.36
N ALA A 49 0.85 -0.16 10.42
CA ALA A 49 1.93 -0.37 9.47
C ALA A 49 3.24 -0.70 10.18
N SER A 50 3.40 -0.18 11.39
CA SER A 50 4.58 -0.44 12.18
C SER A 50 4.53 -1.82 12.81
N LYS A 51 3.50 -2.03 13.62
CA LYS A 51 3.31 -3.31 14.31
C LYS A 51 3.16 -4.46 13.31
N ASP A 52 2.72 -4.14 12.09
CA ASP A 52 2.53 -5.14 11.05
C ASP A 52 3.83 -5.90 10.77
N GLY A 53 4.91 -5.16 10.56
CA GLY A 53 6.19 -5.78 10.29
C GLY A 53 6.20 -6.56 8.98
N ARG A 54 5.58 -5.97 7.95
CA ARG A 54 5.51 -6.61 6.65
C ARG A 54 5.76 -5.59 5.54
N LEU A 55 4.95 -4.55 5.54
CA LEU A 55 5.04 -3.47 4.56
C LEU A 55 6.46 -2.91 4.49
N ARG A 56 7.29 -3.48 3.63
CA ARG A 56 8.66 -3.02 3.47
C ARG A 56 8.73 -1.74 2.64
N VAL A 57 9.60 -0.82 3.06
CA VAL A 57 9.76 0.45 2.37
C VAL A 57 10.36 0.25 0.98
N ASN A 58 9.56 -0.29 0.06
CA ASN A 58 10.01 -0.54 -1.30
C ASN A 58 9.02 -1.41 -2.07
N ASP A 59 8.22 -2.19 -1.34
CA ASP A 59 7.24 -3.07 -1.96
C ASP A 59 6.25 -2.28 -2.81
N GLN A 60 5.93 -2.82 -3.98
CA GLN A 60 5.00 -2.17 -4.89
C GLN A 60 3.56 -2.60 -4.61
N LEU A 61 2.75 -1.65 -4.16
CA LEU A 61 1.35 -1.92 -3.86
C LEU A 61 0.61 -2.41 -5.09
N ILE A 62 -0.15 -3.49 -4.93
CA ILE A 62 -0.91 -4.07 -6.04
C ILE A 62 -2.40 -4.05 -5.76
N ALA A 63 -2.78 -4.26 -4.50
CA ALA A 63 -4.18 -4.27 -4.12
C ALA A 63 -4.37 -3.78 -2.69
N VAL A 64 -5.63 -3.54 -2.32
CA VAL A 64 -5.95 -3.07 -0.97
C VAL A 64 -7.40 -3.38 -0.62
N ASN A 65 -7.59 -4.26 0.36
CA ASN A 65 -8.93 -4.65 0.79
C ASN A 65 -9.74 -5.19 -0.38
N GLY A 66 -9.07 -5.92 -1.28
CA GLY A 66 -9.75 -6.47 -2.44
C GLY A 66 -9.73 -5.53 -3.63
N GLU A 67 -9.37 -4.28 -3.39
CA GLU A 67 -9.31 -3.29 -4.46
C GLU A 67 -7.99 -3.38 -5.21
N SER A 68 -8.07 -3.58 -6.52
CA SER A 68 -6.88 -3.70 -7.36
C SER A 68 -6.31 -2.32 -7.67
N LEU A 69 -5.00 -2.16 -7.44
CA LEU A 69 -4.32 -0.90 -7.71
C LEU A 69 -3.65 -0.90 -9.08
N LEU A 70 -3.51 -2.08 -9.67
CA LEU A 70 -2.88 -2.23 -10.98
C LEU A 70 -3.41 -1.19 -11.97
N GLY A 71 -4.73 -1.16 -12.13
CA GLY A 71 -5.34 -0.21 -13.05
C GLY A 71 -5.24 1.22 -12.55
N LYS A 72 -5.15 1.38 -11.24
CA LYS A 72 -5.05 2.71 -10.63
C LYS A 72 -3.65 3.28 -10.77
N ALA A 73 -3.55 4.47 -11.33
CA ALA A 73 -2.28 5.14 -11.52
C ALA A 73 -1.73 5.58 -10.17
N ASN A 74 -0.65 6.36 -10.20
CA ASN A 74 -0.03 6.85 -8.98
C ASN A 74 -1.04 7.59 -8.10
N GLN A 75 -1.66 8.63 -8.65
CA GLN A 75 -2.64 9.42 -7.90
C GLN A 75 -3.90 8.61 -7.58
N GLU A 76 -4.27 7.70 -8.48
CA GLU A 76 -5.46 6.88 -8.28
C GLU A 76 -5.25 5.92 -7.12
N ALA A 77 -4.16 5.17 -7.20
CA ALA A 77 -3.83 4.21 -6.16
C ALA A 77 -3.60 4.93 -4.83
N MET A 78 -3.07 6.14 -4.93
CA MET A 78 -2.81 6.94 -3.75
C MET A 78 -4.12 7.38 -3.12
N GLU A 79 -5.14 7.55 -3.94
CA GLU A 79 -6.45 7.96 -3.47
C GLU A 79 -7.19 6.76 -2.91
N THR A 80 -7.08 5.63 -3.60
CA THR A 80 -7.71 4.40 -3.14
C THR A 80 -7.12 4.02 -1.78
N LEU A 81 -5.83 4.28 -1.63
CA LEU A 81 -5.14 4.00 -0.38
C LEU A 81 -5.65 4.96 0.68
N ARG A 82 -5.55 6.26 0.36
CA ARG A 82 -6.03 7.29 1.26
C ARG A 82 -7.51 7.03 1.58
N ARG A 83 -8.20 6.41 0.63
CA ARG A 83 -9.59 6.07 0.79
C ARG A 83 -9.74 4.94 1.80
N SER A 84 -8.86 3.96 1.69
CA SER A 84 -8.87 2.82 2.59
C SER A 84 -8.50 3.26 4.00
N MET A 85 -7.46 4.07 4.09
CA MET A 85 -6.99 4.58 5.37
C MET A 85 -7.97 5.62 5.94
N SER A 86 -8.82 6.15 5.06
CA SER A 86 -9.80 7.16 5.46
C SER A 86 -11.09 6.53 5.99
N THR A 87 -11.68 5.64 5.20
CA THR A 87 -12.93 4.99 5.59
C THR A 87 -13.37 3.95 4.56
N GLU A 88 -12.62 2.86 4.48
CA GLU A 88 -12.93 1.78 3.54
C GLU A 88 -12.08 0.57 3.89
N GLY A 89 -10.81 0.82 4.17
CA GLY A 89 -9.91 -0.23 4.55
C GLY A 89 -10.02 -0.50 6.03
N ASN A 90 -10.35 0.54 6.78
CA ASN A 90 -10.53 0.43 8.22
C ASN A 90 -11.92 -0.11 8.53
N LYS A 91 -12.86 0.77 8.85
CA LYS A 91 -14.23 0.37 9.15
C LYS A 91 -14.32 -0.86 10.06
N ARG A 92 -13.22 -1.19 10.74
CA ARG A 92 -13.20 -2.34 11.63
C ARG A 92 -11.96 -2.33 12.53
N GLY A 93 -10.85 -1.82 12.00
CA GLY A 93 -9.62 -1.76 12.76
C GLY A 93 -8.46 -2.44 12.05
N MET A 94 -8.62 -2.65 10.74
CA MET A 94 -7.58 -3.30 9.95
C MET A 94 -7.92 -3.27 8.46
N ILE A 95 -6.90 -3.33 7.62
CA ILE A 95 -7.09 -3.32 6.18
C ILE A 95 -6.07 -4.20 5.46
N GLN A 96 -6.50 -4.85 4.39
CA GLN A 96 -5.64 -5.72 3.62
C GLN A 96 -4.84 -4.91 2.59
N LEU A 97 -3.64 -5.36 2.29
CA LEU A 97 -2.79 -4.67 1.32
C LEU A 97 -1.91 -5.64 0.56
N ILE A 98 -2.10 -5.68 -0.77
CA ILE A 98 -1.31 -6.56 -1.61
C ILE A 98 -0.15 -5.81 -2.23
N VAL A 99 0.99 -6.48 -2.35
CA VAL A 99 2.18 -5.87 -2.91
C VAL A 99 2.95 -6.85 -3.80
N ALA A 100 3.88 -6.31 -4.57
CA ALA A 100 4.70 -7.12 -5.47
C ALA A 100 6.18 -6.90 -5.19
N ARG A 101 6.98 -7.95 -5.39
CA ARG A 101 8.42 -7.86 -5.16
C ARG A 101 9.20 -8.48 -6.31
N ARG A 102 10.18 -7.74 -6.82
CA ARG A 102 11.01 -8.21 -7.92
C ARG A 102 12.09 -9.16 -7.41
N ILE A 103 12.10 -10.38 -7.92
CA ILE A 103 13.09 -11.37 -7.51
C ILE A 103 14.51 -10.88 -7.79
N SER A 104 14.96 -11.03 -9.03
CA SER A 104 16.29 -10.62 -9.43
C SER A 104 17.36 -11.35 -8.62
N GLY A 1 9.76 -17.64 -9.77
CA GLY A 1 11.20 -17.52 -9.97
C GLY A 1 11.76 -16.23 -9.39
N THR A 2 11.10 -15.12 -9.68
CA THR A 2 11.54 -13.82 -9.19
C THR A 2 10.37 -12.84 -9.09
N ARG A 3 9.27 -13.30 -8.51
CA ARG A 3 8.08 -12.47 -8.36
C ARG A 3 6.99 -13.21 -7.59
N GLU A 4 6.68 -12.73 -6.39
CA GLU A 4 5.65 -13.36 -5.57
C GLU A 4 4.79 -12.30 -4.88
N PHE A 5 3.49 -12.58 -4.78
CA PHE A 5 2.56 -11.66 -4.14
C PHE A 5 2.57 -11.86 -2.62
N LEU A 6 2.31 -10.78 -1.88
CA LEU A 6 2.31 -10.85 -0.43
C LEU A 6 1.14 -10.08 0.15
N THR A 7 0.28 -10.79 0.89
CA THR A 7 -0.88 -10.17 1.52
C THR A 7 -0.51 -9.65 2.90
N PHE A 8 -0.97 -8.45 3.24
CA PHE A 8 -0.64 -7.85 4.53
C PHE A 8 -1.89 -7.41 5.28
N GLU A 9 -1.91 -7.68 6.58
CA GLU A 9 -3.02 -7.30 7.45
C GLU A 9 -2.57 -6.19 8.39
N VAL A 10 -2.98 -4.96 8.10
CA VAL A 10 -2.59 -3.82 8.91
C VAL A 10 -3.74 -3.31 9.76
N PRO A 11 -3.67 -3.52 11.09
CA PRO A 11 -4.71 -3.07 12.02
C PRO A 11 -4.59 -1.61 12.40
N LEU A 12 -5.37 -0.75 11.74
CA LEU A 12 -5.35 0.68 12.02
C LEU A 12 -6.34 1.03 13.13
N ASN A 13 -6.67 0.02 13.93
CA ASN A 13 -7.59 0.16 15.05
C ASN A 13 -7.47 1.53 15.74
N ASP A 14 -6.26 2.07 15.74
CA ASP A 14 -5.99 3.36 16.36
C ASP A 14 -4.91 4.12 15.60
N SER A 15 -4.79 3.82 14.31
CA SER A 15 -3.80 4.47 13.47
C SER A 15 -4.46 5.39 12.45
N GLY A 16 -5.77 5.21 12.27
CA GLY A 16 -6.51 6.05 11.32
C GLY A 16 -6.28 7.53 11.55
N SER A 17 -6.05 7.91 12.81
CA SER A 17 -5.80 9.30 13.15
C SER A 17 -4.68 9.88 12.30
N ALA A 18 -3.68 9.05 12.01
CA ALA A 18 -2.55 9.46 11.20
C ALA A 18 -2.68 8.92 9.77
N GLY A 19 -3.41 7.82 9.64
CA GLY A 19 -3.60 7.21 8.33
C GLY A 19 -2.85 5.90 8.19
N LEU A 20 -3.06 5.01 9.16
CA LEU A 20 -2.42 3.70 9.17
C LEU A 20 -0.96 3.76 9.63
N GLY A 21 -0.17 4.62 8.99
CA GLY A 21 1.21 4.75 9.37
C GLY A 21 2.15 4.35 8.24
N VAL A 22 1.96 4.96 7.07
CA VAL A 22 2.80 4.67 5.92
C VAL A 22 2.59 5.67 4.79
N SER A 23 3.49 5.66 3.82
CA SER A 23 3.41 6.56 2.68
C SER A 23 3.99 5.88 1.44
N VAL A 24 3.33 6.07 0.31
CA VAL A 24 3.79 5.46 -0.94
C VAL A 24 3.86 6.47 -2.08
N LYS A 25 4.67 6.16 -3.08
CA LYS A 25 4.84 7.03 -4.23
C LYS A 25 4.75 6.25 -5.53
N GLY A 26 4.10 6.84 -6.53
CA GLY A 26 3.94 6.18 -7.81
C GLY A 26 5.01 6.61 -8.80
N ASN A 27 5.65 5.64 -9.44
CA ASN A 27 6.70 5.92 -10.41
C ASN A 27 6.19 5.71 -11.83
N ARG A 28 6.57 6.61 -12.74
CA ARG A 28 6.16 6.53 -14.13
C ARG A 28 7.28 5.94 -14.99
N SER A 29 6.90 5.09 -15.94
CA SER A 29 7.87 4.46 -16.83
C SER A 29 8.69 5.52 -17.57
N LYS A 30 9.99 5.29 -17.65
CA LYS A 30 10.89 6.22 -18.34
C LYS A 30 10.95 5.95 -19.83
N GLU A 31 10.12 5.01 -20.31
CA GLU A 31 10.09 4.67 -21.72
C GLU A 31 8.87 5.28 -22.41
N ASN A 32 7.77 5.40 -21.68
CA ASN A 32 6.54 5.97 -22.24
C ASN A 32 5.72 6.69 -21.17
N HIS A 33 6.38 7.08 -20.07
CA HIS A 33 5.69 7.79 -19.00
C HIS A 33 4.44 7.04 -18.55
N ALA A 34 4.60 5.73 -18.33
CA ALA A 34 3.47 4.90 -17.90
C ALA A 34 3.54 4.62 -16.40
N ASP A 35 2.56 5.11 -15.65
CA ASP A 35 2.50 4.92 -14.22
C ASP A 35 2.60 3.44 -13.86
N LEU A 36 3.76 3.02 -13.36
CA LEU A 36 3.98 1.63 -12.97
C LEU A 36 3.10 1.25 -11.79
N GLY A 37 3.37 1.88 -10.65
CA GLY A 37 2.61 1.60 -9.45
C GLY A 37 3.17 2.34 -8.25
N ILE A 38 2.57 2.12 -7.08
CA ILE A 38 3.03 2.78 -5.87
C ILE A 38 3.87 1.83 -5.02
N PHE A 39 4.93 2.38 -4.43
CA PHE A 39 5.84 1.60 -3.60
C PHE A 39 5.96 2.24 -2.22
N VAL A 40 6.08 1.39 -1.19
CA VAL A 40 6.20 1.90 0.18
C VAL A 40 7.37 2.87 0.30
N LYS A 41 7.05 4.15 0.37
CA LYS A 41 8.06 5.20 0.49
C LYS A 41 8.62 5.27 1.90
N SER A 42 7.74 5.17 2.88
CA SER A 42 8.14 5.23 4.28
C SER A 42 7.07 4.65 5.18
N ILE A 43 7.39 4.54 6.47
CA ILE A 43 6.45 3.99 7.44
C ILE A 43 6.46 4.79 8.74
N ILE A 44 5.36 4.75 9.47
CA ILE A 44 5.24 5.45 10.72
C ILE A 44 5.28 4.48 11.89
N ASN A 45 6.43 4.43 12.57
CA ASN A 45 6.61 3.54 13.72
C ASN A 45 5.70 3.94 14.87
N GLY A 46 4.41 3.67 14.72
CA GLY A 46 3.45 4.01 15.76
C GLY A 46 2.08 3.41 15.52
N GLY A 47 1.73 3.20 14.25
CA GLY A 47 0.43 2.64 13.93
C GLY A 47 0.52 1.25 13.36
N ALA A 48 -0.59 0.77 12.81
CA ALA A 48 -0.68 -0.56 12.22
C ALA A 48 0.53 -0.89 11.34
N ALA A 49 0.81 -0.03 10.36
CA ALA A 49 1.92 -0.27 9.45
C ALA A 49 3.21 -0.56 10.21
N SER A 50 3.34 0.02 11.39
CA SER A 50 4.52 -0.20 12.22
C SER A 50 4.46 -1.56 12.88
N LYS A 51 3.42 -1.75 13.69
CA LYS A 51 3.23 -3.02 14.40
C LYS A 51 3.12 -4.19 13.42
N ASP A 52 2.73 -3.90 12.18
CA ASP A 52 2.60 -4.92 11.16
C ASP A 52 3.92 -5.63 10.91
N GLY A 53 4.98 -4.85 10.70
CA GLY A 53 6.29 -5.42 10.46
C GLY A 53 6.34 -6.28 9.22
N ARG A 54 5.44 -6.04 8.27
CA ARG A 54 5.40 -6.81 7.04
C ARG A 54 5.38 -5.90 5.80
N LEU A 55 5.46 -4.59 6.04
CA LEU A 55 5.45 -3.62 4.94
C LEU A 55 6.85 -3.05 4.72
N ARG A 56 7.56 -3.60 3.74
CA ARG A 56 8.91 -3.15 3.42
C ARG A 56 8.87 -1.84 2.62
N VAL A 57 9.79 -0.95 2.92
CA VAL A 57 9.86 0.33 2.22
C VAL A 57 10.40 0.17 0.80
N ASN A 58 9.58 -0.43 -0.07
CA ASN A 58 9.96 -0.65 -1.47
C ASN A 58 8.99 -1.57 -2.20
N ASP A 59 8.22 -2.35 -1.44
CA ASP A 59 7.25 -3.28 -2.03
C ASP A 59 6.27 -2.54 -2.92
N GLN A 60 5.81 -3.23 -3.97
CA GLN A 60 4.87 -2.66 -4.92
C GLN A 60 3.44 -3.03 -4.54
N LEU A 61 2.57 -2.04 -4.48
CA LEU A 61 1.17 -2.26 -4.13
C LEU A 61 0.40 -2.83 -5.32
N ILE A 62 -0.55 -3.73 -5.04
CA ILE A 62 -1.35 -4.34 -6.09
C ILE A 62 -2.84 -4.30 -5.75
N ALA A 63 -3.16 -4.60 -4.50
CA ALA A 63 -4.55 -4.59 -4.05
C ALA A 63 -4.66 -4.13 -2.60
N VAL A 64 -5.89 -3.78 -2.20
CA VAL A 64 -6.13 -3.32 -0.84
C VAL A 64 -7.59 -3.50 -0.45
N ASN A 65 -7.83 -4.35 0.55
CA ASN A 65 -9.18 -4.63 1.03
C ASN A 65 -10.08 -5.11 -0.11
N GLY A 66 -9.50 -5.89 -1.01
CA GLY A 66 -10.26 -6.40 -2.14
C GLY A 66 -10.16 -5.49 -3.36
N GLU A 67 -9.72 -4.26 -3.15
CA GLU A 67 -9.59 -3.31 -4.23
C GLU A 67 -8.37 -3.64 -5.09
N SER A 68 -8.52 -3.53 -6.40
CA SER A 68 -7.44 -3.84 -7.32
C SER A 68 -6.77 -2.56 -7.82
N LEU A 69 -5.65 -2.21 -7.20
CA LEU A 69 -4.89 -1.01 -7.58
C LEU A 69 -4.44 -1.10 -9.04
N LEU A 70 -4.39 -2.31 -9.58
CA LEU A 70 -3.98 -2.52 -10.96
C LEU A 70 -4.75 -1.62 -11.91
N GLY A 71 -4.03 -0.92 -12.78
CA GLY A 71 -4.67 -0.03 -13.72
C GLY A 71 -4.68 1.41 -13.24
N LYS A 72 -4.66 1.59 -11.92
CA LYS A 72 -4.67 2.92 -11.33
C LYS A 72 -3.29 3.55 -11.37
N ALA A 73 -3.24 4.80 -11.77
CA ALA A 73 -1.99 5.53 -11.84
C ALA A 73 -1.50 5.84 -10.44
N ASN A 74 -0.48 6.69 -10.33
CA ASN A 74 0.07 7.04 -9.04
C ASN A 74 -1.00 7.65 -8.14
N GLN A 75 -1.66 8.70 -8.62
CA GLN A 75 -2.71 9.38 -7.84
C GLN A 75 -3.96 8.52 -7.66
N GLU A 76 -4.29 7.70 -8.66
CA GLU A 76 -5.47 6.84 -8.58
C GLU A 76 -5.27 5.80 -7.49
N ALA A 77 -4.11 5.17 -7.51
CA ALA A 77 -3.78 4.16 -6.52
C ALA A 77 -3.57 4.82 -5.17
N MET A 78 -3.06 6.04 -5.20
CA MET A 78 -2.82 6.80 -3.98
C MET A 78 -4.15 7.17 -3.33
N GLU A 79 -5.19 7.27 -4.15
CA GLU A 79 -6.51 7.61 -3.65
C GLU A 79 -7.13 6.40 -3.01
N THR A 80 -6.95 5.25 -3.64
CA THR A 80 -7.49 4.00 -3.12
C THR A 80 -6.91 3.73 -1.74
N LEU A 81 -5.62 3.97 -1.59
CA LEU A 81 -4.95 3.79 -0.31
C LEU A 81 -5.46 4.84 0.65
N ARG A 82 -5.35 6.10 0.24
CA ARG A 82 -5.84 7.21 1.06
C ARG A 82 -7.32 6.98 1.38
N ARG A 83 -8.00 6.31 0.45
CA ARG A 83 -9.41 5.99 0.60
C ARG A 83 -9.57 4.91 1.66
N SER A 84 -8.72 3.90 1.59
CA SER A 84 -8.76 2.80 2.54
C SER A 84 -8.43 3.32 3.94
N MET A 85 -7.39 4.13 4.02
CA MET A 85 -6.97 4.71 5.30
C MET A 85 -7.99 5.75 5.76
N SER A 86 -8.79 6.24 4.81
CA SER A 86 -9.80 7.25 5.12
C SER A 86 -11.08 6.63 5.69
N THR A 87 -11.66 5.69 4.95
CA THR A 87 -12.89 5.05 5.39
C THR A 87 -13.35 3.94 4.43
N GLU A 88 -12.82 2.74 4.64
CA GLU A 88 -13.17 1.58 3.83
C GLU A 88 -12.19 0.45 4.11
N GLY A 89 -10.95 0.83 4.37
CA GLY A 89 -9.93 -0.14 4.71
C GLY A 89 -10.06 -0.56 6.15
N ASN A 90 -10.44 0.40 6.99
CA ASN A 90 -10.64 0.15 8.42
C ASN A 90 -12.00 -0.52 8.62
N LYS A 91 -13.01 0.25 9.04
CA LYS A 91 -14.35 -0.28 9.25
C LYS A 91 -14.35 -1.58 10.04
N ARG A 92 -13.27 -1.84 10.78
CA ARG A 92 -13.18 -3.07 11.57
C ARG A 92 -12.00 -3.03 12.53
N GLY A 93 -10.92 -2.37 12.10
CA GLY A 93 -9.74 -2.27 12.92
C GLY A 93 -8.50 -2.77 12.18
N MET A 94 -8.60 -2.81 10.86
CA MET A 94 -7.51 -3.28 10.03
C MET A 94 -7.88 -3.22 8.55
N ILE A 95 -6.88 -3.32 7.69
CA ILE A 95 -7.10 -3.29 6.25
C ILE A 95 -6.09 -4.19 5.53
N GLN A 96 -6.57 -4.95 4.55
CA GLN A 96 -5.71 -5.85 3.79
C GLN A 96 -5.00 -5.08 2.67
N LEU A 97 -3.75 -5.44 2.42
CA LEU A 97 -2.98 -4.78 1.39
C LEU A 97 -2.08 -5.77 0.64
N ILE A 98 -2.41 -6.02 -0.62
CA ILE A 98 -1.64 -6.93 -1.45
C ILE A 98 -0.50 -6.19 -2.15
N VAL A 99 0.63 -6.84 -2.27
CA VAL A 99 1.79 -6.24 -2.92
C VAL A 99 2.56 -7.25 -3.77
N ALA A 100 3.63 -6.77 -4.40
CA ALA A 100 4.46 -7.61 -5.25
C ALA A 100 5.93 -7.44 -4.90
N ARG A 101 6.67 -8.54 -4.89
CA ARG A 101 8.09 -8.51 -4.55
C ARG A 101 8.87 -9.51 -5.39
N ARG A 102 10.13 -9.19 -5.67
CA ARG A 102 10.99 -10.07 -6.46
C ARG A 102 11.75 -11.04 -5.56
N ILE A 103 12.06 -12.22 -6.09
CA ILE A 103 12.80 -13.23 -5.34
C ILE A 103 14.30 -12.99 -5.41
N SER A 104 15.03 -13.58 -4.48
CA SER A 104 16.49 -13.43 -4.45
C SER A 104 17.17 -14.78 -4.22
N GLY A 1 12.54 -17.81 -9.52
CA GLY A 1 11.23 -17.24 -9.77
C GLY A 1 11.07 -15.87 -9.16
N THR A 2 11.65 -14.86 -9.81
CA THR A 2 11.58 -13.49 -9.32
C THR A 2 10.13 -13.02 -9.20
N ARG A 3 9.93 -11.91 -8.52
CA ARG A 3 8.61 -11.34 -8.33
C ARG A 3 7.70 -12.28 -7.54
N GLU A 4 6.96 -11.72 -6.60
CA GLU A 4 6.05 -12.50 -5.77
C GLU A 4 5.04 -11.60 -5.07
N PHE A 5 3.76 -11.98 -5.17
CA PHE A 5 2.69 -11.20 -4.54
C PHE A 5 2.59 -11.54 -3.05
N LEU A 6 2.28 -10.53 -2.24
CA LEU A 6 2.16 -10.74 -0.80
C LEU A 6 0.97 -9.97 -0.23
N THR A 7 0.27 -10.60 0.72
CA THR A 7 -0.88 -9.98 1.36
C THR A 7 -0.54 -9.55 2.78
N PHE A 8 -0.94 -8.34 3.14
CA PHE A 8 -0.65 -7.83 4.48
C PHE A 8 -1.87 -7.16 5.10
N GLU A 9 -2.16 -7.54 6.35
CA GLU A 9 -3.29 -6.98 7.09
C GLU A 9 -2.78 -5.95 8.10
N VAL A 10 -3.05 -4.68 7.84
CA VAL A 10 -2.60 -3.61 8.72
C VAL A 10 -3.74 -3.13 9.64
N PRO A 11 -3.67 -3.48 10.94
CA PRO A 11 -4.70 -3.07 11.91
C PRO A 11 -4.58 -1.61 12.32
N LEU A 12 -5.30 -0.73 11.61
CA LEU A 12 -5.26 0.70 11.92
C LEU A 12 -6.22 1.03 13.06
N ASN A 13 -6.51 0.04 13.89
CA ASN A 13 -7.39 0.19 15.03
C ASN A 13 -7.12 1.49 15.80
N ASP A 14 -5.89 1.97 15.73
CA ASP A 14 -5.51 3.21 16.42
C ASP A 14 -4.56 4.05 15.59
N SER A 15 -4.47 3.76 14.29
CA SER A 15 -3.60 4.51 13.40
C SER A 15 -4.41 5.37 12.43
N GLY A 16 -5.73 5.17 12.43
CA GLY A 16 -6.59 5.93 11.55
C GLY A 16 -6.43 7.43 11.73
N SER A 17 -6.11 7.85 12.95
CA SER A 17 -5.93 9.27 13.25
C SER A 17 -4.93 9.90 12.28
N ALA A 18 -3.87 9.15 11.98
CA ALA A 18 -2.86 9.62 11.04
C ALA A 18 -3.09 9.04 9.66
N GLY A 19 -3.92 8.01 9.58
CA GLY A 19 -4.22 7.38 8.30
C GLY A 19 -3.95 5.89 8.34
N LEU A 20 -2.76 5.52 8.79
CA LEU A 20 -2.38 4.12 8.89
C LEU A 20 -0.96 3.96 9.42
N GLY A 21 -0.08 4.89 9.05
CA GLY A 21 1.29 4.83 9.50
C GLY A 21 2.23 4.42 8.39
N VAL A 22 2.11 5.08 7.24
CA VAL A 22 2.97 4.78 6.10
C VAL A 22 2.78 5.81 4.97
N SER A 23 3.75 5.86 4.07
CA SER A 23 3.70 6.76 2.92
C SER A 23 4.22 6.07 1.68
N VAL A 24 3.48 6.17 0.58
CA VAL A 24 3.88 5.53 -0.67
C VAL A 24 4.05 6.54 -1.80
N LYS A 25 4.92 6.21 -2.73
CA LYS A 25 5.19 7.07 -3.89
C LYS A 25 4.89 6.33 -5.18
N GLY A 26 4.33 7.05 -6.16
CA GLY A 26 3.99 6.43 -7.42
C GLY A 26 4.95 6.82 -8.54
N ASN A 27 5.34 5.84 -9.34
CA ASN A 27 6.26 6.09 -10.45
C ASN A 27 5.62 5.73 -11.79
N ARG A 28 6.34 5.98 -12.87
CA ARG A 28 5.84 5.68 -14.22
C ARG A 28 6.91 4.98 -15.04
N SER A 29 6.47 4.25 -16.06
CA SER A 29 7.39 3.53 -16.93
C SER A 29 8.36 4.48 -17.61
N LYS A 30 9.60 4.05 -17.77
CA LYS A 30 10.63 4.87 -18.41
C LYS A 30 10.62 4.68 -19.92
N GLU A 31 9.60 4.00 -20.43
CA GLU A 31 9.48 3.76 -21.87
C GLU A 31 8.21 4.39 -22.44
N ASN A 32 7.16 4.43 -21.63
CA ASN A 32 5.89 5.01 -22.07
C ASN A 32 5.24 5.84 -20.97
N HIS A 33 5.99 6.14 -19.91
CA HIS A 33 5.48 6.94 -18.80
C HIS A 33 4.19 6.34 -18.24
N ALA A 34 4.13 5.01 -18.18
CA ALA A 34 2.95 4.33 -17.67
C ALA A 34 3.08 4.07 -16.17
N ASP A 35 2.16 4.62 -15.38
CA ASP A 35 2.19 4.45 -13.93
C ASP A 35 2.28 2.97 -13.56
N LEU A 36 3.44 2.57 -13.06
CA LEU A 36 3.67 1.18 -12.65
C LEU A 36 2.94 0.88 -11.34
N GLY A 37 2.86 1.88 -10.48
CA GLY A 37 2.19 1.69 -9.20
C GLY A 37 2.85 2.48 -8.08
N ILE A 38 2.53 2.11 -6.84
CA ILE A 38 3.09 2.78 -5.67
C ILE A 38 3.95 1.81 -4.85
N PHE A 39 4.93 2.36 -4.16
CA PHE A 39 5.84 1.56 -3.32
C PHE A 39 6.02 2.20 -1.96
N VAL A 40 6.10 1.38 -0.92
CA VAL A 40 6.28 1.90 0.43
C VAL A 40 7.47 2.85 0.49
N LYS A 41 7.18 4.14 0.57
CA LYS A 41 8.21 5.16 0.63
C LYS A 41 8.73 5.34 2.06
N SER A 42 7.83 5.22 3.02
CA SER A 42 8.20 5.37 4.42
C SER A 42 7.14 4.78 5.33
N ILE A 43 7.52 4.50 6.58
CA ILE A 43 6.60 3.93 7.55
C ILE A 43 6.65 4.70 8.87
N ILE A 44 5.55 4.65 9.60
CA ILE A 44 5.46 5.33 10.89
C ILE A 44 5.49 4.32 12.03
N ASN A 45 6.63 4.23 12.70
CA ASN A 45 6.80 3.30 13.81
C ASN A 45 5.90 3.68 14.98
N GLY A 46 4.60 3.40 14.84
CA GLY A 46 3.67 3.73 15.89
C GLY A 46 2.27 3.19 15.62
N GLY A 47 1.92 3.03 14.34
CA GLY A 47 0.61 2.52 14.00
C GLY A 47 0.67 1.13 13.39
N ALA A 48 -0.47 0.69 12.87
CA ALA A 48 -0.59 -0.63 12.26
C ALA A 48 0.59 -0.97 11.35
N ALA A 49 0.91 -0.07 10.42
CA ALA A 49 2.01 -0.31 9.49
C ALA A 49 3.29 -0.70 10.23
N SER A 50 3.50 -0.07 11.37
CA SER A 50 4.68 -0.36 12.19
C SER A 50 4.58 -1.75 12.80
N LYS A 51 3.53 -1.95 13.58
CA LYS A 51 3.31 -3.24 14.25
C LYS A 51 3.12 -4.37 13.23
N ASP A 52 2.71 -4.01 12.02
CA ASP A 52 2.49 -4.99 10.96
C ASP A 52 3.75 -5.82 10.71
N GLY A 53 4.87 -5.14 10.53
CA GLY A 53 6.13 -5.82 10.28
C GLY A 53 6.12 -6.59 8.97
N ARG A 54 5.51 -6.00 7.94
CA ARG A 54 5.43 -6.64 6.63
C ARG A 54 5.71 -5.62 5.53
N LEU A 55 4.96 -4.54 5.56
CA LEU A 55 5.10 -3.47 4.56
C LEU A 55 6.54 -2.97 4.49
N ARG A 56 7.34 -3.59 3.64
CA ARG A 56 8.74 -3.20 3.49
C ARG A 56 8.85 -1.94 2.64
N VAL A 57 9.77 -1.07 3.02
CA VAL A 57 9.97 0.19 2.29
C VAL A 57 10.54 -0.07 0.89
N ASN A 58 9.70 -0.60 0.01
CA ASN A 58 10.10 -0.89 -1.36
C ASN A 58 9.05 -1.72 -2.10
N ASP A 59 8.23 -2.45 -1.35
CA ASP A 59 7.19 -3.28 -1.95
C ASP A 59 6.21 -2.44 -2.75
N GLN A 60 5.88 -2.91 -3.95
CA GLN A 60 4.95 -2.20 -4.82
C GLN A 60 3.51 -2.62 -4.56
N LEU A 61 2.67 -1.66 -4.17
CA LEU A 61 1.27 -1.94 -3.89
C LEU A 61 0.56 -2.40 -5.15
N ILE A 62 -0.14 -3.53 -5.05
CA ILE A 62 -0.86 -4.09 -6.19
C ILE A 62 -2.37 -4.08 -5.95
N ALA A 63 -2.78 -4.20 -4.70
CA ALA A 63 -4.19 -4.22 -4.35
C ALA A 63 -4.41 -3.82 -2.90
N VAL A 64 -5.67 -3.57 -2.55
CA VAL A 64 -6.04 -3.18 -1.19
C VAL A 64 -7.50 -3.50 -0.90
N ASN A 65 -7.72 -4.50 -0.06
CA ASN A 65 -9.08 -4.91 0.30
C ASN A 65 -9.88 -5.29 -0.93
N GLY A 66 -9.19 -5.82 -1.94
CA GLY A 66 -9.86 -6.21 -3.17
C GLY A 66 -9.75 -5.16 -4.26
N GLU A 67 -9.42 -3.93 -3.86
CA GLU A 67 -9.29 -2.83 -4.82
C GLU A 67 -7.93 -2.87 -5.51
N SER A 68 -7.92 -3.35 -6.75
CA SER A 68 -6.68 -3.44 -7.52
C SER A 68 -6.05 -2.07 -7.69
N LEU A 69 -4.73 -2.02 -7.60
CA LEU A 69 -4.00 -0.76 -7.75
C LEU A 69 -3.25 -0.71 -9.08
N LEU A 70 -3.00 -1.89 -9.67
CA LEU A 70 -2.28 -1.97 -10.94
C LEU A 70 -2.85 -0.98 -11.96
N GLY A 71 -4.17 -0.97 -12.10
CA GLY A 71 -4.80 -0.05 -13.03
C GLY A 71 -4.80 1.38 -12.54
N LYS A 72 -4.79 1.55 -11.22
CA LYS A 72 -4.79 2.87 -10.61
C LYS A 72 -3.42 3.51 -10.69
N ALA A 73 -3.39 4.73 -11.21
CA ALA A 73 -2.14 5.47 -11.35
C ALA A 73 -1.59 5.83 -9.97
N ASN A 74 -0.57 6.69 -9.96
CA ASN A 74 0.04 7.12 -8.71
C ASN A 74 -0.99 7.78 -7.79
N GLN A 75 -1.70 8.78 -8.33
CA GLN A 75 -2.70 9.49 -7.55
C GLN A 75 -3.91 8.61 -7.24
N GLU A 76 -4.31 7.78 -8.20
CA GLU A 76 -5.44 6.88 -8.03
C GLU A 76 -5.19 5.88 -6.92
N ALA A 77 -4.06 5.20 -7.01
CA ALA A 77 -3.70 4.20 -6.02
C ALA A 77 -3.52 4.86 -4.66
N MET A 78 -3.03 6.09 -4.68
CA MET A 78 -2.82 6.84 -3.46
C MET A 78 -4.16 7.27 -2.86
N GLU A 79 -5.13 7.50 -3.74
CA GLU A 79 -6.46 7.90 -3.31
C GLU A 79 -7.22 6.68 -2.81
N THR A 80 -7.02 5.57 -3.49
CA THR A 80 -7.66 4.32 -3.10
C THR A 80 -7.13 3.90 -1.74
N LEU A 81 -5.84 4.16 -1.52
CA LEU A 81 -5.21 3.86 -0.25
C LEU A 81 -5.81 4.77 0.80
N ARG A 82 -5.73 6.08 0.53
CA ARG A 82 -6.30 7.07 1.42
C ARG A 82 -7.77 6.75 1.65
N ARG A 83 -8.40 6.18 0.63
CA ARG A 83 -9.80 5.80 0.71
C ARG A 83 -9.97 4.66 1.70
N SER A 84 -9.18 3.61 1.51
CA SER A 84 -9.20 2.46 2.39
C SER A 84 -8.78 2.87 3.79
N MET A 85 -7.91 3.88 3.85
CA MET A 85 -7.41 4.40 5.12
C MET A 85 -8.42 5.35 5.76
N SER A 86 -9.37 5.83 4.97
CA SER A 86 -10.38 6.76 5.46
C SER A 86 -11.65 6.04 5.92
N THR A 87 -12.19 5.17 5.08
CA THR A 87 -13.42 4.46 5.42
C THR A 87 -13.79 3.43 4.36
N GLU A 88 -13.02 2.36 4.27
CA GLU A 88 -13.27 1.29 3.31
C GLU A 88 -12.41 0.10 3.66
N GLY A 89 -11.15 0.38 3.96
CA GLY A 89 -10.23 -0.66 4.35
C GLY A 89 -10.28 -0.85 5.84
N ASN A 90 -10.56 0.24 6.55
CA ASN A 90 -10.67 0.23 8.00
C ASN A 90 -12.01 -0.39 8.40
N LYS A 91 -13.03 0.45 8.56
CA LYS A 91 -14.39 0.00 8.92
C LYS A 91 -14.38 -1.09 10.00
N ARG A 92 -13.27 -1.23 10.72
CA ARG A 92 -13.16 -2.24 11.77
C ARG A 92 -11.89 -2.05 12.60
N GLY A 93 -10.83 -1.60 11.95
CA GLY A 93 -9.56 -1.38 12.64
C GLY A 93 -8.40 -2.06 11.95
N MET A 94 -8.61 -2.49 10.71
CA MET A 94 -7.57 -3.16 9.94
C MET A 94 -7.93 -3.19 8.45
N ILE A 95 -6.90 -3.22 7.60
CA ILE A 95 -7.11 -3.26 6.15
C ILE A 95 -6.08 -4.15 5.48
N GLN A 96 -6.47 -4.77 4.36
CA GLN A 96 -5.59 -5.65 3.63
C GLN A 96 -4.96 -4.93 2.44
N LEU A 97 -3.70 -5.23 2.16
CA LEU A 97 -2.99 -4.61 1.05
C LEU A 97 -2.05 -5.59 0.37
N ILE A 98 -2.23 -5.78 -0.93
CA ILE A 98 -1.40 -6.69 -1.71
C ILE A 98 -0.23 -5.93 -2.33
N VAL A 99 0.92 -6.58 -2.38
CA VAL A 99 2.12 -5.97 -2.94
C VAL A 99 2.95 -6.97 -3.74
N ALA A 100 3.74 -6.44 -4.66
CA ALA A 100 4.60 -7.26 -5.50
C ALA A 100 6.07 -6.89 -5.27
N ARG A 101 6.91 -7.90 -5.06
CA ARG A 101 8.33 -7.66 -4.82
C ARG A 101 9.19 -8.71 -5.51
N ARG A 102 10.34 -8.28 -6.02
CA ARG A 102 11.26 -9.17 -6.71
C ARG A 102 12.05 -10.01 -5.72
N ILE A 103 12.49 -11.19 -6.15
CA ILE A 103 13.26 -12.08 -5.29
C ILE A 103 14.72 -11.64 -5.23
N SER A 104 15.41 -12.06 -4.17
CA SER A 104 16.81 -11.71 -3.98
C SER A 104 17.49 -12.69 -3.02
N GLY A 1 9.52 -16.34 -11.54
CA GLY A 1 9.19 -15.28 -12.49
C GLY A 1 9.70 -13.92 -12.05
N THR A 2 10.67 -13.92 -11.13
CA THR A 2 11.25 -12.68 -10.62
C THR A 2 10.16 -11.75 -10.08
N ARG A 3 9.16 -12.33 -9.43
CA ARG A 3 8.06 -11.57 -8.86
C ARG A 3 7.21 -12.43 -7.93
N GLU A 4 6.87 -11.89 -6.77
CA GLU A 4 6.06 -12.61 -5.80
C GLU A 4 5.05 -11.69 -5.13
N PHE A 5 3.81 -12.16 -5.02
CA PHE A 5 2.74 -11.37 -4.39
C PHE A 5 2.58 -11.76 -2.93
N LEU A 6 2.22 -10.79 -2.10
CA LEU A 6 2.03 -11.04 -0.67
C LEU A 6 0.86 -10.23 -0.13
N THR A 7 0.21 -10.78 0.91
CA THR A 7 -0.93 -10.12 1.53
C THR A 7 -0.62 -9.81 2.99
N PHE A 8 -0.98 -8.60 3.44
CA PHE A 8 -0.72 -8.19 4.81
C PHE A 8 -1.93 -7.50 5.43
N GLU A 9 -2.21 -7.84 6.69
CA GLU A 9 -3.32 -7.25 7.43
C GLU A 9 -2.79 -6.19 8.39
N VAL A 10 -3.08 -4.92 8.10
CA VAL A 10 -2.61 -3.82 8.93
C VAL A 10 -3.73 -3.26 9.81
N PRO A 11 -3.72 -3.58 11.12
CA PRO A 11 -4.74 -3.09 12.05
C PRO A 11 -4.56 -1.63 12.41
N LEU A 12 -5.29 -0.75 11.73
CA LEU A 12 -5.21 0.69 12.00
C LEU A 12 -6.17 1.10 13.10
N ASN A 13 -6.53 0.14 13.94
CA ASN A 13 -7.44 0.36 15.05
C ASN A 13 -7.16 1.68 15.76
N ASP A 14 -5.89 2.11 15.72
CA ASP A 14 -5.49 3.37 16.35
C ASP A 14 -4.50 4.12 15.47
N SER A 15 -4.56 3.88 14.17
CA SER A 15 -3.67 4.54 13.23
C SER A 15 -4.46 5.43 12.25
N GLY A 16 -5.77 5.21 12.17
CA GLY A 16 -6.60 5.99 11.28
C GLY A 16 -6.35 7.48 11.38
N SER A 17 -6.22 7.97 12.61
CA SER A 17 -5.96 9.39 12.85
C SER A 17 -4.71 9.85 12.09
N ALA A 18 -3.79 8.92 11.87
CA ALA A 18 -2.55 9.21 11.17
C ALA A 18 -2.63 8.74 9.71
N GLY A 19 -3.49 7.77 9.46
CA GLY A 19 -3.64 7.25 8.11
C GLY A 19 -2.95 5.91 7.93
N LEU A 20 -3.04 5.07 8.97
CA LEU A 20 -2.44 3.74 8.97
C LEU A 20 -0.95 3.78 9.29
N GLY A 21 -0.36 4.98 9.29
CA GLY A 21 1.05 5.10 9.59
C GLY A 21 1.93 4.56 8.49
N VAL A 22 1.86 5.19 7.31
CA VAL A 22 2.68 4.78 6.17
C VAL A 22 2.47 5.72 4.99
N SER A 23 3.49 5.81 4.13
CA SER A 23 3.42 6.66 2.95
C SER A 23 3.88 5.89 1.71
N VAL A 24 3.29 6.21 0.57
CA VAL A 24 3.64 5.53 -0.67
C VAL A 24 4.01 6.52 -1.77
N LYS A 25 4.73 6.03 -2.76
CA LYS A 25 5.16 6.86 -3.89
C LYS A 25 4.88 6.15 -5.21
N GLY A 26 4.26 6.87 -6.14
CA GLY A 26 3.93 6.28 -7.42
C GLY A 26 4.83 6.79 -8.54
N ASN A 27 5.36 5.87 -9.34
CA ASN A 27 6.25 6.23 -10.43
C ASN A 27 5.56 6.00 -11.79
N ARG A 28 6.29 6.28 -12.85
CA ARG A 28 5.78 6.09 -14.21
C ARG A 28 6.78 5.32 -15.05
N SER A 29 6.33 4.83 -16.21
CA SER A 29 7.20 4.07 -17.10
C SER A 29 8.50 4.83 -17.37
N LYS A 30 9.61 4.12 -17.33
CA LYS A 30 10.92 4.72 -17.57
C LYS A 30 11.08 5.11 -19.05
N GLU A 31 10.17 4.64 -19.89
CA GLU A 31 10.21 4.95 -21.31
C GLU A 31 9.11 5.93 -21.70
N ASN A 32 7.95 5.78 -21.08
CA ASN A 32 6.81 6.65 -21.36
C ASN A 32 6.13 7.10 -20.07
N HIS A 33 4.95 7.69 -20.20
CA HIS A 33 4.19 8.16 -19.05
C HIS A 33 3.18 7.13 -18.58
N ALA A 34 3.57 5.86 -18.64
CA ALA A 34 2.70 4.77 -18.23
C ALA A 34 2.88 4.44 -16.76
N ASP A 35 1.86 4.75 -15.96
CA ASP A 35 1.91 4.49 -14.51
C ASP A 35 2.26 3.03 -14.23
N LEU A 36 3.21 2.83 -13.31
CA LEU A 36 3.64 1.48 -12.96
C LEU A 36 2.99 1.05 -11.65
N GLY A 37 2.89 1.97 -10.70
CA GLY A 37 2.29 1.66 -9.42
C GLY A 37 2.91 2.45 -8.27
N ILE A 38 2.51 2.12 -7.05
CA ILE A 38 3.02 2.80 -5.87
C ILE A 38 3.94 1.88 -5.05
N PHE A 39 4.84 2.48 -4.29
CA PHE A 39 5.77 1.73 -3.46
C PHE A 39 5.88 2.35 -2.08
N VAL A 40 5.95 1.51 -1.05
CA VAL A 40 6.06 1.98 0.32
C VAL A 40 7.21 2.97 0.45
N LYS A 41 6.89 4.25 0.56
CA LYS A 41 7.89 5.30 0.67
C LYS A 41 8.37 5.43 2.11
N SER A 42 7.47 5.27 3.06
CA SER A 42 7.83 5.38 4.48
C SER A 42 6.80 4.69 5.36
N ILE A 43 7.19 4.48 6.62
CA ILE A 43 6.31 3.84 7.60
C ILE A 43 6.39 4.56 8.94
N ILE A 44 5.29 4.50 9.69
CA ILE A 44 5.22 5.15 10.99
C ILE A 44 5.37 4.12 12.10
N ASN A 45 6.57 4.02 12.66
CA ASN A 45 6.83 3.07 13.75
C ASN A 45 6.00 3.40 14.98
N GLY A 46 4.70 3.14 14.90
CA GLY A 46 3.81 3.41 16.00
C GLY A 46 2.41 2.88 15.75
N GLY A 47 2.02 2.82 14.48
CA GLY A 47 0.69 2.33 14.14
C GLY A 47 0.72 0.96 13.50
N ALA A 48 -0.42 0.55 12.97
CA ALA A 48 -0.56 -0.75 12.31
C ALA A 48 0.63 -1.08 11.40
N ALA A 49 0.93 -0.16 10.50
CA ALA A 49 2.03 -0.37 9.55
C ALA A 49 3.32 -0.77 10.27
N SER A 50 3.46 -0.30 11.50
CA SER A 50 4.64 -0.61 12.30
C SER A 50 4.50 -1.97 12.95
N LYS A 51 3.46 -2.12 13.76
CA LYS A 51 3.20 -3.38 14.45
C LYS A 51 3.04 -4.53 13.47
N ASP A 52 2.65 -4.20 12.24
CA ASP A 52 2.46 -5.22 11.20
C ASP A 52 3.73 -6.05 11.02
N GLY A 53 4.85 -5.36 10.84
CA GLY A 53 6.11 -6.04 10.66
C GLY A 53 6.16 -6.86 9.36
N ARG A 54 5.22 -6.59 8.47
CA ARG A 54 5.17 -7.29 7.19
C ARG A 54 5.44 -6.35 6.02
N LEU A 55 5.24 -5.05 6.27
CA LEU A 55 5.44 -4.04 5.25
C LEU A 55 6.93 -3.86 4.94
N ARG A 56 7.23 -3.26 3.80
CA ARG A 56 8.60 -3.02 3.40
C ARG A 56 8.72 -1.76 2.55
N VAL A 57 9.59 -0.85 2.95
CA VAL A 57 9.79 0.40 2.22
C VAL A 57 10.38 0.14 0.84
N ASN A 58 9.56 -0.38 -0.07
CA ASN A 58 9.99 -0.68 -1.44
C ASN A 58 8.98 -1.54 -2.17
N ASP A 59 8.17 -2.28 -1.41
CA ASP A 59 7.15 -3.15 -2.00
C ASP A 59 6.19 -2.36 -2.88
N GLN A 60 5.84 -2.93 -4.02
CA GLN A 60 4.91 -2.28 -4.96
C GLN A 60 3.47 -2.65 -4.64
N LEU A 61 2.67 -1.66 -4.25
CA LEU A 61 1.27 -1.89 -3.94
C LEU A 61 0.52 -2.48 -5.13
N ILE A 62 -0.22 -3.54 -4.89
CA ILE A 62 -0.97 -4.20 -5.96
C ILE A 62 -2.48 -4.18 -5.67
N ALA A 63 -2.85 -4.31 -4.40
CA ALA A 63 -4.25 -4.31 -4.02
C ALA A 63 -4.44 -3.82 -2.59
N VAL A 64 -5.69 -3.53 -2.23
CA VAL A 64 -6.02 -3.05 -0.90
C VAL A 64 -7.48 -3.32 -0.57
N ASN A 65 -7.72 -4.30 0.30
CA ASN A 65 -9.08 -4.66 0.70
C ASN A 65 -9.91 -5.05 -0.51
N GLY A 66 -9.27 -5.71 -1.47
CA GLY A 66 -9.97 -6.13 -2.67
C GLY A 66 -9.87 -5.10 -3.79
N GLU A 67 -9.48 -3.88 -3.44
CA GLU A 67 -9.36 -2.80 -4.42
C GLU A 67 -8.05 -2.93 -5.19
N SER A 68 -8.13 -3.50 -6.39
CA SER A 68 -6.94 -3.69 -7.23
C SER A 68 -6.30 -2.34 -7.56
N LEU A 69 -4.98 -2.29 -7.46
CA LEU A 69 -4.23 -1.08 -7.76
C LEU A 69 -3.50 -1.19 -9.09
N LEU A 70 -3.30 -2.41 -9.57
CA LEU A 70 -2.61 -2.65 -10.83
C LEU A 70 -3.13 -1.72 -11.93
N GLY A 71 -4.45 -1.71 -12.12
CA GLY A 71 -5.05 -0.87 -13.13
C GLY A 71 -4.98 0.60 -12.75
N LYS A 72 -4.96 0.88 -11.46
CA LYS A 72 -4.90 2.25 -10.97
C LYS A 72 -3.50 2.83 -11.12
N ALA A 73 -3.44 4.05 -11.65
CA ALA A 73 -2.17 4.73 -11.84
C ALA A 73 -1.64 5.21 -10.51
N ASN A 74 -0.59 6.03 -10.55
CA ASN A 74 0.00 6.57 -9.33
C ASN A 74 -1.03 7.37 -8.53
N GLN A 75 -1.74 8.27 -9.21
CA GLN A 75 -2.74 9.10 -8.56
C GLN A 75 -3.95 8.28 -8.12
N GLU A 76 -4.40 7.38 -8.98
CA GLU A 76 -5.56 6.53 -8.67
C GLU A 76 -5.31 5.68 -7.45
N ALA A 77 -4.20 4.95 -7.47
CA ALA A 77 -3.84 4.09 -6.36
C ALA A 77 -3.63 4.92 -5.10
N MET A 78 -3.13 6.14 -5.30
CA MET A 78 -2.90 7.04 -4.19
C MET A 78 -4.22 7.46 -3.57
N GLU A 79 -5.27 7.50 -4.39
CA GLU A 79 -6.60 7.87 -3.95
C GLU A 79 -7.29 6.66 -3.33
N THR A 80 -7.13 5.51 -3.97
CA THR A 80 -7.70 4.27 -3.46
C THR A 80 -7.10 3.96 -2.11
N LEU A 81 -5.81 4.25 -1.97
CA LEU A 81 -5.10 4.04 -0.72
C LEU A 81 -5.63 5.03 0.29
N ARG A 82 -5.57 6.31 -0.08
CA ARG A 82 -6.08 7.37 0.78
C ARG A 82 -7.53 7.08 1.14
N ARG A 83 -8.22 6.40 0.22
CA ARG A 83 -9.60 6.03 0.43
C ARG A 83 -9.71 4.95 1.50
N SER A 84 -8.82 3.96 1.40
CA SER A 84 -8.81 2.87 2.35
C SER A 84 -8.39 3.36 3.73
N MET A 85 -7.37 4.21 3.76
CA MET A 85 -6.89 4.77 5.02
C MET A 85 -7.84 5.84 5.55
N SER A 86 -8.73 6.31 4.68
CA SER A 86 -9.68 7.36 5.05
C SER A 86 -10.95 6.80 5.68
N THR A 87 -11.57 5.83 5.01
CA THR A 87 -12.81 5.24 5.53
C THR A 87 -13.29 4.09 4.64
N GLU A 88 -12.51 3.02 4.59
CA GLU A 88 -12.86 1.85 3.79
C GLU A 88 -11.97 0.69 4.21
N GLY A 89 -10.67 0.95 4.25
CA GLY A 89 -9.74 -0.06 4.67
C GLY A 89 -9.91 -0.37 6.13
N ASN A 90 -10.29 0.65 6.89
CA ASN A 90 -10.54 0.50 8.31
C ASN A 90 -11.93 -0.08 8.54
N LYS A 91 -12.89 0.76 8.93
CA LYS A 91 -14.26 0.32 9.15
C LYS A 91 -14.33 -0.99 9.94
N ARG A 92 -13.27 -1.31 10.68
CA ARG A 92 -13.23 -2.53 11.47
C ARG A 92 -12.05 -2.53 12.43
N GLY A 93 -10.94 -1.94 12.01
CA GLY A 93 -9.75 -1.89 12.84
C GLY A 93 -8.54 -2.48 12.15
N MET A 94 -8.63 -2.62 10.83
CA MET A 94 -7.55 -3.20 10.04
C MET A 94 -7.87 -3.18 8.56
N ILE A 95 -6.85 -3.26 7.72
CA ILE A 95 -7.02 -3.26 6.28
C ILE A 95 -5.98 -4.14 5.60
N GLN A 96 -6.41 -4.87 4.57
CA GLN A 96 -5.51 -5.76 3.83
C GLN A 96 -4.96 -5.09 2.59
N LEU A 97 -3.72 -5.40 2.25
CA LEU A 97 -3.07 -4.83 1.09
C LEU A 97 -2.13 -5.83 0.42
N ILE A 98 -2.16 -5.87 -0.91
CA ILE A 98 -1.31 -6.77 -1.66
C ILE A 98 -0.12 -6.02 -2.25
N VAL A 99 1.03 -6.68 -2.26
CA VAL A 99 2.24 -6.08 -2.80
C VAL A 99 3.03 -7.08 -3.63
N ALA A 100 4.02 -6.57 -4.36
CA ALA A 100 4.86 -7.41 -5.21
C ALA A 100 6.33 -7.06 -5.04
N ARG A 101 7.18 -8.08 -5.04
CA ARG A 101 8.62 -7.86 -4.89
C ARG A 101 9.41 -8.66 -5.93
N ARG A 102 10.54 -8.12 -6.34
CA ARG A 102 11.39 -8.79 -7.33
C ARG A 102 12.27 -9.85 -6.68
N ILE A 103 12.54 -10.93 -7.41
CA ILE A 103 13.37 -12.01 -6.89
C ILE A 103 14.82 -11.83 -7.31
N SER A 104 15.72 -12.48 -6.57
CA SER A 104 17.15 -12.41 -6.86
C SER A 104 17.93 -13.46 -6.09
#